data_7VEC
#
_entry.id   7VEC
#
_cell.length_a   200.480
_cell.length_b   201.383
_cell.length_c   211.816
_cell.angle_alpha   90.00
_cell.angle_beta   90.00
_cell.angle_gamma   90.00
#
_symmetry.space_group_name_H-M   'F 2 2 2'
#
loop_
_entity.id
_entity.type
_entity.pdbx_description
1 polymer 'Gamma-aminobutyric acid receptor-associated protein'
2 polymer 'TEX264 phospho-LIR'
#
loop_
_entity_poly.entity_id
_entity_poly.type
_entity_poly.pdbx_seq_one_letter_code
_entity_poly.pdbx_strand_id
1 'polypeptide(L)'
;GPMKFVYKEEHPFEKRRSEGEKIRKKYPDRVPVIVEKAPKARIGDLDKKKYLVPSDLTVGQFYFLIRKRIHLRAEDALFF
FVNNVIPPTSATMGQLYQEHHEEDFFLYIAYSDESVYG
;
A,B,C,D,E,F,G,H,I,J,K,L
2 'polypeptide(L)' (SEP)(SEP)FEELDLY M,N,O,P,Q,R,S,T,U,V,X
#
# COMPACT_ATOMS: atom_id res chain seq x y z
N MET A 3 13.01 34.54 -8.96
CA MET A 3 12.02 34.48 -7.89
C MET A 3 12.59 34.95 -6.54
N LYS A 4 12.05 36.06 -6.05
CA LYS A 4 12.50 36.67 -4.82
C LYS A 4 11.99 35.92 -3.59
N PHE A 5 12.92 35.53 -2.72
CA PHE A 5 12.61 34.95 -1.42
C PHE A 5 12.95 35.97 -0.34
N VAL A 6 11.96 36.28 0.52
CA VAL A 6 12.18 37.24 1.60
C VAL A 6 13.23 36.74 2.56
N TYR A 7 13.28 35.43 2.78
CA TYR A 7 14.26 34.84 3.68
C TYR A 7 15.68 35.21 3.27
N LYS A 8 15.93 35.31 1.97
CA LYS A 8 17.25 35.71 1.49
C LYS A 8 17.52 37.19 1.81
N GLU A 9 16.50 38.03 1.71
CA GLU A 9 16.68 39.45 2.00
C GLU A 9 16.88 39.71 3.48
N GLU A 10 16.43 38.80 4.35
CA GLU A 10 16.53 39.05 5.79
C GLU A 10 17.65 38.28 6.47
N HIS A 11 18.36 37.41 5.75
CA HIS A 11 19.53 36.73 6.30
C HIS A 11 20.64 36.78 5.26
N PRO A 12 21.78 37.38 5.56
CA PRO A 12 22.87 37.44 4.58
C PRO A 12 23.37 36.04 4.23
N PHE A 13 23.98 35.94 3.04
CA PHE A 13 24.38 34.64 2.51
C PHE A 13 25.29 33.87 3.44
N GLU A 14 26.24 34.54 4.09
CA GLU A 14 27.23 33.83 4.89
C GLU A 14 26.59 33.14 6.10
N LYS A 15 25.66 33.82 6.78
CA LYS A 15 24.99 33.21 7.92
C LYS A 15 24.08 32.08 7.46
N ARG A 16 23.36 32.29 6.36
CA ARG A 16 22.58 31.22 5.75
C ARG A 16 23.44 30.00 5.50
N ARG A 17 24.64 30.19 4.97
CA ARG A 17 25.49 29.06 4.60
C ARG A 17 25.97 28.32 5.83
N SER A 18 26.42 29.04 6.87
CA SER A 18 26.90 28.33 8.06
C SER A 18 25.75 27.62 8.77
N GLU A 19 24.54 28.20 8.74
CA GLU A 19 23.42 27.54 9.38
C GLU A 19 22.95 26.33 8.58
N GLY A 20 23.01 26.42 7.25
CA GLY A 20 22.72 25.26 6.43
C GLY A 20 23.69 24.12 6.67
N GLU A 21 24.98 24.43 6.78
CA GLU A 21 25.96 23.41 7.13
C GLU A 21 25.62 22.75 8.47
N LYS A 22 25.35 23.58 9.50
CA LYS A 22 25.03 23.04 10.81
C LYS A 22 23.79 22.15 10.76
N ILE A 23 22.77 22.55 10.00
CA ILE A 23 21.52 21.81 9.99
C ILE A 23 21.59 20.58 9.10
N ARG A 24 22.55 20.52 8.16
CA ARG A 24 22.80 19.29 7.44
C ARG A 24 23.59 18.31 8.30
N LYS A 25 24.42 18.81 9.21
CA LYS A 25 25.14 17.92 10.10
C LYS A 25 24.22 17.37 11.20
N LYS A 26 23.35 18.22 11.76
CA LYS A 26 22.50 17.76 12.86
C LYS A 26 21.48 16.73 12.40
N TYR A 27 20.95 16.88 11.18
CA TYR A 27 19.89 16.02 10.66
C TYR A 27 20.31 15.52 9.28
N PRO A 28 21.23 14.55 9.22
CA PRO A 28 21.79 14.15 7.92
C PRO A 28 20.80 13.46 6.98
N ASP A 29 19.69 12.93 7.48
CA ASP A 29 18.71 12.25 6.64
C ASP A 29 17.54 13.15 6.29
N ARG A 30 17.63 14.45 6.60
CA ARG A 30 16.62 15.44 6.29
C ARG A 30 17.26 16.55 5.46
N VAL A 31 16.47 17.17 4.60
CA VAL A 31 16.93 18.31 3.81
C VAL A 31 16.24 19.56 4.36
N PRO A 32 16.97 20.66 4.48
CA PRO A 32 16.35 21.93 4.88
C PRO A 32 15.76 22.65 3.69
N VAL A 33 14.52 23.11 3.83
CA VAL A 33 13.77 23.70 2.72
C VAL A 33 13.20 25.03 3.17
N ILE A 34 13.31 26.04 2.32
CA ILE A 34 12.63 27.31 2.52
C ILE A 34 11.41 27.32 1.60
N VAL A 35 10.24 27.54 2.19
CA VAL A 35 8.98 27.54 1.46
C VAL A 35 8.34 28.90 1.62
N GLU A 36 8.05 29.56 0.51
CA GLU A 36 7.44 30.87 0.54
C GLU A 36 6.34 30.92 -0.51
N LYS A 37 5.29 31.69 -0.22
CA LYS A 37 4.24 31.93 -1.19
C LYS A 37 4.76 32.79 -2.33
N ALA A 38 4.34 32.48 -3.55
CA ALA A 38 4.69 33.38 -4.64
C ALA A 38 3.98 34.72 -4.42
N PRO A 39 4.59 35.83 -4.85
CA PRO A 39 4.06 37.15 -4.45
C PRO A 39 2.61 37.38 -4.87
N LYS A 40 2.29 37.25 -6.16
CA LYS A 40 0.94 37.53 -6.67
C LYS A 40 -0.09 36.44 -6.37
N ALA A 41 0.26 35.36 -5.67
CA ALA A 41 -0.70 34.28 -5.45
C ALA A 41 -1.79 34.65 -4.43
N ARG A 42 -3.05 34.43 -4.83
CA ARG A 42 -4.21 34.59 -3.95
C ARG A 42 -4.44 33.24 -3.27
N ILE A 43 -3.82 33.06 -2.10
CA ILE A 43 -3.79 31.77 -1.42
C ILE A 43 -3.31 31.97 0.01
N GLY A 44 -3.67 31.04 0.89
CA GLY A 44 -3.26 31.05 2.28
C GLY A 44 -1.77 31.26 2.48
N ASP A 45 -1.43 32.05 3.47
CA ASP A 45 -0.04 32.28 3.82
C ASP A 45 0.40 31.22 4.85
N LEU A 46 1.70 31.07 4.99
CA LEU A 46 2.28 30.02 5.82
C LEU A 46 3.00 30.63 7.01
N ASP A 47 2.73 30.10 8.21
CA ASP A 47 3.29 30.66 9.43
C ASP A 47 4.81 30.59 9.45
N LYS A 48 5.37 29.42 9.13
CA LYS A 48 6.81 29.22 9.10
C LYS A 48 7.31 29.06 7.66
N LYS A 49 8.59 29.35 7.48
CA LYS A 49 9.26 29.21 6.19
C LYS A 49 10.27 28.08 6.16
N LYS A 50 10.85 27.73 7.31
CA LYS A 50 11.94 26.78 7.37
C LYS A 50 11.41 25.40 7.75
N TYR A 51 11.70 24.39 6.92
CA TYR A 51 11.23 23.04 7.18
C TYR A 51 12.38 22.04 7.05
N LEU A 52 12.34 21.01 7.89
CA LEU A 52 13.22 19.86 7.78
C LEU A 52 12.39 18.71 7.24
N VAL A 53 12.76 18.18 6.09
CA VAL A 53 11.93 17.25 5.33
C VAL A 53 12.73 15.96 5.12
N PRO A 54 12.17 14.78 5.38
CA PRO A 54 12.88 13.54 5.06
C PRO A 54 13.25 13.48 3.59
N SER A 55 14.49 13.07 3.32
CA SER A 55 15.01 13.17 1.95
C SER A 55 14.40 12.13 1.02
N ASP A 56 13.74 11.09 1.55
CA ASP A 56 13.04 10.12 0.71
C ASP A 56 11.56 10.43 0.56
N LEU A 57 11.08 11.52 1.16
CA LEU A 57 9.71 11.98 0.94
C LEU A 57 9.52 12.44 -0.50
N THR A 58 8.39 12.07 -1.10
CA THR A 58 8.11 12.48 -2.46
C THR A 58 7.54 13.89 -2.52
N VAL A 59 7.60 14.48 -3.72
CA VAL A 59 6.99 15.79 -3.94
C VAL A 59 5.49 15.73 -3.70
N GLY A 60 4.83 14.63 -4.11
CA GLY A 60 3.41 14.47 -3.84
C GLY A 60 3.07 14.50 -2.36
N GLN A 61 3.83 13.75 -1.57
CA GLN A 61 3.63 13.78 -0.12
C GLN A 61 3.89 15.17 0.44
N PHE A 62 4.84 15.90 -0.14
CA PHE A 62 5.07 17.28 0.28
C PHE A 62 3.87 18.17 -0.05
N TYR A 63 3.28 17.98 -1.23
CA TYR A 63 2.02 18.65 -1.56
C TYR A 63 0.99 18.39 -0.48
N PHE A 64 0.87 17.13 -0.07
CA PHE A 64 -0.12 16.76 0.95
C PHE A 64 0.14 17.49 2.27
N LEU A 65 1.40 17.50 2.71
CA LEU A 65 1.71 18.10 4.01
C LEU A 65 1.56 19.62 3.97
N ILE A 66 2.01 20.26 2.89
CA ILE A 66 1.89 21.70 2.77
C ILE A 66 0.42 22.09 2.66
N ARG A 67 -0.36 21.34 1.89
CA ARG A 67 -1.80 21.52 1.84
C ARG A 67 -2.41 21.48 3.23
N LYS A 68 -1.98 20.52 4.05
CA LYS A 68 -2.47 20.48 5.42
C LYS A 68 -2.14 21.77 6.18
N ARG A 69 -0.93 22.30 5.96
CA ARG A 69 -0.53 23.46 6.76
C ARG A 69 -1.18 24.77 6.31
N ILE A 70 -1.54 24.94 5.03
CA ILE A 70 -2.24 26.15 4.62
C ILE A 70 -3.75 25.99 4.71
N HIS A 71 -4.23 24.86 5.23
CA HIS A 71 -5.66 24.60 5.43
C HIS A 71 -6.41 24.63 4.10
N LEU A 72 -5.81 24.04 3.07
CA LEU A 72 -6.44 23.90 1.78
C LEU A 72 -7.18 22.57 1.69
N ARG A 73 -8.25 22.57 0.92
CA ARG A 73 -8.89 21.32 0.55
C ARG A 73 -8.04 20.61 -0.50
N ALA A 74 -8.22 19.30 -0.61
CA ALA A 74 -7.51 18.55 -1.63
C ALA A 74 -7.94 18.95 -3.04
N GLU A 75 -9.15 19.48 -3.18
CA GLU A 75 -9.67 19.92 -4.48
C GLU A 75 -9.20 21.32 -4.85
N ASP A 76 -8.61 22.06 -3.91
CA ASP A 76 -8.03 23.36 -4.23
C ASP A 76 -6.65 23.15 -4.86
N ALA A 77 -6.31 24.03 -5.79
CA ALA A 77 -5.08 23.86 -6.55
C ALA A 77 -3.88 24.36 -5.77
N LEU A 78 -2.73 23.71 -5.99
CA LEU A 78 -1.49 24.03 -5.31
C LEU A 78 -0.33 23.61 -6.19
N PHE A 79 0.55 24.54 -6.53
CA PHE A 79 1.69 24.27 -7.39
C PHE A 79 2.98 24.65 -6.67
N PHE A 80 4.01 23.82 -6.86
CA PHE A 80 5.35 24.10 -6.38
C PHE A 80 6.24 24.56 -7.53
N PHE A 81 7.28 25.31 -7.17
CA PHE A 81 8.24 25.83 -8.13
C PHE A 81 9.63 25.78 -7.53
N VAL A 82 10.56 25.19 -8.28
CA VAL A 82 11.99 25.24 -7.97
C VAL A 82 12.67 25.82 -9.20
N ASN A 83 13.23 27.03 -9.06
CA ASN A 83 13.79 27.79 -10.16
C ASN A 83 12.76 28.00 -11.27
N ASN A 84 11.54 28.40 -10.86
CA ASN A 84 10.42 28.75 -11.72
C ASN A 84 9.88 27.57 -12.51
N VAL A 85 10.30 26.35 -12.20
CA VAL A 85 9.82 25.15 -12.86
C VAL A 85 9.09 24.29 -11.85
N ILE A 86 7.99 23.68 -12.28
CA ILE A 86 7.26 22.73 -11.44
C ILE A 86 8.08 21.44 -11.35
N PRO A 87 8.49 21.02 -10.16
CA PRO A 87 9.26 19.78 -10.05
C PRO A 87 8.36 18.57 -10.29
N PRO A 88 8.93 17.45 -10.72
CA PRO A 88 8.12 16.24 -10.92
C PRO A 88 7.51 15.75 -9.62
N THR A 89 6.27 15.29 -9.70
CA THR A 89 5.55 14.84 -8.51
C THR A 89 6.21 13.61 -7.87
N SER A 90 6.81 12.75 -8.69
CA SER A 90 7.36 11.50 -8.21
C SER A 90 8.77 11.63 -7.65
N ALA A 91 9.42 12.78 -7.82
CA ALA A 91 10.78 12.96 -7.32
C ALA A 91 10.80 13.05 -5.80
N THR A 92 11.88 12.56 -5.20
CA THR A 92 12.08 12.70 -3.77
C THR A 92 12.68 14.06 -3.46
N MET A 93 12.49 14.50 -2.21
CA MET A 93 13.08 15.77 -1.79
C MET A 93 14.59 15.68 -1.73
N GLY A 94 15.13 14.48 -1.54
CA GLY A 94 16.58 14.30 -1.61
C GLY A 94 17.13 14.53 -3.01
N GLN A 95 16.45 13.96 -4.02
CA GLN A 95 16.84 14.20 -5.40
C GLN A 95 16.73 15.70 -5.73
N LEU A 96 15.67 16.34 -5.26
CA LEU A 96 15.48 17.76 -5.50
C LEU A 96 16.58 18.57 -4.84
N TYR A 97 17.00 18.15 -3.64
CA TYR A 97 18.09 18.84 -2.95
C TYR A 97 19.40 18.69 -3.71
N GLN A 98 19.79 17.46 -4.06
CA GLN A 98 21.01 17.26 -4.81
C GLN A 98 21.01 18.04 -6.11
N GLU A 99 19.86 18.11 -6.79
CA GLU A 99 19.81 18.77 -8.08
C GLU A 99 19.77 20.30 -7.97
N HIS A 100 19.14 20.85 -6.93
CA HIS A 100 18.78 22.26 -6.92
C HIS A 100 19.12 22.99 -5.62
N HIS A 101 19.83 22.36 -4.68
CA HIS A 101 20.21 23.09 -3.48
C HIS A 101 21.14 24.23 -3.84
N GLU A 102 21.02 25.34 -3.11
CA GLU A 102 21.87 26.48 -3.40
C GLU A 102 23.13 26.42 -2.52
N GLU A 103 24.02 27.39 -2.70
CA GLU A 103 25.33 27.32 -2.07
C GLU A 103 25.32 27.64 -0.59
N ASP A 104 24.14 27.93 -0.03
CA ASP A 104 23.97 28.01 1.42
C ASP A 104 23.44 26.70 2.00
N PHE A 105 23.43 25.64 1.20
CA PHE A 105 22.95 24.31 1.58
C PHE A 105 21.46 24.26 1.85
N PHE A 106 20.70 25.20 1.28
CA PHE A 106 19.24 25.21 1.41
C PHE A 106 18.59 24.90 0.06
N LEU A 107 17.41 24.29 0.13
CA LEU A 107 16.54 24.13 -1.04
C LEU A 107 15.41 25.14 -0.93
N TYR A 108 15.13 25.83 -2.03
CA TYR A 108 14.13 26.90 -2.05
C TYR A 108 12.96 26.50 -2.93
N ILE A 109 11.75 26.51 -2.36
CA ILE A 109 10.53 26.13 -3.05
C ILE A 109 9.52 27.24 -2.88
N ALA A 110 8.90 27.66 -3.98
CA ALA A 110 7.76 28.57 -3.93
C ALA A 110 6.48 27.80 -4.19
N TYR A 111 5.38 28.28 -3.62
CA TYR A 111 4.09 27.67 -3.87
C TYR A 111 3.08 28.73 -4.31
N SER A 112 2.10 28.30 -5.09
CA SER A 112 1.11 29.22 -5.63
C SER A 112 -0.17 28.45 -5.90
N ASP A 113 -1.24 29.21 -6.12
CA ASP A 113 -2.49 28.64 -6.63
C ASP A 113 -2.55 28.67 -8.14
N GLU A 114 -1.52 29.21 -8.78
CA GLU A 114 -1.44 29.37 -10.23
C GLU A 114 -0.32 28.48 -10.76
N SER A 115 -0.48 28.02 -12.01
CA SER A 115 0.48 27.10 -12.60
C SER A 115 1.71 27.80 -13.16
N VAL A 116 1.78 29.12 -13.10
CA VAL A 116 2.94 29.89 -13.56
C VAL A 116 3.34 30.86 -12.47
N TYR A 117 4.64 30.92 -12.18
CA TYR A 117 5.16 31.77 -11.12
C TYR A 117 4.96 33.24 -11.46
N GLY A 118 4.71 34.04 -10.42
CA GLY A 118 4.53 35.46 -10.58
C GLY A 118 4.22 36.17 -9.27
N MET B 3 12.92 0.99 -5.71
CA MET B 3 12.17 0.30 -6.75
C MET B 3 10.97 1.12 -7.25
N LYS B 4 11.04 1.51 -8.53
CA LYS B 4 10.00 2.33 -9.13
C LYS B 4 8.78 1.49 -9.48
N PHE B 5 7.62 1.92 -8.99
CA PHE B 5 6.34 1.34 -9.39
C PHE B 5 5.63 2.32 -10.33
N VAL B 6 5.22 1.82 -11.49
CA VAL B 6 4.51 2.66 -12.47
C VAL B 6 3.20 3.16 -11.89
N TYR B 7 2.54 2.34 -11.07
CA TYR B 7 1.27 2.73 -10.46
C TYR B 7 1.41 4.02 -9.66
N LYS B 8 2.56 4.22 -9.02
CA LYS B 8 2.78 5.46 -8.28
C LYS B 8 2.92 6.65 -9.23
N GLU B 9 3.58 6.47 -10.37
CA GLU B 9 3.75 7.56 -11.31
C GLU B 9 2.47 7.90 -12.04
N GLU B 10 1.49 6.99 -12.07
CA GLU B 10 0.25 7.26 -12.78
C GLU B 10 -0.91 7.62 -11.85
N HIS B 11 -0.72 7.56 -10.54
CA HIS B 11 -1.74 7.98 -9.57
C HIS B 11 -1.06 8.82 -8.50
N PRO B 12 -1.45 10.10 -8.34
CA PRO B 12 -0.79 10.94 -7.33
C PRO B 12 -1.04 10.42 -5.92
N PHE B 13 -0.12 10.80 -5.02
CA PHE B 13 -0.13 10.26 -3.66
C PHE B 13 -1.43 10.51 -2.93
N GLU B 14 -2.03 11.70 -3.09
CA GLU B 14 -3.20 12.04 -2.28
C GLU B 14 -4.39 11.14 -2.59
N LYS B 15 -4.62 10.85 -3.88
CA LYS B 15 -5.72 9.96 -4.24
C LYS B 15 -5.44 8.54 -3.78
N ARG B 16 -4.20 8.07 -3.97
CA ARG B 16 -3.80 6.78 -3.43
C ARG B 16 -4.10 6.67 -1.94
N ARG B 17 -3.78 7.74 -1.19
CA ARG B 17 -3.90 7.67 0.26
C ARG B 17 -5.38 7.62 0.67
N SER B 18 -6.21 8.47 0.07
CA SER B 18 -7.62 8.46 0.45
C SER B 18 -8.30 7.16 0.02
N GLU B 19 -7.88 6.59 -1.11
CA GLU B 19 -8.47 5.33 -1.54
C GLU B 19 -8.01 4.17 -0.67
N GLY B 20 -6.74 4.19 -0.25
CA GLY B 20 -6.27 3.19 0.70
C GLY B 20 -7.00 3.25 2.03
N GLU B 21 -7.23 4.47 2.53
CA GLU B 21 -8.01 4.61 3.76
C GLU B 21 -9.41 4.01 3.59
N LYS B 22 -10.10 4.38 2.51
CA LYS B 22 -11.45 3.86 2.29
C LYS B 22 -11.45 2.34 2.20
N ILE B 23 -10.46 1.76 1.51
CA ILE B 23 -10.47 0.32 1.30
C ILE B 23 -9.97 -0.44 2.52
N ARG B 24 -9.24 0.21 3.42
CA ARG B 24 -8.93 -0.41 4.70
C ARG B 24 -10.12 -0.37 5.64
N LYS B 25 -10.99 0.63 5.48
CA LYS B 25 -12.21 0.67 6.29
C LYS B 25 -13.26 -0.32 5.81
N LYS B 26 -13.45 -0.43 4.49
CA LYS B 26 -14.48 -1.31 3.97
C LYS B 26 -14.17 -2.79 4.22
N TYR B 27 -12.89 -3.17 4.12
CA TYR B 27 -12.46 -4.57 4.24
C TYR B 27 -11.33 -4.65 5.26
N PRO B 28 -11.64 -4.58 6.55
CA PRO B 28 -10.57 -4.52 7.56
C PRO B 28 -9.77 -5.81 7.69
N ASP B 29 -10.27 -6.94 7.20
CA ASP B 29 -9.54 -8.21 7.28
C ASP B 29 -8.82 -8.54 5.98
N ARG B 30 -8.77 -7.59 5.05
CA ARG B 30 -8.08 -7.70 3.78
C ARG B 30 -7.08 -6.56 3.66
N VAL B 31 -5.97 -6.83 2.98
CA VAL B 31 -4.96 -5.81 2.74
C VAL B 31 -4.97 -5.47 1.26
N PRO B 32 -4.86 -4.18 0.91
CA PRO B 32 -4.72 -3.79 -0.49
C PRO B 32 -3.26 -3.87 -0.91
N VAL B 33 -3.02 -4.49 -2.06
CA VAL B 33 -1.67 -4.77 -2.54
C VAL B 33 -1.54 -4.30 -3.98
N ILE B 34 -0.43 -3.64 -4.28
CA ILE B 34 -0.04 -3.33 -5.65
C ILE B 34 1.02 -4.33 -6.08
N VAL B 35 0.78 -5.02 -7.18
CA VAL B 35 1.69 -6.03 -7.70
C VAL B 35 2.11 -5.62 -9.09
N GLU B 36 3.42 -5.50 -9.31
CA GLU B 36 3.96 -5.12 -10.60
C GLU B 36 5.15 -5.99 -10.95
N LYS B 37 5.32 -6.22 -12.24
CA LYS B 37 6.53 -6.89 -12.72
C LYS B 37 7.73 -5.97 -12.53
N ALA B 38 8.86 -6.54 -12.17
CA ALA B 38 10.08 -5.75 -12.10
C ALA B 38 10.42 -5.23 -13.51
N PRO B 39 11.06 -4.06 -13.62
CA PRO B 39 11.23 -3.45 -14.94
C PRO B 39 11.96 -4.34 -15.95
N LYS B 40 13.15 -4.83 -15.62
CA LYS B 40 14.00 -5.66 -16.48
C LYS B 40 13.56 -7.12 -16.59
N ALA B 41 12.46 -7.55 -15.95
CA ALA B 41 12.10 -8.97 -15.94
C ALA B 41 11.59 -9.50 -17.29
N ARG B 42 12.16 -10.63 -17.74
CA ARG B 42 11.67 -11.36 -18.92
C ARG B 42 10.65 -12.39 -18.42
N ILE B 43 9.39 -11.98 -18.37
CA ILE B 43 8.32 -12.79 -17.76
C ILE B 43 6.98 -12.18 -18.12
N GLY B 44 5.92 -13.00 -18.10
CA GLY B 44 4.56 -12.55 -18.36
C GLY B 44 4.15 -11.34 -17.55
N ASP B 45 3.40 -10.43 -18.16
CA ASP B 45 2.86 -9.29 -17.42
C ASP B 45 1.55 -9.67 -16.77
N LEU B 46 1.14 -8.83 -15.82
CA LEU B 46 -0.08 -9.02 -15.05
C LEU B 46 -1.06 -7.93 -15.45
N ASP B 47 -2.29 -8.34 -15.82
CA ASP B 47 -3.27 -7.39 -16.34
C ASP B 47 -3.69 -6.37 -15.29
N LYS B 48 -4.01 -6.83 -14.08
CA LYS B 48 -4.42 -5.97 -12.99
C LYS B 48 -3.29 -5.81 -11.98
N LYS B 49 -3.18 -4.62 -11.40
CA LYS B 49 -2.18 -4.32 -10.38
C LYS B 49 -2.74 -4.27 -8.97
N LYS B 50 -4.02 -3.97 -8.81
CA LYS B 50 -4.63 -3.77 -7.50
C LYS B 50 -5.32 -5.05 -7.05
N TYR B 51 -4.95 -5.54 -5.88
CA TYR B 51 -5.54 -6.76 -5.33
C TYR B 51 -5.96 -6.55 -3.89
N LEU B 52 -7.07 -7.16 -3.52
CA LEU B 52 -7.49 -7.26 -2.12
C LEU B 52 -7.22 -8.70 -1.68
N VAL B 53 -6.37 -8.85 -0.67
CA VAL B 53 -5.80 -10.14 -0.30
C VAL B 53 -6.16 -10.40 1.16
N PRO B 54 -6.66 -11.59 1.50
CA PRO B 54 -6.89 -11.90 2.92
C PRO B 54 -5.61 -11.73 3.71
N SER B 55 -5.73 -11.09 4.88
CA SER B 55 -4.53 -10.75 5.64
C SER B 55 -3.87 -11.96 6.28
N ASP B 56 -4.56 -13.10 6.36
CA ASP B 56 -3.97 -14.33 6.86
C ASP B 56 -3.46 -15.24 5.75
N LEU B 57 -3.57 -14.82 4.49
CA LEU B 57 -2.97 -15.56 3.39
C LEU B 57 -1.44 -15.52 3.49
N THR B 58 -0.81 -16.67 3.24
CA THR B 58 0.65 -16.74 3.31
C THR B 58 1.27 -16.27 1.99
N VAL B 59 2.55 -15.92 2.06
CA VAL B 59 3.31 -15.55 0.87
C VAL B 59 3.36 -16.72 -0.11
N GLY B 60 3.50 -17.95 0.39
CA GLY B 60 3.48 -19.12 -0.49
C GLY B 60 2.19 -19.24 -1.28
N GLN B 61 1.05 -19.09 -0.59
CA GLN B 61 -0.24 -19.13 -1.29
C GLN B 61 -0.34 -18.01 -2.31
N PHE B 62 0.27 -16.85 -2.00
CA PHE B 62 0.31 -15.76 -2.96
C PHE B 62 1.14 -16.13 -4.18
N TYR B 63 2.28 -16.80 -3.96
CA TYR B 63 3.05 -17.36 -5.07
C TYR B 63 2.16 -18.21 -5.97
N PHE B 64 1.39 -19.11 -5.35
CA PHE B 64 0.52 -20.00 -6.12
C PHE B 64 -0.49 -19.22 -6.95
N LEU B 65 -1.14 -18.23 -6.33
CA LEU B 65 -2.20 -17.50 -7.03
C LEU B 65 -1.62 -16.64 -8.16
N ILE B 66 -0.50 -15.98 -7.90
CA ILE B 66 0.11 -15.14 -8.93
C ILE B 66 0.63 -16.00 -10.06
N ARG B 67 1.24 -17.15 -9.74
CA ARG B 67 1.64 -18.12 -10.75
C ARG B 67 0.46 -18.50 -11.64
N LYS B 68 -0.71 -18.75 -11.04
CA LYS B 68 -1.87 -19.02 -11.88
C LYS B 68 -2.19 -17.85 -12.80
N ARG B 69 -2.07 -16.62 -12.30
CA ARG B 69 -2.51 -15.50 -13.11
C ARG B 69 -1.55 -15.16 -14.25
N ILE B 70 -0.24 -15.39 -14.10
CA ILE B 70 0.68 -15.10 -15.20
C ILE B 70 0.88 -16.31 -16.11
N HIS B 71 0.16 -17.41 -15.86
CA HIS B 71 0.21 -18.61 -16.70
C HIS B 71 1.61 -19.23 -16.72
N LEU B 72 2.26 -19.25 -15.56
CA LEU B 72 3.56 -19.87 -15.41
C LEU B 72 3.44 -21.33 -15.01
N ARG B 73 4.39 -22.15 -15.46
CA ARG B 73 4.51 -23.49 -14.92
C ARG B 73 5.08 -23.44 -13.51
N ALA B 74 4.87 -24.52 -12.75
CA ALA B 74 5.46 -24.61 -11.42
C ALA B 74 6.98 -24.67 -11.48
N GLU B 75 7.54 -25.14 -12.60
CA GLU B 75 8.98 -25.23 -12.79
C GLU B 75 9.61 -23.92 -13.22
N ASP B 76 8.82 -22.92 -13.61
CA ASP B 76 9.37 -21.62 -13.92
C ASP B 76 9.61 -20.84 -12.62
N ALA B 77 10.67 -20.04 -12.61
CA ALA B 77 11.06 -19.35 -11.39
C ALA B 77 10.22 -18.09 -11.19
N LEU B 78 9.98 -17.76 -9.92
CA LEU B 78 9.15 -16.62 -9.57
C LEU B 78 9.56 -16.11 -8.19
N PHE B 79 9.96 -14.84 -8.12
CA PHE B 79 10.42 -14.22 -6.89
C PHE B 79 9.57 -12.98 -6.59
N PHE B 80 9.26 -12.79 -5.32
CA PHE B 80 8.62 -11.59 -4.82
C PHE B 80 9.64 -10.68 -4.12
N PHE B 81 9.33 -9.39 -4.11
CA PHE B 81 10.19 -8.39 -3.49
C PHE B 81 9.34 -7.35 -2.78
N VAL B 82 9.67 -7.11 -1.51
CA VAL B 82 9.14 -6.00 -0.73
C VAL B 82 10.34 -5.20 -0.23
N ASN B 83 10.49 -3.97 -0.72
CA ASN B 83 11.66 -3.14 -0.43
C ASN B 83 12.97 -3.86 -0.83
N ASN B 84 12.96 -4.43 -2.03
CA ASN B 84 14.09 -5.09 -2.66
C ASN B 84 14.54 -6.35 -1.93
N VAL B 85 13.77 -6.82 -0.97
CA VAL B 85 14.08 -8.04 -0.22
C VAL B 85 13.00 -9.07 -0.51
N ILE B 86 13.40 -10.33 -0.68
CA ILE B 86 12.46 -11.42 -0.87
C ILE B 86 11.82 -11.72 0.48
N PRO B 87 10.49 -11.61 0.60
CA PRO B 87 9.85 -11.88 1.88
C PRO B 87 9.85 -13.37 2.18
N PRO B 88 9.80 -13.74 3.46
CA PRO B 88 9.74 -15.17 3.81
C PRO B 88 8.45 -15.80 3.30
N THR B 89 8.58 -17.06 2.85
CA THR B 89 7.42 -17.76 2.28
C THR B 89 6.32 -17.97 3.31
N SER B 90 6.69 -18.14 4.58
CA SER B 90 5.72 -18.46 5.63
C SER B 90 5.02 -17.23 6.20
N ALA B 91 5.45 -16.03 5.85
CA ALA B 91 4.82 -14.83 6.39
C ALA B 91 3.42 -14.63 5.81
N THR B 92 2.53 -14.07 6.63
CA THR B 92 1.21 -13.70 6.15
C THR B 92 1.26 -12.33 5.49
N MET B 93 0.28 -12.08 4.61
CA MET B 93 0.20 -10.77 3.97
C MET B 93 -0.17 -9.69 4.97
N GLY B 94 -0.84 -10.07 6.07
CA GLY B 94 -1.11 -9.11 7.12
C GLY B 94 0.15 -8.66 7.84
N GLN B 95 1.03 -9.61 8.18
CA GLN B 95 2.32 -9.26 8.76
C GLN B 95 3.11 -8.38 7.81
N LEU B 96 3.09 -8.72 6.52
CA LEU B 96 3.82 -7.93 5.53
C LEU B 96 3.26 -6.51 5.44
N TYR B 97 1.94 -6.38 5.55
CA TYR B 97 1.33 -5.06 5.52
C TYR B 97 1.75 -4.25 6.75
N GLN B 98 1.61 -4.85 7.94
CA GLN B 98 2.01 -4.18 9.17
C GLN B 98 3.46 -3.72 9.12
N GLU B 99 4.35 -4.55 8.56
CA GLU B 99 5.77 -4.23 8.54
C GLU B 99 6.14 -3.22 7.45
N HIS B 100 5.46 -3.25 6.31
CA HIS B 100 5.98 -2.57 5.12
C HIS B 100 4.95 -1.72 4.38
N HIS B 101 3.75 -1.53 4.91
CA HIS B 101 2.79 -0.70 4.20
C HIS B 101 3.29 0.73 4.12
N GLU B 102 2.98 1.39 3.00
CA GLU B 102 3.45 2.75 2.79
C GLU B 102 2.39 3.74 3.28
N GLU B 103 2.69 5.02 3.14
CA GLU B 103 1.88 6.09 3.72
C GLU B 103 0.59 6.34 2.96
N ASP B 104 0.34 5.62 1.87
CA ASP B 104 -0.95 5.61 1.19
C ASP B 104 -1.80 4.42 1.60
N PHE B 105 -1.38 3.69 2.64
CA PHE B 105 -2.07 2.53 3.17
C PHE B 105 -2.08 1.36 2.19
N PHE B 106 -1.13 1.32 1.26
CA PHE B 106 -0.97 0.22 0.32
C PHE B 106 0.29 -0.58 0.62
N LEU B 107 0.25 -1.86 0.27
CA LEU B 107 1.43 -2.72 0.27
C LEU B 107 1.90 -2.90 -1.17
N TYR B 108 3.19 -2.77 -1.40
CA TYR B 108 3.77 -2.85 -2.74
C TYR B 108 4.66 -4.07 -2.85
N ILE B 109 4.38 -4.93 -3.84
CA ILE B 109 5.13 -6.15 -4.08
C ILE B 109 5.52 -6.18 -5.55
N ALA B 110 6.79 -6.45 -5.81
CA ALA B 110 7.25 -6.69 -7.18
C ALA B 110 7.48 -8.18 -7.39
N TYR B 111 7.34 -8.64 -8.63
CA TYR B 111 7.64 -10.02 -8.96
C TYR B 111 8.58 -10.07 -10.16
N SER B 112 9.39 -11.11 -10.20
CA SER B 112 10.39 -11.24 -11.25
C SER B 112 10.72 -12.71 -11.47
N ASP B 113 11.38 -12.99 -12.58
CA ASP B 113 11.97 -14.31 -12.83
C ASP B 113 13.41 -14.38 -12.35
N GLU B 114 13.92 -13.27 -11.81
CA GLU B 114 15.30 -13.15 -11.35
C GLU B 114 15.29 -12.97 -9.83
N SER B 115 16.34 -13.47 -9.19
CA SER B 115 16.42 -13.46 -7.72
C SER B 115 16.88 -12.12 -7.16
N VAL B 116 17.19 -11.14 -8.02
CA VAL B 116 17.59 -9.81 -7.58
C VAL B 116 16.78 -8.78 -8.36
N TYR B 117 16.25 -7.79 -7.64
CA TYR B 117 15.42 -6.77 -8.26
C TYR B 117 16.23 -5.94 -9.25
N GLY B 118 15.62 -5.60 -10.37
CA GLY B 118 16.25 -4.80 -11.39
C GLY B 118 15.33 -4.51 -12.55
N MET C 3 -3.18 -21.23 14.82
CA MET C 3 -2.19 -22.19 15.31
C MET C 3 -1.08 -22.46 14.29
N LYS C 4 0.14 -22.06 14.65
CA LYS C 4 1.29 -22.20 13.75
C LYS C 4 1.79 -23.64 13.73
N PHE C 5 1.93 -24.19 12.53
CA PHE C 5 2.57 -25.49 12.33
C PHE C 5 3.94 -25.28 11.72
N VAL C 6 4.97 -25.87 12.33
CA VAL C 6 6.33 -25.76 11.82
C VAL C 6 6.43 -26.40 10.44
N TYR C 7 5.69 -27.49 10.22
CA TYR C 7 5.71 -28.16 8.92
C TYR C 7 5.36 -27.19 7.79
N LYS C 8 4.45 -26.25 8.06
CA LYS C 8 4.09 -25.25 7.06
C LYS C 8 5.25 -24.30 6.80
N GLU C 9 5.99 -23.93 7.84
CA GLU C 9 7.12 -23.04 7.67
C GLU C 9 8.29 -23.71 6.97
N GLU C 10 8.36 -25.05 6.99
CA GLU C 10 9.48 -25.75 6.38
C GLU C 10 9.14 -26.39 5.03
N HIS C 11 7.88 -26.34 4.60
CA HIS C 11 7.50 -26.81 3.27
C HIS C 11 6.58 -25.78 2.65
N PRO C 12 6.96 -25.17 1.52
CA PRO C 12 6.11 -24.14 0.92
C PRO C 12 4.77 -24.71 0.46
N PHE C 13 3.78 -23.81 0.39
CA PHE C 13 2.41 -24.22 0.12
C PHE C 13 2.29 -24.99 -1.19
N GLU C 14 3.01 -24.57 -2.24
CA GLU C 14 2.80 -25.16 -3.55
C GLU C 14 3.18 -26.64 -3.58
N LYS C 15 4.32 -27.00 -2.96
CA LYS C 15 4.69 -28.41 -2.92
C LYS C 15 3.75 -29.18 -2.03
N ARG C 16 3.37 -28.61 -0.88
CA ARG C 16 2.36 -29.24 -0.03
C ARG C 16 1.10 -29.56 -0.82
N ARG C 17 0.63 -28.63 -1.64
CA ARG C 17 -0.63 -28.81 -2.34
C ARG C 17 -0.52 -29.89 -3.41
N SER C 18 0.55 -29.86 -4.20
CA SER C 18 0.68 -30.89 -5.25
C SER C 18 0.90 -32.27 -4.64
N GLU C 19 1.60 -32.34 -3.50
CA GLU C 19 1.80 -33.62 -2.85
C GLU C 19 0.51 -34.13 -2.21
N GLY C 20 -0.29 -33.23 -1.65
CA GLY C 20 -1.59 -33.62 -1.13
C GLY C 20 -2.51 -34.15 -2.22
N GLU C 21 -2.53 -33.48 -3.37
CA GLU C 21 -3.31 -33.99 -4.50
C GLU C 21 -2.86 -35.39 -4.90
N LYS C 22 -1.55 -35.58 -5.08
CA LYS C 22 -1.04 -36.89 -5.46
C LYS C 22 -1.38 -37.96 -4.43
N ILE C 23 -1.30 -37.62 -3.15
CA ILE C 23 -1.50 -38.62 -2.11
C ILE C 23 -2.99 -38.88 -1.86
N ARG C 24 -3.87 -37.95 -2.24
CA ARG C 24 -5.29 -38.26 -2.21
C ARG C 24 -5.69 -39.13 -3.39
N LYS C 25 -4.95 -39.02 -4.51
CA LYS C 25 -5.23 -39.89 -5.65
C LYS C 25 -4.69 -41.30 -5.43
N LYS C 26 -3.48 -41.44 -4.87
CA LYS C 26 -2.90 -42.77 -4.69
C LYS C 26 -3.65 -43.59 -3.65
N TYR C 27 -4.13 -42.96 -2.60
CA TYR C 27 -4.78 -43.64 -1.47
C TYR C 27 -6.11 -42.97 -1.18
N PRO C 28 -7.13 -43.20 -2.02
CA PRO C 28 -8.38 -42.46 -1.86
C PRO C 28 -9.17 -42.79 -0.60
N ASP C 29 -8.90 -43.93 0.04
CA ASP C 29 -9.60 -44.30 1.27
C ASP C 29 -8.79 -43.95 2.51
N ARG C 30 -7.71 -43.19 2.35
CA ARG C 30 -6.91 -42.67 3.45
C ARG C 30 -6.80 -41.16 3.36
N VAL C 31 -6.70 -40.53 4.53
CA VAL C 31 -6.55 -39.09 4.61
C VAL C 31 -5.13 -38.78 5.08
N PRO C 32 -4.48 -37.78 4.49
CA PRO C 32 -3.16 -37.35 4.99
C PRO C 32 -3.31 -36.36 6.13
N VAL C 33 -2.54 -36.57 7.18
CA VAL C 33 -2.65 -35.80 8.40
C VAL C 33 -1.26 -35.32 8.82
N ILE C 34 -1.16 -34.06 9.19
CA ILE C 34 0.03 -33.52 9.83
C ILE C 34 -0.25 -33.41 11.32
N VAL C 35 0.59 -34.02 12.13
CA VAL C 35 0.42 -34.06 13.57
C VAL C 35 1.63 -33.41 14.21
N GLU C 36 1.39 -32.36 15.01
CA GLU C 36 2.47 -31.64 15.66
C GLU C 36 2.09 -31.35 17.11
N LYS C 37 3.11 -31.27 17.96
CA LYS C 37 2.91 -30.83 19.33
C LYS C 37 2.56 -29.35 19.36
N ALA C 38 1.61 -28.98 20.20
CA ALA C 38 1.35 -27.56 20.39
C ALA C 38 2.53 -26.92 21.10
N PRO C 39 2.82 -25.65 20.81
CA PRO C 39 4.03 -25.05 21.39
C PRO C 39 4.07 -25.08 22.90
N LYS C 40 3.01 -24.70 23.60
CA LYS C 40 3.14 -24.61 25.05
C LYS C 40 3.13 -25.95 25.75
N ALA C 41 2.94 -27.05 25.03
CA ALA C 41 2.80 -28.35 25.68
C ALA C 41 4.12 -28.89 26.25
N ARG C 42 4.11 -29.23 27.54
CA ARG C 42 5.22 -29.92 28.18
C ARG C 42 4.90 -31.39 28.02
N ILE C 43 5.40 -31.98 26.93
CA ILE C 43 5.03 -33.35 26.54
C ILE C 43 6.00 -33.85 25.48
N GLY C 44 6.11 -35.18 25.37
CA GLY C 44 6.94 -35.83 24.37
C GLY C 44 6.74 -35.31 22.97
N ASP C 45 7.82 -35.18 22.23
CA ASP C 45 7.76 -34.76 20.83
C ASP C 45 7.65 -36.00 19.92
N LEU C 46 7.16 -35.77 18.69
CA LEU C 46 6.98 -36.85 17.72
C LEU C 46 7.88 -36.58 16.52
N ASP C 47 8.70 -37.57 16.17
CA ASP C 47 9.64 -37.40 15.06
C ASP C 47 8.90 -37.30 13.72
N LYS C 48 7.97 -38.21 13.45
CA LYS C 48 7.19 -38.18 12.21
C LYS C 48 6.00 -37.24 12.36
N LYS C 49 5.78 -36.42 11.33
CA LYS C 49 4.62 -35.55 11.29
C LYS C 49 3.57 -35.98 10.28
N LYS C 50 3.95 -36.69 9.23
CA LYS C 50 3.05 -37.03 8.14
C LYS C 50 2.50 -38.44 8.31
N TYR C 51 1.18 -38.57 8.33
CA TYR C 51 0.53 -39.87 8.50
C TYR C 51 -0.55 -40.07 7.45
N LEU C 52 -0.70 -41.31 7.01
CA LEU C 52 -1.84 -41.72 6.20
C LEU C 52 -2.77 -42.55 7.09
N VAL C 53 -4.00 -42.09 7.26
CA VAL C 53 -4.91 -42.62 8.26
C VAL C 53 -6.17 -43.11 7.55
N PRO C 54 -6.64 -44.33 7.83
CA PRO C 54 -7.92 -44.77 7.26
C PRO C 54 -9.03 -43.79 7.63
N SER C 55 -9.85 -43.45 6.63
CA SER C 55 -10.82 -42.38 6.82
C SER C 55 -11.98 -42.78 7.72
N ASP C 56 -12.16 -44.07 7.99
CA ASP C 56 -13.18 -44.54 8.93
C ASP C 56 -12.63 -44.75 10.34
N LEU C 57 -11.34 -44.49 10.56
CA LEU C 57 -10.79 -44.52 11.90
C LEU C 57 -11.36 -43.39 12.75
N THR C 58 -11.71 -43.71 14.00
CA THR C 58 -12.27 -42.71 14.89
C THR C 58 -11.17 -41.87 15.56
N VAL C 59 -11.58 -40.72 16.08
CA VAL C 59 -10.67 -39.86 16.83
C VAL C 59 -10.14 -40.58 18.07
N GLY C 60 -11.00 -41.37 18.73
CA GLY C 60 -10.52 -42.16 19.87
C GLY C 60 -9.41 -43.13 19.49
N GLN C 61 -9.60 -43.87 18.40
CA GLN C 61 -8.57 -44.78 17.93
C GLN C 61 -7.32 -44.02 17.54
N PHE C 62 -7.47 -42.82 17.01
CA PHE C 62 -6.30 -41.98 16.71
C PHE C 62 -5.58 -41.58 17.98
N TYR C 63 -6.32 -41.23 19.04
CA TYR C 63 -5.73 -41.01 20.34
C TYR C 63 -4.88 -42.20 20.76
N PHE C 64 -5.45 -43.40 20.64
CA PHE C 64 -4.74 -44.61 21.05
C PHE C 64 -3.43 -44.79 20.29
N LEU C 65 -3.49 -44.62 18.97
CA LEU C 65 -2.31 -44.86 18.14
C LEU C 65 -1.23 -43.79 18.39
N ILE C 66 -1.64 -42.52 18.51
CA ILE C 66 -0.68 -41.45 18.77
C ILE C 66 -0.08 -41.60 20.16
N ARG C 67 -0.90 -41.95 21.15
CA ARG C 67 -0.39 -42.28 22.48
C ARG C 67 0.70 -43.33 22.41
N LYS C 68 0.48 -44.38 21.61
CA LYS C 68 1.53 -45.37 21.43
C LYS C 68 2.80 -44.75 20.85
N ARG C 69 2.65 -43.84 19.89
CA ARG C 69 3.84 -43.31 19.22
C ARG C 69 4.63 -42.33 20.09
N ILE C 70 3.97 -41.60 21.00
CA ILE C 70 4.68 -40.67 21.87
C ILE C 70 5.16 -41.34 23.14
N HIS C 71 4.93 -42.65 23.28
CA HIS C 71 5.34 -43.41 24.46
C HIS C 71 4.68 -42.85 25.72
N LEU C 72 3.41 -42.48 25.59
CA LEU C 72 2.61 -42.02 26.71
C LEU C 72 1.87 -43.20 27.34
N ARG C 73 1.67 -43.12 28.64
CA ARG C 73 0.77 -44.06 29.30
C ARG C 73 -0.68 -43.70 28.99
N ALA C 74 -1.57 -44.70 29.12
CA ALA C 74 -2.99 -44.43 28.94
C ALA C 74 -3.54 -43.50 30.02
N GLU C 75 -2.89 -43.47 31.19
CA GLU C 75 -3.29 -42.58 32.27
C GLU C 75 -2.77 -41.16 32.11
N ASP C 76 -1.85 -40.93 31.19
CA ASP C 76 -1.38 -39.58 30.91
C ASP C 76 -2.37 -38.87 30.00
N ALA C 77 -2.51 -37.57 30.20
CA ALA C 77 -3.53 -36.81 29.47
C ALA C 77 -3.04 -36.45 28.08
N LEU C 78 -3.97 -36.40 27.13
CA LEU C 78 -3.64 -36.12 25.74
C LEU C 78 -4.85 -35.52 25.05
N PHE C 79 -4.69 -34.34 24.47
CA PHE C 79 -5.78 -33.62 23.80
C PHE C 79 -5.40 -33.33 22.36
N PHE C 80 -6.37 -33.47 21.45
CA PHE C 80 -6.23 -33.08 20.06
C PHE C 80 -6.94 -31.75 19.79
N PHE C 81 -6.48 -31.07 18.75
CA PHE C 81 -7.03 -29.78 18.35
C PHE C 81 -7.05 -29.67 16.83
N VAL C 82 -8.21 -29.33 16.29
CA VAL C 82 -8.38 -28.96 14.89
C VAL C 82 -9.01 -27.58 14.88
N ASN C 83 -8.27 -26.58 14.40
CA ASN C 83 -8.69 -25.18 14.44
C ASN C 83 -9.00 -24.73 15.86
N ASN C 84 -8.11 -25.09 16.79
CA ASN C 84 -8.13 -24.70 18.20
C ASN C 84 -9.29 -25.31 18.96
N VAL C 85 -10.02 -26.24 18.36
CA VAL C 85 -11.15 -26.91 19.01
C VAL C 85 -10.83 -28.38 19.16
N ILE C 86 -11.21 -28.97 20.28
CA ILE C 86 -11.06 -30.40 20.50
C ILE C 86 -12.12 -31.12 19.66
N PRO C 87 -11.72 -32.01 18.74
CA PRO C 87 -12.71 -32.70 17.94
C PRO C 87 -13.46 -33.73 18.77
N PRO C 88 -14.69 -34.06 18.39
CA PRO C 88 -15.42 -35.12 19.11
C PRO C 88 -14.71 -36.45 18.98
N THR C 89 -14.69 -37.22 20.07
CA THR C 89 -13.98 -38.49 20.10
C THR C 89 -14.59 -39.51 19.13
N SER C 90 -15.90 -39.45 18.93
CA SER C 90 -16.59 -40.44 18.10
C SER C 90 -16.52 -40.13 16.61
N ALA C 91 -16.02 -38.96 16.22
CA ALA C 91 -15.93 -38.60 14.81
C ALA C 91 -14.85 -39.42 14.10
N THR C 92 -15.09 -39.70 12.83
CA THR C 92 -14.09 -40.34 11.99
C THR C 92 -13.12 -39.32 11.42
N MET C 93 -11.93 -39.81 11.03
CA MET C 93 -10.94 -38.94 10.41
C MET C 93 -11.39 -38.50 9.02
N GLY C 94 -12.25 -39.28 8.37
CA GLY C 94 -12.81 -38.84 7.10
C GLY C 94 -13.73 -37.65 7.26
N GLN C 95 -14.61 -37.69 8.27
CA GLN C 95 -15.46 -36.54 8.56
C GLN C 95 -14.61 -35.32 8.90
N LEU C 96 -13.57 -35.52 9.70
CA LEU C 96 -12.71 -34.42 10.09
C LEU C 96 -11.99 -33.83 8.89
N TYR C 97 -11.58 -34.69 7.96
CA TYR C 97 -10.94 -34.22 6.74
C TYR C 97 -11.92 -33.41 5.90
N GLN C 98 -13.11 -33.96 5.65
CA GLN C 98 -14.12 -33.25 4.88
C GLN C 98 -14.42 -31.88 5.47
N GLU C 99 -14.52 -31.80 6.80
CA GLU C 99 -14.89 -30.54 7.44
C GLU C 99 -13.74 -29.56 7.54
N HIS C 100 -12.49 -30.02 7.69
CA HIS C 100 -11.41 -29.14 8.11
C HIS C 100 -10.13 -29.24 7.29
N HIS C 101 -10.11 -29.99 6.19
CA HIS C 101 -8.89 -30.06 5.40
C HIS C 101 -8.57 -28.70 4.82
N GLU C 102 -7.28 -28.39 4.72
CA GLU C 102 -6.85 -27.09 4.22
C GLU C 102 -6.60 -27.16 2.71
N GLU C 103 -6.19 -26.03 2.14
CA GLU C 103 -6.11 -25.86 0.70
C GLU C 103 -4.95 -26.59 0.06
N ASP C 104 -4.11 -27.26 0.86
CA ASP C 104 -3.09 -28.17 0.36
C ASP C 104 -3.54 -29.63 0.43
N PHE C 105 -4.82 -29.87 0.69
CA PHE C 105 -5.42 -31.19 0.80
C PHE C 105 -4.88 -31.98 1.99
N PHE C 106 -4.38 -31.29 3.01
CA PHE C 106 -3.92 -31.91 4.23
C PHE C 106 -4.87 -31.58 5.39
N LEU C 107 -4.93 -32.49 6.36
CA LEU C 107 -5.58 -32.25 7.62
C LEU C 107 -4.52 -31.97 8.68
N TYR C 108 -4.73 -30.93 9.48
CA TYR C 108 -3.75 -30.53 10.48
C TYR C 108 -4.34 -30.73 11.87
N ILE C 109 -3.63 -31.48 12.71
CA ILE C 109 -4.03 -31.78 14.07
C ILE C 109 -2.88 -31.44 15.01
N ALA C 110 -3.18 -30.72 16.08
CA ALA C 110 -2.22 -30.48 17.14
C ALA C 110 -2.56 -31.34 18.35
N TYR C 111 -1.55 -31.69 19.13
CA TYR C 111 -1.77 -32.43 20.37
C TYR C 111 -1.08 -31.71 21.51
N SER C 112 -1.63 -31.88 22.71
CA SER C 112 -1.10 -31.21 23.90
C SER C 112 -1.44 -32.04 25.13
N ASP C 113 -0.79 -31.69 26.24
CA ASP C 113 -1.14 -32.21 27.55
C ASP C 113 -2.17 -31.33 28.26
N GLU C 114 -2.53 -30.20 27.66
CA GLU C 114 -3.44 -29.23 28.24
C GLU C 114 -4.71 -29.18 27.40
N SER C 115 -5.83 -28.83 28.05
CA SER C 115 -7.12 -28.85 27.36
C SER C 115 -7.37 -27.62 26.51
N VAL C 116 -6.44 -26.66 26.49
CA VAL C 116 -6.56 -25.46 25.67
C VAL C 116 -5.27 -25.25 24.89
N TYR C 117 -5.39 -24.97 23.59
CA TYR C 117 -4.24 -24.78 22.73
C TYR C 117 -3.46 -23.54 23.14
N GLY C 118 -2.14 -23.61 22.95
CA GLY C 118 -1.27 -22.49 23.30
C GLY C 118 0.14 -22.71 22.82
N MET D 3 -40.72 24.61 -0.44
CA MET D 3 -39.47 24.55 0.32
C MET D 3 -39.28 25.76 1.25
N LYS D 4 -39.29 25.47 2.55
CA LYS D 4 -39.16 26.51 3.57
C LYS D 4 -37.70 26.95 3.71
N PHE D 5 -37.47 28.25 3.59
CA PHE D 5 -36.16 28.85 3.87
C PHE D 5 -36.22 29.60 5.19
N VAL D 6 -35.29 29.30 6.10
CA VAL D 6 -35.24 29.97 7.40
C VAL D 6 -34.98 31.46 7.22
N TYR D 7 -34.18 31.83 6.22
CA TYR D 7 -33.90 33.24 5.96
C TYR D 7 -35.18 34.04 5.76
N LYS D 8 -36.19 33.43 5.14
CA LYS D 8 -37.47 34.10 4.95
C LYS D 8 -38.19 34.30 6.28
N GLU D 9 -38.11 33.32 7.18
CA GLU D 9 -38.75 33.44 8.48
C GLU D 9 -38.03 34.42 9.39
N GLU D 10 -36.77 34.72 9.13
CA GLU D 10 -36.02 35.63 9.99
C GLU D 10 -35.87 37.03 9.43
N HIS D 11 -36.32 37.28 8.20
CA HIS D 11 -36.33 38.61 7.61
C HIS D 11 -37.67 38.84 6.94
N PRO D 12 -38.45 39.83 7.37
CA PRO D 12 -39.77 40.05 6.75
C PRO D 12 -39.65 40.43 5.28
N PHE D 13 -40.73 40.15 4.53
CA PHE D 13 -40.71 40.30 3.09
C PHE D 13 -40.35 41.73 2.66
N GLU D 14 -40.87 42.74 3.37
CA GLU D 14 -40.70 44.12 2.92
C GLU D 14 -39.24 44.52 2.91
N LYS D 15 -38.50 44.14 3.96
CA LYS D 15 -37.08 44.48 4.04
C LYS D 15 -36.28 43.70 3.00
N ARG D 16 -36.59 42.41 2.85
CA ARG D 16 -36.00 41.61 1.79
C ARG D 16 -36.17 42.27 0.43
N ARG D 17 -37.38 42.76 0.15
CA ARG D 17 -37.68 43.29 -1.18
C ARG D 17 -36.95 44.60 -1.43
N SER D 18 -36.95 45.51 -0.45
CA SER D 18 -36.25 46.77 -0.68
C SER D 18 -34.75 46.56 -0.77
N GLU D 19 -34.22 45.58 -0.04
CA GLU D 19 -32.80 45.30 -0.12
C GLU D 19 -32.43 44.63 -1.44
N GLY D 20 -33.30 43.75 -1.93
CA GLY D 20 -33.09 43.17 -3.25
C GLY D 20 -33.12 44.18 -4.37
N GLU D 21 -34.09 45.10 -4.33
CA GLU D 21 -34.12 46.17 -5.32
C GLU D 21 -32.84 46.99 -5.29
N LYS D 22 -32.44 47.42 -4.07
CA LYS D 22 -31.23 48.22 -3.94
C LYS D 22 -30.02 47.48 -4.49
N ILE D 23 -29.91 46.18 -4.21
CA ILE D 23 -28.71 45.44 -4.62
C ILE D 23 -28.76 45.04 -6.08
N ARG D 24 -29.93 45.00 -6.70
CA ARG D 24 -29.98 44.80 -8.15
C ARG D 24 -29.62 46.09 -8.87
N LYS D 25 -29.89 47.24 -8.26
CA LYS D 25 -29.47 48.50 -8.88
C LYS D 25 -27.98 48.76 -8.70
N LYS D 26 -27.42 48.44 -7.52
CA LYS D 26 -25.99 48.71 -7.29
C LYS D 26 -25.10 47.83 -8.15
N TYR D 27 -25.47 46.56 -8.34
CA TYR D 27 -24.66 45.57 -9.04
C TYR D 27 -25.49 44.88 -10.11
N PRO D 28 -25.70 45.54 -11.26
CA PRO D 28 -26.60 44.97 -12.27
C PRO D 28 -26.08 43.73 -12.95
N ASP D 29 -24.78 43.45 -12.90
CA ASP D 29 -24.20 42.26 -13.52
C ASP D 29 -23.99 41.14 -12.52
N ARG D 30 -24.53 41.28 -11.31
CA ARG D 30 -24.49 40.27 -10.27
C ARG D 30 -25.91 39.97 -9.82
N VAL D 31 -26.14 38.73 -9.40
CA VAL D 31 -27.43 38.33 -8.88
C VAL D 31 -27.29 38.05 -7.38
N PRO D 32 -28.25 38.49 -6.57
CA PRO D 32 -28.25 38.13 -5.15
C PRO D 32 -28.90 36.76 -4.96
N VAL D 33 -28.25 35.91 -4.17
CA VAL D 33 -28.66 34.53 -3.98
C VAL D 33 -28.71 34.22 -2.50
N ILE D 34 -29.75 33.52 -2.08
CA ILE D 34 -29.83 32.92 -0.75
C ILE D 34 -29.56 31.43 -0.90
N VAL D 35 -28.59 30.92 -0.15
CA VAL D 35 -28.18 29.53 -0.21
C VAL D 35 -28.40 28.93 1.17
N GLU D 36 -29.20 27.87 1.24
CA GLU D 36 -29.48 27.21 2.51
C GLU D 36 -29.44 25.70 2.33
N LYS D 37 -29.06 25.04 3.41
CA LYS D 37 -29.14 23.60 3.49
C LYS D 37 -30.61 23.16 3.50
N ALA D 38 -30.91 22.09 2.79
CA ALA D 38 -32.24 21.53 2.92
C ALA D 38 -32.42 21.01 4.33
N PRO D 39 -33.64 21.02 4.87
CA PRO D 39 -33.81 20.72 6.30
C PRO D 39 -33.25 19.35 6.71
N LYS D 40 -33.68 18.28 6.08
CA LYS D 40 -33.23 16.93 6.41
C LYS D 40 -31.85 16.57 5.84
N ALA D 41 -31.15 17.47 5.13
CA ALA D 41 -29.87 17.05 4.52
C ALA D 41 -28.82 16.85 5.60
N ARG D 42 -28.25 15.64 5.66
CA ARG D 42 -27.20 15.38 6.63
C ARG D 42 -25.89 15.78 5.98
N ILE D 43 -25.50 17.02 6.21
CA ILE D 43 -24.40 17.63 5.47
C ILE D 43 -24.01 18.90 6.21
N GLY D 44 -22.79 19.35 6.00
CA GLY D 44 -22.35 20.60 6.59
C GLY D 44 -23.27 21.79 6.35
N ASP D 45 -23.43 22.64 7.36
CA ASP D 45 -24.19 23.87 7.22
C ASP D 45 -23.27 24.99 6.73
N LEU D 46 -23.89 26.08 6.32
CA LEU D 46 -23.20 27.22 5.73
C LEU D 46 -23.30 28.44 6.65
N ASP D 47 -22.14 29.06 6.89
CA ASP D 47 -22.04 30.20 7.81
C ASP D 47 -22.83 31.40 7.29
N LYS D 48 -22.67 31.73 6.02
CA LYS D 48 -23.38 32.82 5.38
C LYS D 48 -24.41 32.28 4.40
N LYS D 49 -25.49 33.05 4.24
CA LYS D 49 -26.57 32.72 3.31
C LYS D 49 -26.67 33.66 2.12
N LYS D 50 -26.21 34.91 2.23
CA LYS D 50 -26.40 35.89 1.18
C LYS D 50 -25.13 36.02 0.34
N TYR D 51 -25.27 35.84 -0.97
CA TYR D 51 -24.16 35.92 -1.89
C TYR D 51 -24.51 36.81 -3.06
N LEU D 52 -23.50 37.53 -3.55
CA LEU D 52 -23.58 38.22 -4.83
C LEU D 52 -22.75 37.41 -5.82
N VAL D 53 -23.39 36.94 -6.89
CA VAL D 53 -22.80 35.96 -7.80
C VAL D 53 -22.78 36.56 -9.18
N PRO D 54 -21.65 36.50 -9.90
CA PRO D 54 -21.65 36.97 -11.30
C PRO D 54 -22.72 36.23 -12.11
N SER D 55 -23.46 36.99 -12.90
CA SER D 55 -24.62 36.40 -13.58
C SER D 55 -24.22 35.47 -14.72
N ASP D 56 -22.97 35.50 -15.17
CA ASP D 56 -22.48 34.55 -16.18
C ASP D 56 -21.78 33.35 -15.57
N LEU D 57 -21.71 33.27 -14.24
CA LEU D 57 -21.19 32.08 -13.58
C LEU D 57 -22.11 30.90 -13.84
N THR D 58 -21.52 29.74 -14.13
CA THR D 58 -22.32 28.55 -14.37
C THR D 58 -22.69 27.88 -13.05
N VAL D 59 -23.72 27.02 -13.13
CA VAL D 59 -24.12 26.22 -11.97
C VAL D 59 -22.98 25.30 -11.53
N GLY D 60 -22.23 24.74 -12.49
CA GLY D 60 -21.08 23.91 -12.13
C GLY D 60 -20.05 24.65 -11.29
N GLN D 61 -19.69 25.86 -11.73
CA GLN D 61 -18.74 26.67 -10.97
C GLN D 61 -19.31 27.00 -9.58
N PHE D 62 -20.63 27.18 -9.51
CA PHE D 62 -21.27 27.39 -8.22
C PHE D 62 -21.16 26.15 -7.33
N TYR D 63 -21.34 24.97 -7.91
CA TYR D 63 -21.09 23.72 -7.21
C TYR D 63 -19.69 23.73 -6.60
N PHE D 64 -18.70 24.11 -7.41
CA PHE D 64 -17.32 24.10 -6.92
C PHE D 64 -17.14 25.05 -5.73
N LEU D 65 -17.68 26.27 -5.86
CA LEU D 65 -17.48 27.26 -4.80
C LEU D 65 -18.21 26.87 -3.52
N ILE D 66 -19.44 26.38 -3.65
CA ILE D 66 -20.20 25.98 -2.47
C ILE D 66 -19.58 24.76 -1.82
N ARG D 67 -19.14 23.78 -2.62
CA ARG D 67 -18.39 22.64 -2.09
C ARG D 67 -17.21 23.12 -1.26
N LYS D 68 -16.47 24.10 -1.76
CA LYS D 68 -15.38 24.67 -0.97
C LYS D 68 -15.90 25.20 0.36
N ARG D 69 -17.05 25.86 0.36
CA ARG D 69 -17.50 26.56 1.56
C ARG D 69 -18.08 25.63 2.62
N ILE D 70 -18.68 24.50 2.24
CA ILE D 70 -19.22 23.57 3.24
C ILE D 70 -18.21 22.49 3.64
N HIS D 71 -16.98 22.56 3.11
CA HIS D 71 -15.91 21.61 3.45
C HIS D 71 -16.28 20.18 3.05
N LEU D 72 -16.88 20.04 1.88
CA LEU D 72 -17.20 18.73 1.31
C LEU D 72 -16.05 18.23 0.45
N ARG D 73 -15.89 16.91 0.42
CA ARG D 73 -15.00 16.31 -0.55
C ARG D 73 -15.64 16.33 -1.94
N ALA D 74 -14.79 16.25 -2.96
CA ALA D 74 -15.31 16.18 -4.33
C ALA D 74 -16.05 14.88 -4.56
N GLU D 75 -15.71 13.83 -3.81
CA GLU D 75 -16.38 12.54 -3.92
C GLU D 75 -17.69 12.48 -3.13
N ASP D 76 -17.97 13.46 -2.28
CA ASP D 76 -19.25 13.53 -1.58
C ASP D 76 -20.30 14.14 -2.49
N ALA D 77 -21.54 13.69 -2.33
CA ALA D 77 -22.59 14.12 -3.23
C ALA D 77 -23.12 15.48 -2.82
N LEU D 78 -23.55 16.27 -3.81
CA LEU D 78 -24.04 17.62 -3.57
C LEU D 78 -25.01 17.98 -4.69
N PHE D 79 -26.25 18.31 -4.32
CA PHE D 79 -27.31 18.64 -5.25
C PHE D 79 -27.84 20.04 -4.94
N PHE D 80 -28.14 20.80 -5.99
CA PHE D 80 -28.83 22.07 -5.87
C PHE D 80 -30.30 21.93 -6.25
N PHE D 81 -31.12 22.83 -5.72
CA PHE D 81 -32.55 22.84 -5.98
C PHE D 81 -33.04 24.28 -6.10
N VAL D 82 -33.75 24.56 -7.18
CA VAL D 82 -34.51 25.80 -7.35
C VAL D 82 -35.94 25.39 -7.65
N ASN D 83 -36.86 25.70 -6.73
CA ASN D 83 -38.25 25.25 -6.81
C ASN D 83 -38.32 23.72 -6.90
N ASN D 84 -37.54 23.04 -6.06
CA ASN D 84 -37.51 21.60 -5.90
C ASN D 84 -36.99 20.86 -7.13
N VAL D 85 -36.43 21.57 -8.11
CA VAL D 85 -35.88 20.97 -9.31
C VAL D 85 -34.38 21.21 -9.35
N ILE D 86 -33.63 20.19 -9.76
CA ILE D 86 -32.19 20.31 -9.94
C ILE D 86 -31.90 21.12 -11.20
N PRO D 87 -31.21 22.25 -11.09
CA PRO D 87 -30.93 23.05 -12.29
C PRO D 87 -29.86 22.39 -13.14
N PRO D 88 -29.86 22.64 -14.44
CA PRO D 88 -28.80 22.11 -15.30
C PRO D 88 -27.44 22.69 -14.92
N THR D 89 -26.40 21.84 -15.02
CA THR D 89 -25.06 22.27 -14.65
C THR D 89 -24.55 23.38 -15.56
N SER D 90 -24.97 23.39 -16.82
CA SER D 90 -24.47 24.35 -17.79
C SER D 90 -25.17 25.70 -17.75
N ALA D 91 -26.28 25.82 -17.01
CA ALA D 91 -27.01 27.08 -16.95
C ALA D 91 -26.23 28.13 -16.16
N THR D 92 -26.39 29.38 -16.58
CA THR D 92 -25.80 30.49 -15.83
C THR D 92 -26.72 30.93 -14.70
N MET D 93 -26.12 31.58 -13.69
CA MET D 93 -26.91 32.10 -12.58
C MET D 93 -27.81 33.25 -13.04
N GLY D 94 -27.43 33.95 -14.11
CA GLY D 94 -28.30 34.97 -14.66
C GLY D 94 -29.57 34.39 -15.26
N GLN D 95 -29.42 33.32 -16.05
CA GLN D 95 -30.59 32.63 -16.58
C GLN D 95 -31.47 32.12 -15.44
N LEU D 96 -30.85 31.56 -14.41
CA LEU D 96 -31.59 31.03 -13.28
C LEU D 96 -32.35 32.15 -12.56
N TYR D 97 -31.72 33.31 -12.44
CA TYR D 97 -32.38 34.45 -11.81
C TYR D 97 -33.58 34.91 -12.63
N GLN D 98 -33.39 35.14 -13.93
CA GLN D 98 -34.51 35.55 -14.78
C GLN D 98 -35.66 34.55 -14.70
N GLU D 99 -35.35 33.26 -14.67
CA GLU D 99 -36.40 32.26 -14.69
C GLU D 99 -37.08 32.07 -13.34
N HIS D 100 -36.34 32.23 -12.23
CA HIS D 100 -36.82 31.74 -10.95
C HIS D 100 -36.70 32.74 -9.80
N HIS D 101 -36.33 33.99 -10.05
CA HIS D 101 -36.24 34.94 -8.95
C HIS D 101 -37.63 35.18 -8.35
N GLU D 102 -37.65 35.41 -7.03
CA GLU D 102 -38.89 35.61 -6.32
C GLU D 102 -39.21 37.11 -6.22
N GLU D 103 -40.33 37.43 -5.57
CA GLU D 103 -40.85 38.80 -5.58
C GLU D 103 -40.07 39.75 -4.68
N ASP D 104 -39.07 39.27 -3.95
CA ASP D 104 -38.16 40.14 -3.23
C ASP D 104 -36.87 40.37 -4.01
N PHE D 105 -36.85 39.98 -5.27
CA PHE D 105 -35.70 40.12 -6.16
C PHE D 105 -34.52 39.27 -5.74
N PHE D 106 -34.77 38.20 -5.00
CA PHE D 106 -33.74 37.25 -4.60
C PHE D 106 -33.93 35.93 -5.35
N LEU D 107 -32.81 35.24 -5.57
CA LEU D 107 -32.83 33.86 -6.05
C LEU D 107 -32.53 32.96 -4.87
N TYR D 108 -33.31 31.90 -4.72
CA TYR D 108 -33.18 30.98 -3.59
C TYR D 108 -32.74 29.62 -4.10
N ILE D 109 -31.65 29.11 -3.54
CA ILE D 109 -31.08 27.83 -3.92
C ILE D 109 -30.89 27.00 -2.66
N ALA D 110 -31.37 25.76 -2.68
CA ALA D 110 -31.11 24.83 -1.61
C ALA D 110 -30.06 23.82 -2.05
N TYR D 111 -29.30 23.32 -1.08
CA TYR D 111 -28.33 22.27 -1.36
C TYR D 111 -28.55 21.12 -0.40
N SER D 112 -28.22 19.92 -0.88
CA SER D 112 -28.45 18.71 -0.09
C SER D 112 -27.48 17.63 -0.52
N ASP D 113 -27.39 16.59 0.29
CA ASP D 113 -26.70 15.36 -0.07
C ASP D 113 -27.62 14.36 -0.73
N GLU D 114 -28.91 14.68 -0.84
CA GLU D 114 -29.93 13.80 -1.38
C GLU D 114 -30.45 14.37 -2.68
N SER D 115 -30.86 13.47 -3.59
CA SER D 115 -31.28 13.88 -4.93
C SER D 115 -32.73 14.38 -4.95
N VAL D 116 -33.43 14.34 -3.82
CA VAL D 116 -34.80 14.83 -3.71
C VAL D 116 -34.87 15.75 -2.50
N TYR D 117 -35.51 16.90 -2.69
CA TYR D 117 -35.62 17.88 -1.62
C TYR D 117 -36.46 17.33 -0.47
N GLY D 118 -36.08 17.70 0.74
CA GLY D 118 -36.78 17.25 1.94
C GLY D 118 -36.16 17.76 3.21
N MET E 3 31.23 3.75 -1.05
CA MET E 3 32.32 4.73 -1.12
C MET E 3 33.70 4.06 -1.21
N LYS E 4 34.35 4.26 -2.36
CA LYS E 4 35.65 3.66 -2.63
C LYS E 4 36.76 4.41 -1.89
N PHE E 5 37.55 3.67 -1.12
CA PHE E 5 38.76 4.21 -0.50
C PHE E 5 39.97 3.65 -1.23
N VAL E 6 40.86 4.56 -1.66
CA VAL E 6 42.08 4.15 -2.37
C VAL E 6 42.97 3.32 -1.45
N TYR E 7 42.99 3.64 -0.17
CA TYR E 7 43.81 2.89 0.79
C TYR E 7 43.48 1.41 0.77
N LYS E 8 42.21 1.06 0.58
CA LYS E 8 41.82 -0.34 0.50
C LYS E 8 42.36 -1.00 -0.76
N GLU E 9 42.36 -0.26 -1.87
CA GLU E 9 42.87 -0.81 -3.13
C GLU E 9 44.39 -0.94 -3.12
N GLU E 10 45.08 -0.22 -2.25
CA GLU E 10 46.54 -0.29 -2.22
C GLU E 10 47.09 -1.12 -1.07
N HIS E 11 46.24 -1.60 -0.16
CA HIS E 11 46.66 -2.50 0.91
C HIS E 11 45.66 -3.64 1.01
N PRO E 12 46.10 -4.90 0.82
CA PRO E 12 45.15 -6.01 0.87
C PRO E 12 44.53 -6.16 2.25
N PHE E 13 43.34 -6.79 2.26
CA PHE E 13 42.54 -6.89 3.48
C PHE E 13 43.31 -7.56 4.61
N GLU E 14 44.08 -8.60 4.30
CA GLU E 14 44.73 -9.38 5.36
C GLU E 14 45.77 -8.56 6.11
N LYS E 15 46.58 -7.77 5.39
CA LYS E 15 47.58 -6.94 6.04
C LYS E 15 46.92 -5.81 6.82
N ARG E 16 45.89 -5.20 6.23
CA ARG E 16 45.09 -4.20 6.96
C ARG E 16 44.60 -4.76 8.28
N ARG E 17 44.08 -6.00 8.25
CA ARG E 17 43.47 -6.58 9.45
C ARG E 17 44.51 -6.87 10.52
N SER E 18 45.65 -7.44 10.13
CA SER E 18 46.66 -7.73 11.14
C SER E 18 47.27 -6.45 11.71
N GLU E 19 47.38 -5.40 10.89
CA GLU E 19 47.93 -4.14 11.38
C GLU E 19 46.92 -3.42 12.29
N GLY E 20 45.64 -3.48 11.94
CA GLY E 20 44.63 -2.94 12.83
C GLY E 20 44.59 -3.64 14.17
N GLU E 21 44.70 -4.97 14.16
CA GLU E 21 44.79 -5.72 15.41
C GLU E 21 45.98 -5.27 16.25
N LYS E 22 47.16 -5.20 15.61
CA LYS E 22 48.36 -4.79 16.34
C LYS E 22 48.21 -3.40 16.94
N ILE E 23 47.62 -2.46 16.19
CA ILE E 23 47.55 -1.09 16.68
C ILE E 23 46.40 -0.89 17.67
N ARG E 24 45.41 -1.78 17.68
CA ARG E 24 44.41 -1.74 18.74
C ARG E 24 44.95 -2.35 20.03
N LYS E 25 45.88 -3.30 19.92
CA LYS E 25 46.49 -3.85 21.13
C LYS E 25 47.52 -2.91 21.74
N LYS E 26 48.35 -2.28 20.89
CA LYS E 26 49.40 -1.41 21.41
C LYS E 26 48.81 -0.15 22.06
N TYR E 27 47.73 0.38 21.49
CA TYR E 27 47.12 1.64 21.93
C TYR E 27 45.63 1.44 22.13
N PRO E 28 45.23 0.79 23.23
CA PRO E 28 43.80 0.48 23.42
C PRO E 28 42.94 1.71 23.64
N ASP E 29 43.52 2.86 23.98
CA ASP E 29 42.77 4.09 24.18
C ASP E 29 42.79 5.01 22.98
N ARG E 30 43.32 4.54 21.85
CA ARG E 30 43.33 5.29 20.60
C ARG E 30 42.73 4.43 19.50
N VAL E 31 42.06 5.09 18.56
CA VAL E 31 41.43 4.41 17.43
C VAL E 31 42.19 4.73 16.16
N PRO E 32 42.40 3.73 15.29
CA PRO E 32 42.99 4.00 13.98
C PRO E 32 41.93 4.41 12.97
N VAL E 33 42.19 5.47 12.22
CA VAL E 33 41.22 6.04 11.30
C VAL E 33 41.89 6.27 9.95
N ILE E 34 41.18 5.91 8.88
CA ILE E 34 41.59 6.26 7.51
C ILE E 34 40.75 7.44 7.07
N VAL E 35 41.40 8.51 6.62
CA VAL E 35 40.73 9.73 6.19
C VAL E 35 41.10 10.00 4.74
N GLU E 36 40.10 10.10 3.88
CA GLU E 36 40.33 10.36 2.47
C GLU E 36 39.33 11.40 1.99
N LYS E 37 39.76 12.22 1.03
CA LYS E 37 38.87 13.15 0.37
C LYS E 37 37.89 12.39 -0.53
N ALA E 38 36.64 12.85 -0.55
CA ALA E 38 35.69 12.27 -1.47
C ALA E 38 36.14 12.56 -2.91
N PRO E 39 35.81 11.68 -3.86
CA PRO E 39 36.40 11.82 -5.20
C PRO E 39 36.11 13.18 -5.86
N LYS E 40 34.85 13.57 -5.97
CA LYS E 40 34.47 14.84 -6.61
C LYS E 40 34.62 16.08 -5.73
N ALA E 41 35.10 15.97 -4.48
CA ALA E 41 35.11 17.14 -3.59
C ALA E 41 36.18 18.15 -4.06
N ARG E 42 35.73 19.39 -4.30
CA ARG E 42 36.67 20.45 -4.65
C ARG E 42 37.16 21.08 -3.35
N ILE E 43 38.30 20.56 -2.85
CA ILE E 43 38.77 20.93 -1.52
C ILE E 43 40.20 20.43 -1.40
N GLY E 44 40.95 21.04 -0.48
CA GLY E 44 42.31 20.63 -0.20
C GLY E 44 42.50 19.15 0.01
N ASP E 45 43.59 18.62 -0.52
CA ASP E 45 43.95 17.22 -0.35
C ASP E 45 44.81 17.07 0.91
N LEU E 46 44.91 15.83 1.39
CA LEU E 46 45.53 15.53 2.67
C LEU E 46 46.81 14.71 2.50
N ASP E 47 47.86 15.10 3.24
CA ASP E 47 49.17 14.45 3.11
C ASP E 47 49.12 12.97 3.46
N LYS E 48 48.44 12.62 4.56
CA LYS E 48 48.39 11.23 5.00
C LYS E 48 46.96 10.78 5.23
N LYS E 49 46.79 9.45 5.26
CA LYS E 49 45.50 8.81 5.44
C LYS E 49 45.31 8.13 6.79
N LYS E 50 46.37 7.66 7.43
CA LYS E 50 46.27 6.90 8.68
C LYS E 50 46.53 7.80 9.86
N TYR E 51 45.60 7.81 10.80
CA TYR E 51 45.70 8.61 12.00
C TYR E 51 45.38 7.75 13.22
N LEU E 52 46.08 8.03 14.31
CA LEU E 52 45.73 7.51 15.62
C LEU E 52 45.08 8.63 16.40
N VAL E 53 43.83 8.43 16.83
CA VAL E 53 43.02 9.49 17.41
C VAL E 53 42.60 9.05 18.79
N PRO E 54 42.75 9.90 19.82
CA PRO E 54 42.21 9.55 21.13
C PRO E 54 40.72 9.26 21.04
N SER E 55 40.29 8.19 21.71
CA SER E 55 38.93 7.72 21.55
C SER E 55 37.90 8.63 22.22
N ASP E 56 38.33 9.55 23.08
CA ASP E 56 37.42 10.52 23.68
C ASP E 56 37.39 11.85 22.94
N LEU E 57 38.17 11.97 21.87
CA LEU E 57 38.08 13.15 21.01
C LEU E 57 36.73 13.18 20.30
N THR E 58 36.11 14.36 20.27
CA THR E 58 34.82 14.49 19.61
C THR E 58 35.00 14.68 18.11
N VAL E 59 33.90 14.42 17.39
CA VAL E 59 33.89 14.66 15.95
C VAL E 59 34.13 16.13 15.64
N GLY E 60 33.60 17.03 16.48
CA GLY E 60 33.87 18.44 16.31
C GLY E 60 35.36 18.79 16.40
N GLN E 61 36.02 18.26 17.43
CA GLN E 61 37.46 18.47 17.55
C GLN E 61 38.21 17.87 16.37
N PHE E 62 37.72 16.75 15.83
CA PHE E 62 38.31 16.17 14.64
C PHE E 62 38.12 17.09 13.44
N TYR E 63 36.94 17.70 13.31
CA TYR E 63 36.71 18.73 12.30
C TYR E 63 37.77 19.81 12.42
N PHE E 64 38.01 20.28 13.65
CA PHE E 64 38.99 21.35 13.87
C PHE E 64 40.37 20.94 13.39
N LEU E 65 40.81 19.73 13.77
CA LEU E 65 42.17 19.30 13.44
C LEU E 65 42.33 19.06 11.94
N ILE E 66 41.33 18.44 11.31
CA ILE E 66 41.41 18.19 9.88
C ILE E 66 41.36 19.50 9.11
N ARG E 67 40.50 20.42 9.55
CA ARG E 67 40.46 21.77 8.98
C ARG E 67 41.84 22.42 9.02
N LYS E 68 42.53 22.31 10.15
CA LYS E 68 43.89 22.86 10.19
C LYS E 68 44.79 22.18 9.16
N ARG E 69 44.66 20.86 8.98
CA ARG E 69 45.59 20.21 8.06
C ARG E 69 45.31 20.49 6.58
N ILE E 70 44.06 20.74 6.19
CA ILE E 70 43.78 21.01 4.77
C ILE E 70 43.85 22.51 4.51
N HIS E 71 44.22 23.29 5.52
CA HIS E 71 44.36 24.75 5.41
C HIS E 71 43.04 25.43 5.05
N LEU E 72 41.96 24.95 5.67
CA LEU E 72 40.65 25.56 5.54
C LEU E 72 40.44 26.60 6.63
N ARG E 73 39.67 27.63 6.31
CA ARG E 73 39.21 28.55 7.35
C ARG E 73 38.14 27.87 8.19
N ALA E 74 37.97 28.36 9.42
CA ALA E 74 36.93 27.81 10.29
C ALA E 74 35.54 28.12 9.74
N GLU E 75 35.41 29.19 8.96
CA GLU E 75 34.13 29.57 8.36
C GLU E 75 33.83 28.78 7.09
N ASP E 76 34.80 28.04 6.56
CA ASP E 76 34.58 27.20 5.39
C ASP E 76 33.93 25.88 5.80
N ALA E 77 33.09 25.35 4.93
CA ALA E 77 32.33 24.17 5.27
C ALA E 77 33.16 22.91 5.07
N LEU E 78 32.91 21.91 5.92
CA LEU E 78 33.64 20.65 5.92
C LEU E 78 32.73 19.58 6.47
N PHE E 79 32.51 18.51 5.71
CA PHE E 79 31.62 17.43 6.10
C PHE E 79 32.37 16.11 6.14
N PHE E 80 32.06 15.30 7.15
CA PHE E 80 32.54 13.93 7.26
C PHE E 80 31.46 12.95 6.87
N PHE E 81 31.90 11.76 6.45
CA PHE E 81 31.01 10.68 6.06
C PHE E 81 31.56 9.36 6.55
N VAL E 82 30.73 8.60 7.24
CA VAL E 82 31.00 7.22 7.62
C VAL E 82 29.83 6.40 7.08
N ASN E 83 30.12 5.53 6.11
CA ASN E 83 29.08 4.77 5.38
C ASN E 83 28.04 5.71 4.77
N ASN E 84 28.53 6.78 4.14
CA ASN E 84 27.75 7.75 3.39
C ASN E 84 26.82 8.57 4.28
N VAL E 85 26.97 8.48 5.60
CA VAL E 85 26.17 9.26 6.53
C VAL E 85 27.10 10.20 7.30
N ILE E 86 26.64 11.43 7.52
CA ILE E 86 27.37 12.40 8.33
C ILE E 86 27.26 12.02 9.80
N PRO E 87 28.38 11.76 10.48
CA PRO E 87 28.30 11.38 11.90
C PRO E 87 27.92 12.58 12.75
N PRO E 88 27.31 12.34 13.92
CA PRO E 88 26.99 13.45 14.81
C PRO E 88 28.24 14.17 15.30
N THR E 89 28.15 15.50 15.38
CA THR E 89 29.29 16.30 15.81
C THR E 89 29.65 16.01 17.26
N SER E 90 28.67 15.66 18.08
CA SER E 90 28.90 15.45 19.51
C SER E 90 29.44 14.06 19.84
N ALA E 91 29.42 13.14 18.88
CA ALA E 91 29.90 11.79 19.14
C ALA E 91 31.43 11.77 19.27
N THR E 92 31.91 10.86 20.10
CA THR E 92 33.36 10.65 20.22
C THR E 92 33.84 9.69 19.13
N MET E 93 35.14 9.78 18.84
CA MET E 93 35.73 8.87 17.87
C MET E 93 35.71 7.43 18.38
N GLY E 94 35.70 7.25 19.70
CA GLY E 94 35.55 5.91 20.25
C GLY E 94 34.18 5.31 19.98
N GLN E 95 33.13 6.12 20.21
CA GLN E 95 31.78 5.68 19.88
C GLN E 95 31.66 5.38 18.39
N LEU E 96 32.26 6.24 17.56
CA LEU E 96 32.22 6.04 16.12
C LEU E 96 32.93 4.76 15.74
N TYR E 97 34.05 4.46 16.40
CA TYR E 97 34.79 3.24 16.14
C TYR E 97 33.95 2.01 16.50
N GLN E 98 33.44 1.97 17.73
CA GLN E 98 32.62 0.83 18.13
C GLN E 98 31.44 0.63 17.21
N GLU E 99 30.82 1.72 16.74
CA GLU E 99 29.63 1.59 15.92
C GLU E 99 29.95 1.22 14.48
N HIS E 100 31.07 1.67 13.92
CA HIS E 100 31.27 1.60 12.47
C HIS E 100 32.63 1.07 12.04
N HIS E 101 33.46 0.55 12.94
CA HIS E 101 34.73 0.01 12.51
C HIS E 101 34.50 -1.19 11.61
N GLU E 102 35.38 -1.37 10.63
CA GLU E 102 35.23 -2.47 9.69
C GLU E 102 36.03 -3.68 10.18
N GLU E 103 35.98 -4.76 9.40
CA GLU E 103 36.55 -6.03 9.81
C GLU E 103 38.07 -6.06 9.74
N ASP E 104 38.71 -4.98 9.30
CA ASP E 104 40.15 -4.82 9.43
C ASP E 104 40.53 -4.00 10.66
N PHE E 105 39.55 -3.72 11.53
CA PHE E 105 39.72 -2.96 12.77
C PHE E 105 40.10 -1.50 12.51
N PHE E 106 39.75 -0.98 11.34
CA PHE E 106 39.93 0.42 11.00
C PHE E 106 38.60 1.14 10.92
N LEU E 107 38.63 2.44 11.21
CA LEU E 107 37.50 3.33 10.97
C LEU E 107 37.80 4.14 9.71
N TYR E 108 36.82 4.23 8.82
CA TYR E 108 37.00 4.92 7.55
C TYR E 108 36.10 6.15 7.50
N ILE E 109 36.71 7.30 7.23
CA ILE E 109 36.00 8.57 7.17
C ILE E 109 36.35 9.26 5.85
N ALA E 110 35.35 9.73 5.13
CA ALA E 110 35.56 10.58 3.98
C ALA E 110 35.24 12.02 4.35
N TYR E 111 35.90 12.96 3.70
CA TYR E 111 35.60 14.36 3.93
C TYR E 111 35.35 15.07 2.61
N SER E 112 34.51 16.10 2.66
CA SER E 112 34.11 16.83 1.47
C SER E 112 33.73 18.25 1.85
N ASP E 113 33.61 19.10 0.84
CA ASP E 113 33.02 20.43 0.99
C ASP E 113 31.53 20.43 0.74
N GLU E 114 30.96 19.28 0.37
CA GLU E 114 29.56 19.14 0.02
C GLU E 114 28.90 18.22 1.04
N SER E 115 27.60 18.44 1.27
CA SER E 115 26.86 17.69 2.29
C SER E 115 26.41 16.32 1.82
N VAL E 116 26.69 15.92 0.59
CA VAL E 116 26.34 14.60 0.07
C VAL E 116 27.57 13.98 -0.57
N TYR E 117 27.82 12.71 -0.25
CA TYR E 117 28.99 12.02 -0.77
C TYR E 117 28.89 11.84 -2.27
N GLY E 118 30.03 11.97 -2.95
CA GLY E 118 30.09 11.82 -4.38
C GLY E 118 31.50 11.96 -4.92
N MET F 3 35.66 -22.88 -19.00
CA MET F 3 36.08 -23.51 -17.75
C MET F 3 35.09 -24.59 -17.30
N LYS F 4 35.54 -25.84 -17.32
CA LYS F 4 34.69 -26.96 -16.94
C LYS F 4 34.60 -27.07 -15.41
N PHE F 5 33.37 -27.11 -14.90
CA PHE F 5 33.12 -27.40 -13.48
C PHE F 5 32.56 -28.80 -13.35
N VAL F 6 33.19 -29.61 -12.50
CA VAL F 6 32.73 -30.99 -12.28
C VAL F 6 31.32 -31.00 -11.70
N TYR F 7 31.02 -30.02 -10.84
CA TYR F 7 29.69 -29.95 -10.23
C TYR F 7 28.60 -29.87 -11.29
N LYS F 8 28.88 -29.20 -12.41
CA LYS F 8 27.91 -29.12 -13.50
C LYS F 8 27.74 -30.48 -14.18
N GLU F 9 28.83 -31.23 -14.35
CA GLU F 9 28.72 -32.53 -15.00
C GLU F 9 28.05 -33.57 -14.12
N GLU F 10 28.02 -33.35 -12.80
CA GLU F 10 27.44 -34.32 -11.89
C GLU F 10 26.06 -33.93 -11.40
N HIS F 11 25.56 -32.74 -11.74
CA HIS F 11 24.19 -32.34 -11.42
C HIS F 11 23.58 -31.70 -12.66
N PRO F 12 22.52 -32.27 -13.23
CA PRO F 12 21.92 -31.67 -14.43
C PRO F 12 21.36 -30.28 -14.16
N PHE F 13 21.28 -29.49 -15.23
CA PHE F 13 20.93 -28.07 -15.13
C PHE F 13 19.59 -27.85 -14.44
N GLU F 14 18.59 -28.69 -14.72
CA GLU F 14 17.26 -28.43 -14.18
C GLU F 14 17.23 -28.53 -12.66
N LYS F 15 17.90 -29.54 -12.10
CA LYS F 15 17.95 -29.66 -10.64
C LYS F 15 18.75 -28.53 -10.02
N ARG F 16 19.89 -28.19 -10.64
CA ARG F 16 20.66 -27.03 -10.22
C ARG F 16 19.79 -25.78 -10.17
N ARG F 17 18.98 -25.57 -11.20
CA ARG F 17 18.18 -24.35 -11.28
C ARG F 17 17.11 -24.31 -10.20
N SER F 18 16.39 -25.41 -10.00
CA SER F 18 15.35 -25.37 -8.98
C SER F 18 15.95 -25.27 -7.58
N GLU F 19 17.13 -25.86 -7.36
CA GLU F 19 17.75 -25.75 -6.05
C GLU F 19 18.30 -24.35 -5.82
N GLY F 20 18.85 -23.72 -6.85
CA GLY F 20 19.29 -22.34 -6.73
C GLY F 20 18.15 -21.40 -6.41
N GLU F 21 17.00 -21.58 -7.08
CA GLU F 21 15.82 -20.79 -6.75
C GLU F 21 15.43 -20.98 -5.29
N LYS F 22 15.35 -22.23 -4.84
CA LYS F 22 14.97 -22.52 -3.45
C LYS F 22 15.93 -21.87 -2.47
N ILE F 23 17.23 -21.94 -2.75
CA ILE F 23 18.22 -21.44 -1.79
C ILE F 23 18.36 -19.93 -1.85
N ARG F 24 17.96 -19.29 -2.95
CA ARG F 24 17.90 -17.84 -2.97
C ARG F 24 16.68 -17.35 -2.23
N LYS F 25 15.61 -18.14 -2.22
CA LYS F 25 14.43 -17.73 -1.44
C LYS F 25 14.65 -17.93 0.05
N LYS F 26 15.28 -19.05 0.45
CA LYS F 26 15.46 -19.34 1.86
C LYS F 26 16.43 -18.35 2.52
N TYR F 27 17.47 -17.93 1.82
CA TYR F 27 18.53 -17.07 2.37
C TYR F 27 18.74 -15.89 1.44
N PRO F 28 17.84 -14.90 1.47
CA PRO F 28 17.90 -13.82 0.48
C PRO F 28 19.11 -12.90 0.61
N ASP F 29 19.78 -12.88 1.77
CA ASP F 29 20.95 -12.03 1.95
C ASP F 29 22.25 -12.78 1.75
N ARG F 30 22.17 -14.02 1.27
CA ARG F 30 23.35 -14.81 0.93
C ARG F 30 23.26 -15.28 -0.51
N VAL F 31 24.44 -15.43 -1.11
CA VAL F 31 24.54 -15.92 -2.48
C VAL F 31 25.12 -17.32 -2.43
N PRO F 32 24.58 -18.24 -3.24
CA PRO F 32 25.17 -19.59 -3.34
C PRO F 32 26.29 -19.58 -4.36
N VAL F 33 27.42 -20.17 -3.97
CA VAL F 33 28.64 -20.15 -4.77
C VAL F 33 29.15 -21.58 -4.88
N ILE F 34 29.59 -21.95 -6.08
CA ILE F 34 30.34 -23.19 -6.29
C ILE F 34 31.81 -22.83 -6.43
N VAL F 35 32.65 -23.46 -5.61
CA VAL F 35 34.09 -23.19 -5.61
C VAL F 35 34.80 -24.48 -5.95
N GLU F 36 35.59 -24.46 -7.02
CA GLU F 36 36.32 -25.63 -7.46
C GLU F 36 37.74 -25.24 -7.84
N LYS F 37 38.67 -26.17 -7.64
CA LYS F 37 40.03 -25.99 -8.09
C LYS F 37 40.10 -26.06 -9.62
N ALA F 38 40.95 -25.22 -10.19
CA ALA F 38 41.18 -25.25 -11.63
C ALA F 38 41.83 -26.58 -12.02
N PRO F 39 41.62 -27.05 -13.26
CA PRO F 39 42.07 -28.41 -13.62
C PRO F 39 43.56 -28.65 -13.41
N LYS F 40 44.41 -27.81 -14.01
CA LYS F 40 45.86 -27.91 -13.96
C LYS F 40 46.51 -27.40 -12.66
N ALA F 41 45.72 -26.94 -11.68
CA ALA F 41 46.29 -26.34 -10.46
C ALA F 41 46.95 -27.35 -9.53
N ARG F 42 48.21 -27.07 -9.17
CA ARG F 42 48.93 -27.81 -8.13
C ARG F 42 48.69 -27.10 -6.80
N ILE F 43 47.68 -27.53 -6.06
CA ILE F 43 47.27 -26.82 -4.84
C ILE F 43 46.32 -27.72 -4.07
N GLY F 44 46.19 -27.46 -2.76
CA GLY F 44 45.27 -28.15 -1.90
C GLY F 44 43.87 -28.24 -2.43
N ASP F 45 43.22 -29.37 -2.22
CA ASP F 45 41.84 -29.57 -2.64
C ASP F 45 40.89 -29.16 -1.50
N LEU F 46 39.63 -28.92 -1.87
CA LEU F 46 38.62 -28.42 -0.93
C LEU F 46 37.53 -29.46 -0.74
N ASP F 47 37.18 -29.73 0.52
CA ASP F 47 36.21 -30.78 0.84
C ASP F 47 34.82 -30.45 0.30
N LYS F 48 34.37 -29.21 0.47
CA LYS F 48 33.04 -28.80 0.02
C LYS F 48 33.15 -27.87 -1.19
N LYS F 49 32.17 -27.96 -2.07
CA LYS F 49 32.06 -27.07 -3.22
C LYS F 49 30.99 -26.01 -3.08
N LYS F 50 29.94 -26.28 -2.30
CA LYS F 50 28.79 -25.40 -2.20
C LYS F 50 28.90 -24.52 -0.97
N TYR F 51 28.82 -23.21 -1.15
CA TYR F 51 28.92 -22.26 -0.05
C TYR F 51 27.79 -21.25 -0.12
N LEU F 52 27.31 -20.84 1.05
CA LEU F 52 26.41 -19.70 1.18
C LEU F 52 27.21 -18.56 1.78
N VAL F 53 27.30 -17.45 1.05
CA VAL F 53 28.23 -16.36 1.35
C VAL F 53 27.44 -15.08 1.54
N PRO F 54 27.68 -14.31 2.60
CA PRO F 54 27.03 -13.00 2.74
C PRO F 54 27.33 -12.14 1.53
N SER F 55 26.28 -11.48 1.01
CA SER F 55 26.41 -10.77 -0.25
C SER F 55 27.21 -9.47 -0.13
N ASP F 56 27.45 -8.97 1.08
CA ASP F 56 28.29 -7.79 1.28
C ASP F 56 29.74 -8.14 1.62
N LEU F 57 30.08 -9.42 1.70
CA LEU F 57 31.45 -9.84 1.86
C LEU F 57 32.28 -9.49 0.62
N THR F 58 33.50 -9.00 0.83
CA THR F 58 34.36 -8.66 -0.29
C THR F 58 35.08 -9.89 -0.83
N VAL F 59 35.59 -9.75 -2.06
CA VAL F 59 36.42 -10.80 -2.65
C VAL F 59 37.67 -11.04 -1.82
N GLY F 60 38.26 -9.97 -1.28
CA GLY F 60 39.42 -10.14 -0.40
C GLY F 60 39.13 -10.99 0.82
N GLN F 61 38.01 -10.69 1.50
CA GLN F 61 37.62 -11.49 2.65
C GLN F 61 37.34 -12.94 2.24
N PHE F 62 36.82 -13.14 1.02
CA PHE F 62 36.64 -14.49 0.51
C PHE F 62 37.97 -15.19 0.29
N TYR F 63 38.97 -14.47 -0.25
CA TYR F 63 40.32 -15.00 -0.33
C TYR F 63 40.80 -15.47 1.03
N PHE F 64 40.60 -14.64 2.05
CA PHE F 64 41.06 -14.96 3.40
C PHE F 64 40.38 -16.23 3.92
N LEU F 65 39.06 -16.33 3.75
CA LEU F 65 38.33 -17.47 4.28
C LEU F 65 38.68 -18.75 3.53
N ILE F 66 38.80 -18.68 2.20
CA ILE F 66 39.14 -19.86 1.43
C ILE F 66 40.56 -20.30 1.75
N ARG F 67 41.49 -19.35 1.88
CA ARG F 67 42.83 -19.67 2.36
C ARG F 67 42.79 -20.45 3.66
N LYS F 68 41.97 -19.99 4.60
CA LYS F 68 41.84 -20.73 5.85
C LYS F 68 41.33 -22.15 5.61
N ARG F 69 40.40 -22.34 4.67
CA ARG F 69 39.83 -23.68 4.52
C ARG F 69 40.76 -24.66 3.81
N ILE F 70 41.62 -24.20 2.90
CA ILE F 70 42.55 -25.12 2.26
C ILE F 70 43.84 -25.24 3.04
N HIS F 71 43.94 -24.61 4.21
CA HIS F 71 45.11 -24.66 5.08
C HIS F 71 46.35 -24.13 4.37
N LEU F 72 46.19 -23.04 3.64
CA LEU F 72 47.29 -22.38 2.97
C LEU F 72 47.94 -21.35 3.89
N ARG F 73 49.24 -21.18 3.72
CA ARG F 73 49.93 -20.06 4.35
C ARG F 73 49.59 -18.76 3.64
N ALA F 74 49.77 -17.64 4.34
CA ALA F 74 49.54 -16.35 3.71
C ALA F 74 50.55 -16.08 2.60
N GLU F 75 51.73 -16.71 2.68
CA GLU F 75 52.75 -16.54 1.65
C GLU F 75 52.51 -17.43 0.43
N ASP F 76 51.60 -18.39 0.52
CA ASP F 76 51.24 -19.20 -0.65
C ASP F 76 50.26 -18.43 -1.52
N ALA F 77 50.40 -18.60 -2.83
CA ALA F 77 49.60 -17.81 -3.77
C ALA F 77 48.22 -18.42 -3.97
N LEU F 78 47.24 -17.55 -4.24
CA LEU F 78 45.86 -17.99 -4.43
C LEU F 78 45.16 -16.99 -5.34
N PHE F 79 44.62 -17.48 -6.45
CA PHE F 79 43.92 -16.67 -7.43
C PHE F 79 42.51 -17.21 -7.64
N PHE F 80 41.56 -16.30 -7.77
CA PHE F 80 40.19 -16.63 -8.15
C PHE F 80 39.93 -16.28 -9.60
N PHE F 81 38.95 -16.96 -10.18
CA PHE F 81 38.54 -16.75 -11.57
C PHE F 81 37.03 -16.85 -11.68
N VAL F 82 36.42 -15.85 -12.30
CA VAL F 82 35.02 -15.87 -12.68
C VAL F 82 34.97 -15.61 -14.19
N ASN F 83 34.55 -16.61 -14.96
CA ASN F 83 34.60 -16.58 -16.42
C ASN F 83 36.03 -16.30 -16.91
N ASN F 84 36.98 -17.01 -16.31
CA ASN F 84 38.40 -17.00 -16.66
C ASN F 84 39.08 -15.66 -16.38
N VAL F 85 38.41 -14.75 -15.68
CA VAL F 85 38.97 -13.44 -15.35
C VAL F 85 39.10 -13.35 -13.83
N ILE F 86 40.20 -12.78 -13.37
CA ILE F 86 40.41 -12.54 -11.95
C ILE F 86 39.49 -11.39 -11.51
N PRO F 87 38.58 -11.64 -10.57
CA PRO F 87 37.68 -10.57 -10.14
C PRO F 87 38.41 -9.53 -9.32
N PRO F 88 37.93 -8.29 -9.29
CA PRO F 88 38.56 -7.27 -8.45
C PRO F 88 38.44 -7.62 -6.98
N THR F 89 39.51 -7.35 -6.23
CA THR F 89 39.53 -7.68 -4.81
C THR F 89 38.49 -6.88 -4.02
N SER F 90 38.17 -5.67 -4.47
CA SER F 90 37.28 -4.78 -3.73
C SER F 90 35.81 -5.06 -3.99
N ALA F 91 35.48 -5.91 -4.96
CA ALA F 91 34.09 -6.21 -5.26
C ALA F 91 33.46 -7.07 -4.16
N THR F 92 32.17 -6.85 -3.93
CA THR F 92 31.42 -7.70 -3.02
C THR F 92 30.91 -8.95 -3.74
N MET F 93 30.62 -9.99 -2.96
CA MET F 93 30.09 -11.21 -3.56
C MET F 93 28.68 -10.99 -4.11
N GLY F 94 27.95 -10.01 -3.58
CA GLY F 94 26.67 -9.67 -4.16
C GLY F 94 26.81 -9.07 -5.55
N GLN F 95 27.75 -8.12 -5.70
CA GLN F 95 28.04 -7.56 -7.01
C GLN F 95 28.49 -8.65 -7.97
N LEU F 96 29.33 -9.56 -7.49
CA LEU F 96 29.82 -10.65 -8.33
C LEU F 96 28.69 -11.56 -8.77
N TYR F 97 27.75 -11.82 -7.86
CA TYR F 97 26.59 -12.63 -8.20
C TYR F 97 25.73 -11.94 -9.25
N GLN F 98 25.37 -10.67 -8.99
CA GLN F 98 24.57 -9.91 -9.94
C GLN F 98 25.20 -9.87 -11.32
N GLU F 99 26.54 -9.72 -11.37
CA GLU F 99 27.21 -9.61 -12.67
C GLU F 99 27.39 -10.94 -13.36
N HIS F 100 27.61 -12.04 -12.61
CA HIS F 100 28.12 -13.26 -13.21
C HIS F 100 27.38 -14.54 -12.81
N HIS F 101 26.26 -14.44 -12.08
CA HIS F 101 25.52 -15.65 -11.75
C HIS F 101 25.00 -16.30 -13.03
N GLU F 102 24.97 -17.62 -13.04
CA GLU F 102 24.52 -18.33 -14.22
C GLU F 102 23.03 -18.61 -14.13
N GLU F 103 22.49 -19.27 -15.16
CA GLU F 103 21.05 -19.41 -15.29
C GLU F 103 20.45 -20.42 -14.32
N ASP F 104 21.27 -21.08 -13.50
CA ASP F 104 20.79 -21.91 -12.40
C ASP F 104 20.79 -21.17 -11.08
N PHE F 105 21.00 -19.85 -11.10
CA PHE F 105 21.06 -19.00 -9.91
C PHE F 105 22.26 -19.30 -9.02
N PHE F 106 23.33 -19.86 -9.58
CA PHE F 106 24.57 -20.10 -8.86
C PHE F 106 25.69 -19.20 -9.37
N LEU F 107 26.62 -18.87 -8.48
CA LEU F 107 27.87 -18.23 -8.87
C LEU F 107 28.99 -19.28 -8.85
N TYR F 108 29.81 -19.27 -9.89
CA TYR F 108 30.88 -20.26 -10.06
C TYR F 108 32.23 -19.55 -10.01
N ILE F 109 33.10 -20.02 -9.11
CA ILE F 109 34.43 -19.45 -8.92
C ILE F 109 35.44 -20.59 -8.99
N ALA F 110 36.50 -20.40 -9.77
CA ALA F 110 37.62 -21.32 -9.77
C ALA F 110 38.77 -20.72 -8.99
N TYR F 111 39.58 -21.58 -8.37
CA TYR F 111 40.76 -21.10 -7.66
C TYR F 111 41.98 -21.89 -8.12
N SER F 112 43.14 -21.23 -8.07
CA SER F 112 44.38 -21.82 -8.54
C SER F 112 45.56 -21.19 -7.82
N ASP F 113 46.72 -21.82 -7.94
CA ASP F 113 47.98 -21.25 -7.51
C ASP F 113 48.65 -20.46 -8.62
N GLU F 114 48.07 -20.45 -9.80
CA GLU F 114 48.62 -19.81 -10.98
C GLU F 114 47.71 -18.65 -11.39
N SER F 115 48.31 -17.63 -11.98
CA SER F 115 47.55 -16.43 -12.35
C SER F 115 46.80 -16.57 -13.67
N VAL F 116 46.87 -17.73 -14.34
CA VAL F 116 46.15 -17.94 -15.59
C VAL F 116 45.39 -19.27 -15.52
N TYR F 117 44.10 -19.23 -15.88
CA TYR F 117 43.21 -20.40 -15.87
C TYR F 117 43.59 -21.43 -16.93
N MET G 3 -18.41 32.60 -27.00
CA MET G 3 -18.24 31.43 -27.85
C MET G 3 -18.48 30.11 -27.10
N LYS G 4 -19.52 29.41 -27.50
CA LYS G 4 -19.91 28.16 -26.85
C LYS G 4 -19.00 27.01 -27.27
N PHE G 5 -18.43 26.31 -26.29
CA PHE G 5 -17.67 25.09 -26.52
C PHE G 5 -18.50 23.91 -26.05
N VAL G 6 -18.69 22.91 -26.93
CA VAL G 6 -19.45 21.72 -26.58
C VAL G 6 -18.76 20.96 -25.45
N TYR G 7 -17.42 20.96 -25.46
CA TYR G 7 -16.67 20.25 -24.43
C TYR G 7 -17.05 20.73 -23.03
N LYS G 8 -17.36 22.02 -22.88
CA LYS G 8 -17.79 22.51 -21.57
C LYS G 8 -19.16 21.97 -21.20
N GLU G 9 -20.06 21.84 -22.17
CA GLU G 9 -21.39 21.33 -21.87
C GLU G 9 -21.38 19.84 -21.55
N GLU G 10 -20.36 19.12 -21.98
CA GLU G 10 -20.32 17.68 -21.77
C GLU G 10 -19.37 17.24 -20.66
N HIS G 11 -18.61 18.16 -20.08
CA HIS G 11 -17.76 17.85 -18.93
C HIS G 11 -17.95 18.93 -17.87
N PRO G 12 -18.42 18.59 -16.67
CA PRO G 12 -18.65 19.62 -15.65
C PRO G 12 -17.36 20.32 -15.24
N PHE G 13 -17.53 21.54 -14.73
CA PHE G 13 -16.39 22.41 -14.43
C PHE G 13 -15.43 21.77 -13.43
N GLU G 14 -15.95 21.07 -12.43
CA GLU G 14 -15.08 20.57 -11.35
C GLU G 14 -14.09 19.53 -11.88
N LYS G 15 -14.57 18.60 -12.72
CA LYS G 15 -13.66 17.60 -13.27
C LYS G 15 -12.67 18.24 -14.23
N ARG G 16 -13.14 19.17 -15.06
CA ARG G 16 -12.25 19.94 -15.92
C ARG G 16 -11.13 20.59 -15.11
N ARG G 17 -11.48 21.20 -13.99
CA ARG G 17 -10.49 21.96 -13.22
C ARG G 17 -9.47 21.03 -12.58
N SER G 18 -9.93 19.93 -11.97
CA SER G 18 -8.97 19.03 -11.33
C SER G 18 -8.09 18.32 -12.37
N GLU G 19 -8.65 18.05 -13.56
CA GLU G 19 -7.85 17.41 -14.59
C GLU G 19 -6.84 18.37 -15.19
N GLY G 20 -7.22 19.64 -15.36
CA GLY G 20 -6.27 20.65 -15.79
C GLY G 20 -5.13 20.84 -14.82
N GLU G 21 -5.44 20.90 -13.53
CA GLU G 21 -4.39 20.99 -12.52
C GLU G 21 -3.42 19.81 -12.63
N LYS G 22 -3.98 18.59 -12.67
CA LYS G 22 -3.13 17.40 -12.74
C LYS G 22 -2.26 17.42 -14.00
N ILE G 23 -2.81 17.85 -15.14
CA ILE G 23 -2.07 17.80 -16.39
C ILE G 23 -1.08 18.96 -16.52
N ARG G 24 -1.28 20.03 -15.76
CA ARG G 24 -0.24 21.07 -15.68
C ARG G 24 0.90 20.63 -14.78
N LYS G 25 0.61 19.79 -13.78
CA LYS G 25 1.68 19.27 -12.96
C LYS G 25 2.49 18.19 -13.68
N LYS G 26 1.81 17.30 -14.39
CA LYS G 26 2.51 16.20 -15.05
C LYS G 26 3.40 16.70 -16.19
N TYR G 27 2.95 17.73 -16.91
CA TYR G 27 3.65 18.23 -18.10
C TYR G 27 3.81 19.75 -17.94
N PRO G 28 4.76 20.19 -17.10
CA PRO G 28 4.86 21.64 -16.82
C PRO G 28 5.32 22.48 -18.00
N ASP G 29 5.94 21.89 -19.02
CA ASP G 29 6.38 22.64 -20.19
C ASP G 29 5.42 22.48 -21.37
N ARG G 30 4.25 21.90 -21.13
CA ARG G 30 3.21 21.76 -22.15
C ARG G 30 1.93 22.39 -21.61
N VAL G 31 1.13 22.94 -22.51
CA VAL G 31 -0.15 23.54 -22.15
C VAL G 31 -1.29 22.68 -22.67
N PRO G 32 -2.35 22.49 -21.88
CA PRO G 32 -3.54 21.77 -22.39
C PRO G 32 -4.46 22.73 -23.14
N VAL G 33 -4.91 22.29 -24.31
CA VAL G 33 -5.70 23.11 -25.22
C VAL G 33 -6.93 22.30 -25.63
N ILE G 34 -8.08 22.97 -25.64
CA ILE G 34 -9.30 22.43 -26.23
C ILE G 34 -9.49 23.12 -27.57
N VAL G 35 -9.63 22.33 -28.63
CA VAL G 35 -9.77 22.85 -29.98
C VAL G 35 -11.10 22.35 -30.54
N GLU G 36 -11.95 23.28 -30.97
CA GLU G 36 -13.24 22.94 -31.52
C GLU G 36 -13.52 23.78 -32.75
N LYS G 37 -14.26 23.20 -33.69
CA LYS G 37 -14.74 23.95 -34.83
C LYS G 37 -15.78 24.96 -34.39
N ALA G 38 -15.73 26.14 -34.98
CA ALA G 38 -16.75 27.13 -34.70
C ALA G 38 -18.10 26.60 -35.21
N PRO G 39 -19.21 26.97 -34.57
CA PRO G 39 -20.50 26.33 -34.91
C PRO G 39 -20.87 26.42 -36.39
N LYS G 40 -20.91 27.61 -36.97
CA LYS G 40 -21.28 27.80 -38.37
C LYS G 40 -20.15 27.52 -39.37
N ALA G 41 -18.96 27.08 -38.93
CA ALA G 41 -17.84 26.91 -39.89
C ALA G 41 -18.10 25.70 -40.80
N ARG G 42 -18.09 25.93 -42.12
CA ARG G 42 -18.20 24.86 -43.10
C ARG G 42 -16.78 24.38 -43.38
N ILE G 43 -16.35 23.37 -42.65
CA ILE G 43 -14.97 22.94 -42.67
C ILE G 43 -14.89 21.59 -41.97
N GLY G 44 -13.85 20.84 -42.27
CA GLY G 44 -13.61 19.54 -41.66
C GLY G 44 -13.71 19.55 -40.15
N ASP G 45 -14.28 18.48 -39.60
CA ASP G 45 -14.37 18.32 -38.17
C ASP G 45 -13.13 17.59 -37.64
N LEU G 46 -12.91 17.70 -36.33
CA LEU G 46 -11.72 17.17 -35.67
C LEU G 46 -12.07 16.04 -34.73
N ASP G 47 -11.29 14.97 -34.83
CA ASP G 47 -11.49 13.75 -34.06
C ASP G 47 -11.36 14.01 -32.58
N LYS G 48 -10.26 14.63 -32.18
CA LYS G 48 -9.87 14.92 -30.81
C LYS G 48 -10.05 16.42 -30.52
N LYS G 49 -10.41 16.71 -29.26
CA LYS G 49 -10.50 18.08 -28.78
C LYS G 49 -9.40 18.45 -27.79
N LYS G 50 -8.83 17.48 -27.09
CA LYS G 50 -7.85 17.73 -26.03
C LYS G 50 -6.45 17.53 -26.57
N TYR G 51 -5.60 18.55 -26.45
CA TYR G 51 -4.23 18.49 -26.93
C TYR G 51 -3.26 18.99 -25.86
N LEU G 52 -2.09 18.36 -25.81
CA LEU G 52 -0.97 18.88 -25.04
C LEU G 52 0.04 19.45 -26.03
N VAL G 53 0.33 20.74 -25.90
CA VAL G 53 1.09 21.49 -26.89
C VAL G 53 2.32 22.08 -26.21
N PRO G 54 3.51 21.94 -26.78
CA PRO G 54 4.68 22.62 -26.20
C PRO G 54 4.44 24.12 -26.09
N SER G 55 4.81 24.68 -24.93
CA SER G 55 4.45 26.06 -24.64
C SER G 55 5.26 27.07 -25.45
N ASP G 56 6.36 26.65 -26.07
CA ASP G 56 7.12 27.52 -26.95
C ASP G 56 6.76 27.35 -28.42
N LEU G 57 5.79 26.48 -28.73
CA LEU G 57 5.28 26.37 -30.08
C LEU G 57 4.53 27.64 -30.46
N THR G 58 4.77 28.12 -31.68
CA THR G 58 4.11 29.33 -32.14
C THR G 58 2.71 29.02 -32.68
N VAL G 59 1.89 30.08 -32.76
CA VAL G 59 0.56 29.95 -33.36
C VAL G 59 0.67 29.50 -34.81
N GLY G 60 1.66 29.99 -35.54
CA GLY G 60 1.86 29.54 -36.92
C GLY G 60 2.12 28.05 -37.02
N GLN G 61 2.99 27.53 -36.16
CA GLN G 61 3.24 26.09 -36.14
C GLN G 61 1.98 25.32 -35.76
N PHE G 62 1.15 25.91 -34.89
CA PHE G 62 -0.12 25.28 -34.55
C PHE G 62 -1.06 25.25 -35.74
N TYR G 63 -1.08 26.34 -36.53
CA TYR G 63 -1.80 26.34 -37.80
C TYR G 63 -1.36 25.17 -38.66
N PHE G 64 -0.04 24.98 -38.78
CA PHE G 64 0.47 23.91 -39.63
C PHE G 64 -0.01 22.55 -39.13
N LEU G 65 0.07 22.31 -37.83
CA LEU G 65 -0.28 21.01 -37.28
C LEU G 65 -1.78 20.74 -37.40
N ILE G 66 -2.60 21.75 -37.11
CA ILE G 66 -4.05 21.58 -37.20
C ILE G 66 -4.48 21.39 -38.65
N ARG G 67 -3.90 22.17 -39.57
CA ARG G 67 -4.13 21.94 -40.99
C ARG G 67 -3.85 20.49 -41.36
N LYS G 68 -2.74 19.93 -40.87
CA LYS G 68 -2.48 18.52 -41.15
C LYS G 68 -3.59 17.64 -40.59
N ARG G 69 -4.09 17.94 -39.38
CA ARG G 69 -5.07 17.02 -38.80
C ARG G 69 -6.47 17.12 -39.41
N ILE G 70 -6.89 18.28 -39.92
CA ILE G 70 -8.19 18.34 -40.56
C ILE G 70 -8.11 18.04 -42.04
N HIS G 71 -6.93 17.64 -42.53
CA HIS G 71 -6.72 17.25 -43.93
C HIS G 71 -7.05 18.41 -44.87
N LEU G 72 -6.65 19.61 -44.49
CA LEU G 72 -6.84 20.79 -45.33
C LEU G 72 -5.65 21.00 -46.24
N ARG G 73 -5.94 21.55 -47.42
CA ARG G 73 -4.89 22.05 -48.29
C ARG G 73 -4.32 23.35 -47.74
N ALA G 74 -3.10 23.66 -48.15
CA ALA G 74 -2.50 24.93 -47.73
C ALA G 74 -3.25 26.11 -48.33
N GLU G 75 -3.92 25.92 -49.46
CA GLU G 75 -4.69 26.98 -50.10
C GLU G 75 -6.07 27.15 -49.48
N ASP G 76 -6.52 26.23 -48.63
CA ASP G 76 -7.78 26.39 -47.94
C ASP G 76 -7.59 27.30 -46.73
N ALA G 77 -8.62 28.10 -46.43
CA ALA G 77 -8.48 29.11 -45.38
C ALA G 77 -8.71 28.50 -44.01
N LEU G 78 -8.00 29.04 -43.02
CA LEU G 78 -8.06 28.53 -41.66
C LEU G 78 -7.74 29.66 -40.69
N PHE G 79 -8.65 29.94 -39.78
CA PHE G 79 -8.53 31.01 -38.78
C PHE G 79 -8.69 30.43 -37.39
N PHE G 80 -7.89 30.92 -36.45
CA PHE G 80 -8.03 30.60 -35.04
C PHE G 80 -8.67 31.75 -34.28
N PHE G 81 -9.31 31.41 -33.17
CA PHE G 81 -9.98 32.39 -32.31
C PHE G 81 -9.79 32.02 -30.85
N VAL G 82 -9.31 32.98 -30.06
CA VAL G 82 -9.27 32.90 -28.61
C VAL G 82 -10.03 34.12 -28.08
N ASN G 83 -11.17 33.87 -27.43
CA ASN G 83 -12.07 34.94 -26.99
C ASN G 83 -12.48 35.83 -28.17
N ASN G 84 -12.85 35.17 -29.28
CA ASN G 84 -13.39 35.78 -30.50
C ASN G 84 -12.38 36.64 -31.23
N VAL G 85 -11.10 36.60 -30.84
CA VAL G 85 -10.05 37.37 -31.48
C VAL G 85 -9.07 36.41 -32.15
N ILE G 86 -8.62 36.77 -33.34
CA ILE G 86 -7.57 35.99 -34.00
C ILE G 86 -6.25 36.29 -33.31
N PRO G 87 -5.57 35.28 -32.76
CA PRO G 87 -4.31 35.55 -32.07
C PRO G 87 -3.21 35.86 -33.07
N PRO G 88 -2.19 36.61 -32.65
CA PRO G 88 -1.05 36.87 -33.55
C PRO G 88 -0.33 35.59 -33.91
N THR G 89 0.10 35.51 -35.18
CA THR G 89 0.76 34.30 -35.66
C THR G 89 2.08 34.04 -34.93
N SER G 90 2.77 35.08 -34.50
CA SER G 90 4.07 34.95 -33.88
C SER G 90 4.02 34.61 -32.39
N ALA G 91 2.85 34.66 -31.77
CA ALA G 91 2.75 34.37 -30.34
C ALA G 91 2.95 32.88 -30.07
N THR G 92 3.53 32.58 -28.91
CA THR G 92 3.66 31.19 -28.46
C THR G 92 2.39 30.75 -27.74
N MET G 93 2.19 29.43 -27.71
CA MET G 93 1.05 28.87 -26.99
C MET G 93 1.20 29.07 -25.48
N GLY G 94 2.44 29.21 -25.00
CA GLY G 94 2.64 29.53 -23.59
C GLY G 94 2.15 30.93 -23.25
N GLN G 95 2.51 31.92 -24.09
CA GLN G 95 1.99 33.27 -23.90
C GLN G 95 0.47 33.27 -23.96
N LEU G 96 -0.10 32.54 -24.91
CA LEU G 96 -1.54 32.48 -25.05
C LEU G 96 -2.18 31.85 -23.82
N TYR G 97 -1.54 30.83 -23.26
CA TYR G 97 -2.06 30.20 -22.04
C TYR G 97 -2.02 31.17 -20.88
N GLN G 98 -0.86 31.80 -20.65
CA GLN G 98 -0.72 32.76 -19.56
C GLN G 98 -1.76 33.87 -19.68
N GLU G 99 -2.04 34.32 -20.90
CA GLU G 99 -2.95 35.44 -21.11
C GLU G 99 -4.41 35.04 -21.03
N HIS G 100 -4.77 33.83 -21.48
CA HIS G 100 -6.17 33.52 -21.75
C HIS G 100 -6.65 32.19 -21.18
N HIS G 101 -5.85 31.52 -20.36
CA HIS G 101 -6.31 30.26 -19.77
C HIS G 101 -7.51 30.52 -18.88
N GLU G 102 -8.44 29.57 -18.86
CA GLU G 102 -9.64 29.74 -18.06
C GLU G 102 -9.45 29.10 -16.69
N GLU G 103 -10.49 29.16 -15.86
CA GLU G 103 -10.38 28.78 -14.46
C GLU G 103 -10.33 27.27 -14.25
N ASP G 104 -10.42 26.48 -15.32
CA ASP G 104 -10.16 25.05 -15.27
C ASP G 104 -8.75 24.70 -15.72
N PHE G 105 -7.88 25.70 -15.88
CA PHE G 105 -6.50 25.54 -16.32
C PHE G 105 -6.39 25.06 -17.76
N PHE G 106 -7.42 25.32 -18.57
CA PHE G 106 -7.40 24.99 -19.99
C PHE G 106 -7.34 26.25 -20.85
N LEU G 107 -6.75 26.10 -22.03
CA LEU G 107 -6.82 27.11 -23.07
C LEU G 107 -7.81 26.63 -24.13
N TYR G 108 -8.72 27.52 -24.56
CA TYR G 108 -9.77 27.17 -25.50
C TYR G 108 -9.55 27.92 -26.81
N ILE G 109 -9.45 27.18 -27.91
CA ILE G 109 -9.22 27.74 -29.24
C ILE G 109 -10.28 27.21 -30.19
N ALA G 110 -10.90 28.11 -30.95
CA ALA G 110 -11.81 27.71 -32.01
C ALA G 110 -11.13 27.91 -33.36
N TYR G 111 -11.55 27.11 -34.35
CA TYR G 111 -11.04 27.28 -35.71
C TYR G 111 -12.22 27.37 -36.67
N SER G 112 -12.00 28.09 -37.77
CA SER G 112 -13.05 28.32 -38.75
C SER G 112 -12.44 28.55 -40.12
N ASP G 113 -13.29 28.49 -41.13
CA ASP G 113 -12.92 28.90 -42.49
C ASP G 113 -13.24 30.36 -42.74
N GLU G 114 -13.85 31.04 -41.77
CA GLU G 114 -14.27 32.43 -41.90
C GLU G 114 -13.47 33.28 -40.92
N SER G 115 -13.25 34.54 -41.29
CA SER G 115 -12.41 35.43 -40.49
C SER G 115 -13.13 36.03 -39.29
N VAL G 116 -14.41 35.73 -39.10
CA VAL G 116 -15.18 36.20 -37.95
C VAL G 116 -15.88 35.01 -37.32
N TYR G 117 -15.80 34.92 -36.00
CA TYR G 117 -16.39 33.80 -35.27
C TYR G 117 -17.90 33.81 -35.42
N GLY G 118 -18.49 32.61 -35.51
CA GLY G 118 -19.92 32.48 -35.63
C GLY G 118 -20.35 31.03 -35.69
N MET H 3 3.01 -61.45 -10.30
CA MET H 3 4.19 -61.68 -9.47
C MET H 3 4.57 -60.44 -8.64
N LYS H 4 4.46 -60.57 -7.32
CA LYS H 4 4.73 -59.48 -6.40
C LYS H 4 6.24 -59.29 -6.21
N PHE H 5 6.71 -58.06 -6.43
CA PHE H 5 8.08 -57.68 -6.12
C PHE H 5 8.07 -56.81 -4.86
N VAL H 6 8.87 -57.20 -3.86
CA VAL H 6 8.97 -56.43 -2.62
C VAL H 6 9.55 -55.05 -2.89
N TYR H 7 10.49 -54.97 -3.85
CA TYR H 7 11.13 -53.71 -4.19
C TYR H 7 10.09 -52.66 -4.59
N LYS H 8 9.00 -53.08 -5.26
CA LYS H 8 7.95 -52.14 -5.60
C LYS H 8 7.19 -51.67 -4.37
N GLU H 9 6.98 -52.56 -3.40
CA GLU H 9 6.27 -52.20 -2.19
C GLU H 9 7.09 -51.29 -1.28
N GLU H 10 8.41 -51.27 -1.45
CA GLU H 10 9.25 -50.46 -0.59
C GLU H 10 9.76 -49.19 -1.27
N HIS H 11 9.50 -49.00 -2.56
CA HIS H 11 9.84 -47.76 -3.27
C HIS H 11 8.65 -47.34 -4.12
N PRO H 12 8.06 -46.17 -3.88
CA PRO H 12 6.90 -45.74 -4.68
C PRO H 12 7.26 -45.56 -6.15
N PHE H 13 6.23 -45.68 -6.99
CA PHE H 13 6.43 -45.69 -8.45
C PHE H 13 7.13 -44.44 -8.96
N GLU H 14 6.78 -43.26 -8.41
CA GLU H 14 7.30 -42.02 -8.98
C GLU H 14 8.81 -41.93 -8.83
N LYS H 15 9.33 -42.32 -7.67
CA LYS H 15 10.78 -42.28 -7.46
C LYS H 15 11.48 -43.33 -8.32
N ARG H 16 10.91 -44.54 -8.39
CA ARG H 16 11.41 -45.57 -9.30
C ARG H 16 11.54 -45.04 -10.72
N ARG H 17 10.51 -44.34 -11.19
CA ARG H 17 10.48 -43.86 -12.57
C ARG H 17 11.52 -42.77 -12.80
N SER H 18 11.64 -41.80 -11.88
CA SER H 18 12.62 -40.75 -12.10
C SER H 18 14.04 -41.28 -12.01
N GLU H 19 14.27 -42.28 -11.15
CA GLU H 19 15.61 -42.87 -11.06
C GLU H 19 15.92 -43.72 -12.28
N GLY H 20 14.92 -44.45 -12.79
CA GLY H 20 15.13 -45.20 -14.02
C GLY H 20 15.46 -44.30 -15.19
N GLU H 21 14.74 -43.19 -15.32
CA GLU H 21 15.07 -42.21 -16.36
C GLU H 21 16.50 -41.72 -16.22
N LYS H 22 16.89 -41.33 -14.99
CA LYS H 22 18.24 -40.82 -14.77
C LYS H 22 19.29 -41.87 -15.14
N ILE H 23 19.06 -43.12 -14.77
CA ILE H 23 20.08 -44.15 -14.98
C ILE H 23 20.08 -44.67 -16.41
N ARG H 24 19.00 -44.49 -17.16
CA ARG H 24 19.03 -44.78 -18.59
C ARG H 24 19.71 -43.66 -19.35
N LYS H 25 19.68 -42.44 -18.83
CA LYS H 25 20.42 -41.35 -19.47
C LYS H 25 21.91 -41.44 -19.19
N LYS H 26 22.30 -41.75 -17.94
CA LYS H 26 23.74 -41.78 -17.63
C LYS H 26 24.43 -42.95 -18.32
N TYR H 27 23.78 -44.10 -18.43
CA TYR H 27 24.37 -45.31 -18.97
C TYR H 27 23.45 -45.88 -20.04
N PRO H 28 23.43 -45.28 -21.23
CA PRO H 28 22.48 -45.72 -22.26
C PRO H 28 22.77 -47.11 -22.80
N ASP H 29 23.96 -47.66 -22.59
CA ASP H 29 24.28 -49.00 -23.07
C ASP H 29 24.15 -50.06 -21.99
N ARG H 30 23.61 -49.70 -20.83
CA ARG H 30 23.38 -50.68 -19.78
C ARG H 30 21.92 -50.58 -19.36
N VAL H 31 21.34 -51.70 -18.95
CA VAL H 31 19.94 -51.74 -18.52
C VAL H 31 19.84 -51.94 -17.01
N PRO H 32 18.91 -51.22 -16.34
CA PRO H 32 18.67 -51.47 -14.92
C PRO H 32 17.67 -52.59 -14.69
N VAL H 33 18.01 -53.51 -13.80
CA VAL H 33 17.24 -54.73 -13.57
C VAL H 33 16.98 -54.88 -12.08
N ILE H 34 15.75 -55.25 -11.73
CA ILE H 34 15.41 -55.68 -10.37
C ILE H 34 15.32 -57.19 -10.36
N VAL H 35 16.07 -57.83 -9.46
CA VAL H 35 16.13 -59.29 -9.37
C VAL H 35 15.69 -59.69 -7.96
N GLU H 36 14.66 -60.54 -7.89
CA GLU H 36 14.16 -61.00 -6.60
C GLU H 36 13.89 -62.50 -6.68
N LYS H 37 14.09 -63.17 -5.55
CA LYS H 37 13.73 -64.57 -5.45
C LYS H 37 12.22 -64.71 -5.49
N ALA H 38 11.74 -65.75 -6.17
CA ALA H 38 10.31 -66.02 -6.13
C ALA H 38 9.93 -66.40 -4.71
N PRO H 39 8.70 -66.09 -4.29
CA PRO H 39 8.35 -66.26 -2.85
C PRO H 39 8.58 -67.67 -2.32
N LYS H 40 7.99 -68.69 -2.93
CA LYS H 40 8.12 -70.07 -2.46
C LYS H 40 9.43 -70.76 -2.85
N ALA H 41 10.39 -70.10 -3.51
CA ALA H 41 11.59 -70.81 -3.98
C ALA H 41 12.50 -71.18 -2.80
N ARG H 42 12.83 -72.47 -2.69
CA ARG H 42 13.79 -72.92 -1.68
C ARG H 42 15.16 -72.81 -2.29
N ILE H 43 15.82 -71.66 -2.07
CA ILE H 43 17.05 -71.34 -2.76
C ILE H 43 17.65 -70.15 -2.05
N GLY H 44 18.96 -69.98 -2.19
CA GLY H 44 19.63 -68.83 -1.63
C GLY H 44 18.99 -67.50 -1.95
N ASP H 45 18.98 -66.58 -0.99
CA ASP H 45 18.49 -65.24 -1.21
C ASP H 45 19.60 -64.38 -1.77
N LEU H 46 19.22 -63.20 -2.28
CA LEU H 46 20.13 -62.30 -2.95
C LEU H 46 20.29 -61.04 -2.11
N ASP H 47 21.54 -60.62 -1.89
CA ASP H 47 21.83 -59.50 -1.02
C ASP H 47 21.25 -58.19 -1.57
N LYS H 48 21.51 -57.90 -2.85
CA LYS H 48 21.01 -56.69 -3.50
C LYS H 48 20.02 -57.04 -4.59
N LYS H 49 19.17 -56.06 -4.93
CA LYS H 49 18.12 -56.23 -5.93
C LYS H 49 18.34 -55.42 -7.21
N LYS H 50 19.09 -54.31 -7.14
CA LYS H 50 19.27 -53.41 -8.27
C LYS H 50 20.58 -53.71 -8.97
N TYR H 51 20.51 -53.96 -10.28
CA TYR H 51 21.70 -54.26 -11.06
C TYR H 51 21.72 -53.42 -12.33
N LEU H 52 22.91 -52.99 -12.73
CA LEU H 52 23.16 -52.40 -14.05
C LEU H 52 23.92 -53.43 -14.86
N VAL H 53 23.34 -53.85 -15.99
CA VAL H 53 23.81 -54.98 -16.77
C VAL H 53 24.08 -54.51 -18.20
N PRO H 54 25.21 -54.85 -18.81
CA PRO H 54 25.42 -54.53 -20.22
C PRO H 54 24.31 -55.10 -21.10
N SER H 55 23.83 -54.28 -22.03
CA SER H 55 22.66 -54.66 -22.81
C SER H 55 22.92 -55.76 -23.82
N ASP H 56 24.19 -56.05 -24.14
CA ASP H 56 24.52 -57.16 -25.02
C ASP H 56 24.86 -58.43 -24.25
N LEU H 57 24.81 -58.39 -22.92
CA LEU H 57 24.96 -59.60 -22.12
C LEU H 57 23.77 -60.53 -22.39
N THR H 58 24.06 -61.82 -22.54
CA THR H 58 23.00 -62.78 -22.78
C THR H 58 22.33 -63.20 -21.48
N VAL H 59 21.13 -63.76 -21.62
CA VAL H 59 20.42 -64.32 -20.47
C VAL H 59 21.24 -65.45 -19.85
N GLY H 60 21.90 -66.26 -20.68
CA GLY H 60 22.76 -67.32 -20.15
C GLY H 60 23.88 -66.78 -19.27
N GLN H 61 24.58 -65.76 -19.75
CA GLN H 61 25.62 -65.15 -18.94
C GLN H 61 25.06 -64.57 -17.64
N PHE H 62 23.83 -64.05 -17.69
CA PHE H 62 23.19 -63.57 -16.48
C PHE H 62 22.89 -64.72 -15.52
N TYR H 63 22.45 -65.86 -16.06
CA TYR H 63 22.33 -67.08 -15.25
C TYR H 63 23.64 -67.38 -14.54
N PHE H 64 24.74 -67.34 -15.29
CA PHE H 64 26.05 -67.66 -14.72
C PHE H 64 26.40 -66.71 -13.58
N LEU H 65 26.20 -65.40 -13.80
CA LEU H 65 26.58 -64.42 -12.78
C LEU H 65 25.70 -64.52 -11.54
N ILE H 66 24.38 -64.70 -11.74
CA ILE H 66 23.48 -64.81 -10.59
C ILE H 66 23.74 -66.10 -9.82
N ARG H 67 23.97 -67.21 -10.54
CA ARG H 67 24.39 -68.46 -9.90
C ARG H 67 25.61 -68.23 -9.03
N LYS H 68 26.59 -67.49 -9.54
CA LYS H 68 27.76 -67.16 -8.75
C LYS H 68 27.37 -66.40 -7.48
N ARG H 69 26.39 -65.50 -7.59
CA ARG H 69 26.07 -64.64 -6.44
C ARG H 69 25.30 -65.37 -5.34
N ILE H 70 24.45 -66.35 -5.69
CA ILE H 70 23.66 -67.07 -4.68
C ILE H 70 24.38 -68.32 -4.20
N HIS H 71 25.62 -68.51 -4.65
CA HIS H 71 26.47 -69.63 -4.24
C HIS H 71 25.85 -70.98 -4.65
N LEU H 72 25.32 -71.04 -5.87
CA LEU H 72 24.77 -72.26 -6.44
C LEU H 72 25.82 -73.02 -7.23
N ARG H 73 25.68 -74.34 -7.25
CA ARG H 73 26.45 -75.14 -8.18
C ARG H 73 25.89 -74.96 -9.60
N ALA H 74 26.73 -75.22 -10.59
CA ALA H 74 26.26 -75.16 -11.98
C ALA H 74 25.26 -76.27 -12.28
N GLU H 75 25.31 -77.37 -11.54
CA GLU H 75 24.38 -78.48 -11.71
C GLU H 75 23.06 -78.26 -10.97
N ASP H 76 22.97 -77.26 -10.11
CA ASP H 76 21.71 -76.92 -9.46
C ASP H 76 20.85 -76.10 -10.40
N ALA H 77 19.54 -76.29 -10.31
CA ALA H 77 18.64 -75.65 -11.25
C ALA H 77 18.36 -74.21 -10.86
N LEU H 78 18.17 -73.37 -11.88
CA LEU H 78 17.93 -71.95 -11.69
C LEU H 78 17.14 -71.43 -12.89
N PHE H 79 15.98 -70.86 -12.63
CA PHE H 79 15.08 -70.37 -13.67
C PHE H 79 14.81 -68.90 -13.46
N PHE H 80 14.76 -68.16 -14.57
CA PHE H 80 14.34 -66.77 -14.58
C PHE H 80 12.91 -66.67 -15.11
N PHE H 81 12.24 -65.59 -14.70
CA PHE H 81 10.88 -65.31 -15.10
C PHE H 81 10.74 -63.82 -15.35
N VAL H 82 10.22 -63.46 -16.51
CA VAL H 82 9.81 -62.11 -16.85
C VAL H 82 8.34 -62.19 -17.24
N ASN H 83 7.47 -61.61 -16.42
CA ASN H 83 6.01 -61.74 -16.59
C ASN H 83 5.59 -63.21 -16.59
N ASN H 84 6.11 -63.97 -15.63
CA ASN H 84 5.77 -65.37 -15.37
C ASN H 84 6.18 -66.31 -16.50
N VAL H 85 6.96 -65.83 -17.45
CA VAL H 85 7.47 -66.66 -18.56
C VAL H 85 8.99 -66.74 -18.45
N ILE H 86 9.54 -67.91 -18.74
CA ILE H 86 10.98 -68.10 -18.78
C ILE H 86 11.52 -67.43 -20.04
N PRO H 87 12.43 -66.45 -19.93
CA PRO H 87 12.95 -65.81 -21.13
C PRO H 87 13.92 -66.73 -21.87
N PRO H 88 14.08 -66.54 -23.17
CA PRO H 88 15.04 -67.37 -23.92
C PRO H 88 16.47 -67.15 -23.45
N THR H 89 17.23 -68.25 -23.37
CA THR H 89 18.60 -68.18 -22.88
C THR H 89 19.51 -67.38 -23.82
N SER H 90 19.22 -67.41 -25.12
CA SER H 90 20.07 -66.75 -26.09
C SER H 90 19.78 -65.26 -26.24
N ALA H 91 18.70 -64.77 -25.63
CA ALA H 91 18.35 -63.36 -25.75
C ALA H 91 19.32 -62.49 -24.95
N THR H 92 19.53 -61.27 -25.44
CA THR H 92 20.32 -60.30 -24.71
C THR H 92 19.43 -59.58 -23.69
N MET H 93 20.08 -59.02 -22.66
CA MET H 93 19.34 -58.24 -21.68
C MET H 93 18.78 -56.96 -22.28
N GLY H 94 19.40 -56.45 -23.35
CA GLY H 94 18.85 -55.31 -24.05
C GLY H 94 17.55 -55.63 -24.77
N GLN H 95 17.52 -56.77 -25.48
CA GLN H 95 16.29 -57.22 -26.11
C GLN H 95 15.20 -57.43 -25.07
N LEU H 96 15.57 -58.02 -23.93
CA LEU H 96 14.63 -58.25 -22.85
C LEU H 96 14.11 -56.94 -22.29
N TYR H 97 14.98 -55.94 -22.19
CA TYR H 97 14.56 -54.63 -21.71
C TYR H 97 13.57 -53.98 -22.65
N GLN H 98 13.93 -53.89 -23.93
CA GLN H 98 13.01 -53.30 -24.92
C GLN H 98 11.67 -54.01 -24.91
N GLU H 99 11.68 -55.33 -24.77
CA GLU H 99 10.42 -56.07 -24.85
C GLU H 99 9.59 -55.96 -23.59
N HIS H 100 10.23 -55.87 -22.41
CA HIS H 100 9.50 -56.08 -21.16
C HIS H 100 9.76 -55.05 -20.07
N HIS H 101 10.47 -53.96 -20.37
CA HIS H 101 10.68 -52.96 -19.33
C HIS H 101 9.35 -52.33 -18.94
N GLU H 102 9.23 -51.98 -17.66
CA GLU H 102 8.00 -51.41 -17.14
C GLU H 102 8.05 -49.89 -17.20
N GLU H 103 6.99 -49.24 -16.70
CA GLU H 103 6.80 -47.81 -16.88
C GLU H 103 7.70 -46.98 -15.98
N ASP H 104 8.50 -47.61 -15.12
CA ASP H 104 9.55 -46.95 -14.36
C ASP H 104 10.92 -47.09 -15.01
N PHE H 105 10.98 -47.59 -16.24
CA PHE H 105 12.21 -47.81 -16.99
C PHE H 105 13.10 -48.88 -16.38
N PHE H 106 12.52 -49.79 -15.60
CA PHE H 106 13.22 -50.92 -15.02
C PHE H 106 12.76 -52.23 -15.67
N LEU H 107 13.66 -53.21 -15.68
CA LEU H 107 13.34 -54.59 -16.03
C LEU H 107 13.25 -55.41 -14.76
N TYR H 108 12.21 -56.23 -14.64
CA TYR H 108 11.97 -57.02 -13.44
C TYR H 108 12.11 -58.50 -13.77
N ILE H 109 12.97 -59.18 -13.03
CA ILE H 109 13.25 -60.60 -13.22
C ILE H 109 13.09 -61.30 -11.87
N ALA H 110 12.36 -62.40 -11.87
CA ALA H 110 12.30 -63.27 -10.70
C ALA H 110 13.14 -64.52 -10.97
N TYR H 111 13.71 -65.11 -9.93
CA TYR H 111 14.45 -66.34 -10.09
C TYR H 111 13.93 -67.38 -9.09
N SER H 112 14.04 -68.65 -9.47
CA SER H 112 13.52 -69.74 -8.65
C SER H 112 14.30 -71.01 -8.94
N ASP H 113 14.13 -72.00 -8.06
CA ASP H 113 14.62 -73.35 -8.30
C ASP H 113 13.57 -74.21 -8.97
N GLU H 114 12.39 -73.66 -9.22
CA GLU H 114 11.27 -74.36 -9.83
C GLU H 114 10.98 -73.75 -11.20
N SER H 115 10.50 -74.59 -12.12
CA SER H 115 10.27 -74.14 -13.50
C SER H 115 8.96 -73.39 -13.67
N VAL H 116 8.17 -73.22 -12.61
CA VAL H 116 6.93 -72.47 -12.64
C VAL H 116 6.93 -71.50 -11.48
N TYR H 117 6.55 -70.25 -11.74
CA TYR H 117 6.55 -69.21 -10.73
C TYR H 117 5.53 -69.51 -9.64
N GLY H 118 5.88 -69.14 -8.41
CA GLY H 118 5.02 -69.35 -7.27
C GLY H 118 5.64 -68.88 -5.96
N MET I 3 -32.74 -9.19 0.55
CA MET I 3 -32.69 -9.63 -0.84
C MET I 3 -31.36 -9.26 -1.53
N LYS I 4 -30.59 -10.29 -1.86
CA LYS I 4 -29.28 -10.11 -2.48
C LYS I 4 -29.41 -9.74 -3.96
N PHE I 5 -28.78 -8.63 -4.35
CA PHE I 5 -28.66 -8.24 -5.74
C PHE I 5 -27.23 -8.50 -6.22
N VAL I 6 -27.11 -9.23 -7.33
CA VAL I 6 -25.79 -9.52 -7.90
C VAL I 6 -25.10 -8.24 -8.35
N TYR I 7 -25.89 -7.28 -8.85
CA TYR I 7 -25.33 -6.01 -9.29
C TYR I 7 -24.54 -5.33 -8.17
N LYS I 8 -25.00 -5.47 -6.93
CA LYS I 8 -24.27 -4.88 -5.80
C LYS I 8 -22.95 -5.61 -5.57
N GLU I 9 -22.94 -6.93 -5.76
CA GLU I 9 -21.72 -7.70 -5.56
C GLU I 9 -20.70 -7.45 -6.67
N GLU I 10 -21.14 -6.97 -7.83
CA GLU I 10 -20.23 -6.76 -8.95
C GLU I 10 -19.86 -5.29 -9.17
N HIS I 11 -20.47 -4.36 -8.43
CA HIS I 11 -20.09 -2.95 -8.48
C HIS I 11 -20.01 -2.43 -7.06
N PRO I 12 -18.85 -1.98 -6.60
CA PRO I 12 -18.74 -1.48 -5.22
C PRO I 12 -19.60 -0.25 -4.99
N PHE I 13 -19.95 -0.04 -3.72
CA PHE I 13 -20.91 1.00 -3.35
C PHE I 13 -20.49 2.39 -3.84
N GLU I 14 -19.19 2.71 -3.74
CA GLU I 14 -18.74 4.07 -4.04
C GLU I 14 -18.98 4.42 -5.52
N LYS I 15 -18.69 3.47 -6.41
CA LYS I 15 -18.88 3.73 -7.84
C LYS I 15 -20.36 3.88 -8.14
N ARG I 16 -21.18 2.99 -7.56
CA ARG I 16 -22.63 3.08 -7.67
C ARG I 16 -23.13 4.44 -7.23
N ARG I 17 -22.62 4.95 -6.10
CA ARG I 17 -23.17 6.19 -5.55
C ARG I 17 -22.81 7.37 -6.44
N SER I 18 -21.56 7.44 -6.90
CA SER I 18 -21.20 8.57 -7.75
C SER I 18 -21.91 8.51 -9.11
N GLU I 19 -22.14 7.31 -9.64
CA GLU I 19 -22.84 7.23 -10.92
C GLU I 19 -24.31 7.56 -10.76
N GLY I 20 -24.93 7.12 -9.67
CA GLY I 20 -26.30 7.50 -9.38
C GLY I 20 -26.47 9.00 -9.23
N GLU I 21 -25.54 9.64 -8.52
CA GLU I 21 -25.57 11.09 -8.42
C GLU I 21 -25.52 11.74 -9.80
N LYS I 22 -24.55 11.30 -10.62
CA LYS I 22 -24.39 11.88 -11.94
C LYS I 22 -25.65 11.71 -12.78
N ILE I 23 -26.28 10.54 -12.71
CA ILE I 23 -27.43 10.27 -13.57
C ILE I 23 -28.72 10.88 -13.01
N ARG I 24 -28.76 11.21 -11.71
CA ARG I 24 -29.88 11.99 -11.20
C ARG I 24 -29.74 13.46 -11.56
N LYS I 25 -28.50 13.93 -11.72
CA LYS I 25 -28.31 15.31 -12.15
C LYS I 25 -28.58 15.48 -13.64
N LYS I 26 -28.12 14.54 -14.47
CA LYS I 26 -28.31 14.68 -15.91
C LYS I 26 -29.77 14.56 -16.31
N TYR I 27 -30.52 13.68 -15.64
CA TYR I 27 -31.92 13.40 -15.99
C TYR I 27 -32.77 13.49 -14.73
N PRO I 28 -33.06 14.72 -14.28
CA PRO I 28 -33.80 14.86 -13.00
C PRO I 28 -35.24 14.37 -13.08
N ASP I 29 -35.78 14.17 -14.28
CA ASP I 29 -37.14 13.69 -14.45
C ASP I 29 -37.21 12.18 -14.69
N ARG I 30 -36.09 11.48 -14.56
CA ARG I 30 -36.04 10.04 -14.70
C ARG I 30 -35.37 9.43 -13.48
N VAL I 31 -35.79 8.22 -13.12
CA VAL I 31 -35.21 7.50 -11.99
C VAL I 31 -34.38 6.32 -12.50
N PRO I 32 -33.21 6.07 -11.90
CA PRO I 32 -32.43 4.87 -12.25
C PRO I 32 -32.88 3.66 -11.44
N VAL I 33 -33.07 2.53 -12.10
CA VAL I 33 -33.63 1.34 -11.48
C VAL I 33 -32.73 0.14 -11.81
N ILE I 34 -32.47 -0.68 -10.79
CA ILE I 34 -31.84 -1.98 -10.98
C ILE I 34 -32.93 -3.05 -10.88
N VAL I 35 -33.05 -3.89 -11.90
CA VAL I 35 -34.06 -4.93 -11.96
C VAL I 35 -33.35 -6.28 -12.07
N GLU I 36 -33.63 -7.19 -11.14
CA GLU I 36 -33.03 -8.50 -11.15
C GLU I 36 -34.08 -9.55 -10.83
N LYS I 37 -33.91 -10.74 -11.42
CA LYS I 37 -34.75 -11.87 -11.08
C LYS I 37 -34.46 -12.33 -9.66
N ALA I 38 -35.50 -12.75 -8.96
CA ALA I 38 -35.30 -13.31 -7.63
C ALA I 38 -34.49 -14.60 -7.78
N PRO I 39 -33.68 -14.95 -6.76
CA PRO I 39 -32.73 -16.06 -6.94
C PRO I 39 -33.36 -17.39 -7.34
N LYS I 40 -34.32 -17.89 -6.56
CA LYS I 40 -35.00 -19.17 -6.77
C LYS I 40 -36.12 -19.13 -7.82
N ALA I 41 -36.39 -18.00 -8.48
CA ALA I 41 -37.51 -17.89 -9.41
C ALA I 41 -37.31 -18.69 -10.72
N ARG I 42 -38.31 -19.50 -11.08
CA ARG I 42 -38.36 -20.21 -12.38
C ARG I 42 -39.06 -19.32 -13.38
N ILE I 43 -38.28 -18.50 -14.10
CA ILE I 43 -38.83 -17.50 -15.01
C ILE I 43 -37.69 -16.98 -15.87
N GLY I 44 -38.03 -16.43 -17.03
CA GLY I 44 -37.02 -15.84 -17.90
C GLY I 44 -36.08 -14.85 -17.23
N ASP I 45 -34.82 -14.85 -17.64
CA ASP I 45 -33.85 -13.87 -17.18
C ASP I 45 -33.94 -12.60 -18.03
N LEU I 46 -33.34 -11.54 -17.50
CA LEU I 46 -33.39 -10.22 -18.12
C LEU I 46 -31.99 -9.85 -18.60
N ASP I 47 -31.89 -9.42 -19.86
CA ASP I 47 -30.57 -9.13 -20.44
C ASP I 47 -29.89 -7.95 -19.74
N LYS I 48 -30.62 -6.85 -19.51
CA LYS I 48 -30.03 -5.70 -18.84
C LYS I 48 -30.63 -5.51 -17.45
N LYS I 49 -29.84 -4.91 -16.56
CA LYS I 49 -30.28 -4.63 -15.19
C LYS I 49 -30.53 -3.15 -14.91
N LYS I 50 -29.86 -2.25 -15.64
CA LYS I 50 -29.94 -0.81 -15.39
C LYS I 50 -30.93 -0.16 -16.34
N TYR I 51 -31.91 0.55 -15.78
CA TYR I 51 -32.92 1.22 -16.58
C TYR I 51 -33.07 2.66 -16.13
N LEU I 52 -33.30 3.56 -17.09
CA LEU I 52 -33.75 4.92 -16.80
C LEU I 52 -35.23 5.00 -17.12
N VAL I 53 -36.04 5.32 -16.12
CA VAL I 53 -37.49 5.21 -16.22
C VAL I 53 -38.09 6.56 -15.93
N PRO I 54 -39.00 7.06 -16.78
CA PRO I 54 -39.71 8.31 -16.45
C PRO I 54 -40.41 8.18 -15.11
N SER I 55 -40.29 9.22 -14.28
CA SER I 55 -40.75 9.11 -12.90
C SER I 55 -42.26 9.10 -12.78
N ASP I 56 -42.99 9.47 -13.84
CA ASP I 56 -44.46 9.39 -13.81
C ASP I 56 -44.98 8.10 -14.42
N LEU I 57 -44.09 7.21 -14.87
CA LEU I 57 -44.51 5.89 -15.31
C LEU I 57 -45.04 5.09 -14.13
N THR I 58 -46.15 4.39 -14.34
CA THR I 58 -46.76 3.60 -13.28
C THR I 58 -46.08 2.24 -13.17
N VAL I 59 -46.28 1.62 -12.00
CA VAL I 59 -45.78 0.26 -11.79
C VAL I 59 -46.43 -0.71 -12.77
N GLY I 60 -47.71 -0.50 -13.08
CA GLY I 60 -48.37 -1.35 -14.08
C GLY I 60 -47.72 -1.29 -15.44
N GLN I 61 -47.45 -0.07 -15.92
CA GLN I 61 -46.76 0.08 -17.20
C GLN I 61 -45.37 -0.55 -17.16
N PHE I 62 -44.72 -0.49 -16.00
CA PHE I 62 -43.43 -1.15 -15.83
C PHE I 62 -43.58 -2.67 -15.92
N TYR I 63 -44.64 -3.21 -15.30
CA TYR I 63 -44.97 -4.63 -15.47
C TYR I 63 -45.09 -4.96 -16.96
N PHE I 64 -45.81 -4.13 -17.71
CA PHE I 64 -46.01 -4.37 -19.13
C PHE I 64 -44.68 -4.41 -19.87
N LEU I 65 -43.81 -3.43 -19.60
CA LEU I 65 -42.55 -3.34 -20.33
C LEU I 65 -41.62 -4.49 -19.98
N ILE I 66 -41.55 -4.84 -18.69
CA ILE I 66 -40.68 -5.94 -18.28
C ILE I 66 -41.21 -7.25 -18.83
N ARG I 67 -42.52 -7.46 -18.78
CA ARG I 67 -43.16 -8.61 -19.40
C ARG I 67 -42.76 -8.73 -20.86
N LYS I 68 -42.79 -7.61 -21.59
CA LYS I 68 -42.34 -7.61 -22.98
C LYS I 68 -40.90 -8.08 -23.08
N ARG I 69 -40.03 -7.63 -22.15
CA ARG I 69 -38.61 -7.93 -22.30
C ARG I 69 -38.26 -9.37 -21.92
N ILE I 70 -38.99 -10.00 -21.00
CA ILE I 70 -38.72 -11.40 -20.67
C ILE I 70 -39.53 -12.37 -21.51
N HIS I 71 -40.28 -11.86 -22.50
CA HIS I 71 -41.08 -12.68 -23.42
C HIS I 71 -42.16 -13.47 -22.67
N LEU I 72 -42.79 -12.82 -21.70
CA LEU I 72 -43.91 -13.40 -20.98
C LEU I 72 -45.23 -13.04 -21.64
N ARG I 73 -46.20 -13.94 -21.53
CA ARG I 73 -47.57 -13.61 -21.88
C ARG I 73 -48.17 -12.71 -20.81
N ALA I 74 -49.22 -11.98 -21.21
CA ALA I 74 -49.96 -11.18 -20.23
C ALA I 74 -50.68 -12.07 -19.22
N GLU I 75 -50.99 -13.30 -19.59
CA GLU I 75 -51.64 -14.25 -18.69
C GLU I 75 -50.67 -14.95 -17.75
N ASP I 76 -49.36 -14.85 -18.00
CA ASP I 76 -48.37 -15.39 -17.08
C ASP I 76 -48.15 -14.40 -15.94
N ALA I 77 -47.92 -14.94 -14.74
CA ALA I 77 -47.84 -14.08 -13.57
C ALA I 77 -46.45 -13.47 -13.43
N LEU I 78 -46.42 -12.25 -12.88
CA LEU I 78 -45.18 -11.50 -12.71
C LEU I 78 -45.35 -10.55 -11.53
N PHE I 79 -44.48 -10.67 -10.54
CA PHE I 79 -44.54 -9.87 -9.33
C PHE I 79 -43.25 -9.08 -9.15
N PHE I 80 -43.38 -7.84 -8.69
CA PHE I 80 -42.26 -7.00 -8.30
C PHE I 80 -42.16 -6.96 -6.78
N PHE I 81 -40.94 -6.68 -6.31
CA PHE I 81 -40.63 -6.58 -4.90
C PHE I 81 -39.67 -5.43 -4.68
N VAL I 82 -40.02 -4.54 -3.74
CA VAL I 82 -39.14 -3.51 -3.23
C VAL I 82 -39.07 -3.72 -1.73
N ASN I 83 -37.88 -4.11 -1.24
CA ASN I 83 -37.70 -4.50 0.15
C ASN I 83 -38.67 -5.62 0.55
N ASN I 84 -38.76 -6.63 -0.32
CA ASN I 84 -39.53 -7.85 -0.12
C ASN I 84 -41.03 -7.60 -0.09
N VAL I 85 -41.49 -6.40 -0.42
CA VAL I 85 -42.90 -6.06 -0.44
C VAL I 85 -43.30 -5.75 -1.88
N ILE I 86 -44.49 -6.20 -2.26
CA ILE I 86 -45.04 -5.90 -3.59
C ILE I 86 -45.51 -4.45 -3.63
N PRO I 87 -44.98 -3.63 -4.54
CA PRO I 87 -45.43 -2.24 -4.61
C PRO I 87 -46.82 -2.16 -5.21
N PRO I 88 -47.58 -1.11 -4.87
CA PRO I 88 -48.91 -0.95 -5.50
C PRO I 88 -48.79 -0.72 -6.99
N THR I 89 -49.72 -1.33 -7.74
CA THR I 89 -49.67 -1.22 -9.20
C THR I 89 -49.86 0.20 -9.69
N SER I 90 -50.64 1.00 -8.95
CA SER I 90 -50.96 2.36 -9.37
C SER I 90 -49.88 3.37 -9.02
N ALA I 91 -48.87 2.98 -8.24
CA ALA I 91 -47.82 3.91 -7.85
C ALA I 91 -46.93 4.25 -9.03
N THR I 92 -46.43 5.49 -9.04
CA THR I 92 -45.45 5.89 -10.03
C THR I 92 -44.05 5.49 -9.59
N MET I 93 -43.15 5.37 -10.57
CA MET I 93 -41.76 5.05 -10.25
C MET I 93 -41.09 6.18 -9.50
N GLY I 94 -41.56 7.43 -9.68
CA GLY I 94 -41.04 8.52 -8.89
C GLY I 94 -41.40 8.42 -7.42
N GLN I 95 -42.66 8.10 -7.13
CA GLN I 95 -43.07 7.85 -5.75
C GLN I 95 -42.26 6.72 -5.14
N LEU I 96 -42.07 5.65 -5.91
CA LEU I 96 -41.31 4.50 -5.44
C LEU I 96 -39.86 4.88 -5.16
N TYR I 97 -39.30 5.73 -6.02
CA TYR I 97 -37.93 6.19 -5.81
C TYR I 97 -37.81 7.00 -4.53
N GLN I 98 -38.67 8.02 -4.38
CA GLN I 98 -38.64 8.83 -3.16
C GLN I 98 -38.79 7.97 -1.92
N GLU I 99 -39.67 6.97 -1.96
CA GLU I 99 -39.94 6.18 -0.77
C GLU I 99 -38.83 5.17 -0.48
N HIS I 100 -38.19 4.60 -1.51
CA HIS I 100 -37.38 3.40 -1.32
C HIS I 100 -36.01 3.44 -1.97
N HIS I 101 -35.57 4.57 -2.53
CA HIS I 101 -34.24 4.63 -3.12
C HIS I 101 -33.17 4.39 -2.07
N GLU I 102 -32.09 3.74 -2.47
CA GLU I 102 -31.02 3.40 -1.54
C GLU I 102 -29.97 4.50 -1.54
N GLU I 103 -28.91 4.29 -0.74
CA GLU I 103 -27.94 5.34 -0.49
C GLU I 103 -27.00 5.59 -1.66
N ASP I 104 -27.11 4.79 -2.73
CA ASP I 104 -26.39 5.02 -3.97
C ASP I 104 -27.26 5.72 -5.00
N PHE I 105 -28.42 6.23 -4.60
CA PHE I 105 -29.38 6.94 -5.45
C PHE I 105 -29.99 6.03 -6.51
N PHE I 106 -30.01 4.73 -6.27
CA PHE I 106 -30.65 3.77 -7.15
C PHE I 106 -31.90 3.19 -6.49
N LEU I 107 -32.86 2.80 -7.32
CA LEU I 107 -34.01 2.03 -6.89
C LEU I 107 -33.80 0.57 -7.29
N TYR I 108 -34.05 -0.35 -6.36
CA TYR I 108 -33.82 -1.77 -6.58
C TYR I 108 -35.15 -2.53 -6.57
N ILE I 109 -35.41 -3.26 -7.65
CA ILE I 109 -36.63 -4.02 -7.82
C ILE I 109 -36.26 -5.45 -8.17
N ALA I 110 -36.87 -6.41 -7.48
CA ALA I 110 -36.75 -7.81 -7.85
C ALA I 110 -38.05 -8.24 -8.52
N TYR I 111 -37.95 -9.21 -9.42
CA TYR I 111 -39.14 -9.76 -10.04
C TYR I 111 -39.14 -11.27 -9.92
N SER I 112 -40.34 -11.84 -9.89
CA SER I 112 -40.49 -13.28 -9.73
C SER I 112 -41.81 -13.71 -10.35
N ASP I 113 -41.94 -15.02 -10.55
CA ASP I 113 -43.22 -15.63 -10.90
C ASP I 113 -44.01 -16.04 -9.67
N GLU I 114 -43.44 -15.86 -8.49
CA GLU I 114 -44.05 -16.23 -7.22
C GLU I 114 -44.38 -14.96 -6.44
N SER I 115 -45.44 -15.01 -5.64
CA SER I 115 -45.91 -13.85 -4.89
C SER I 115 -45.13 -13.60 -3.61
N VAL I 116 -44.14 -14.44 -3.30
CA VAL I 116 -43.28 -14.26 -2.13
C VAL I 116 -41.83 -14.37 -2.58
N TYR I 117 -41.01 -13.42 -2.13
CA TYR I 117 -39.61 -13.38 -2.53
C TYR I 117 -38.88 -14.60 -1.98
N GLY I 118 -37.90 -15.06 -2.75
CA GLY I 118 -37.10 -16.21 -2.37
C GLY I 118 -36.08 -16.55 -3.43
N MET J 3 -42.07 -10.55 19.17
CA MET J 3 -41.58 -11.27 20.35
C MET J 3 -42.45 -12.49 20.69
N LYS J 4 -41.84 -13.67 20.57
CA LYS J 4 -42.53 -14.92 20.83
C LYS J 4 -42.66 -15.18 22.33
N PHE J 5 -43.89 -15.43 22.78
CA PHE J 5 -44.15 -15.87 24.15
C PHE J 5 -44.52 -17.34 24.13
N VAL J 6 -43.83 -18.14 24.95
CA VAL J 6 -44.12 -19.57 25.03
C VAL J 6 -45.54 -19.80 25.54
N TYR J 7 -46.02 -18.94 26.44
CA TYR J 7 -47.37 -19.07 26.98
C TYR J 7 -48.40 -19.09 25.85
N LYS J 8 -48.17 -18.30 24.79
CA LYS J 8 -49.09 -18.31 23.65
C LYS J 8 -49.04 -19.63 22.90
N GLU J 9 -47.84 -20.21 22.77
CA GLU J 9 -47.72 -21.47 22.06
C GLU J 9 -48.28 -22.64 22.85
N GLU J 10 -48.43 -22.49 24.16
CA GLU J 10 -48.95 -23.59 24.98
C GLU J 10 -50.40 -23.43 25.38
N HIS J 11 -51.02 -22.29 25.07
CA HIS J 11 -52.45 -22.07 25.30
C HIS J 11 -53.06 -21.45 24.06
N PRO J 12 -54.02 -22.10 23.40
CA PRO J 12 -54.63 -21.51 22.20
C PRO J 12 -55.36 -20.21 22.51
N PHE J 13 -55.50 -19.38 21.47
CA PHE J 13 -56.02 -18.03 21.64
C PHE J 13 -57.39 -17.99 22.30
N GLU J 14 -58.29 -18.91 21.92
CA GLU J 14 -59.67 -18.82 22.39
C GLU J 14 -59.77 -19.02 23.90
N LYS J 15 -59.01 -19.98 24.43
CA LYS J 15 -59.06 -20.23 25.86
C LYS J 15 -58.46 -19.06 26.63
N ARG J 16 -57.33 -18.54 26.12
CA ARG J 16 -56.75 -17.33 26.66
C ARG J 16 -57.77 -16.20 26.71
N ARG J 17 -58.54 -16.03 25.63
CA ARG J 17 -59.45 -14.89 25.55
C ARG J 17 -60.58 -15.01 26.55
N SER J 18 -61.18 -16.21 26.66
CA SER J 18 -62.29 -16.37 27.60
C SER J 18 -61.80 -16.28 29.04
N GLU J 19 -60.57 -16.73 29.31
CA GLU J 19 -60.04 -16.61 30.67
C GLU J 19 -59.71 -15.18 31.01
N GLY J 20 -59.18 -14.43 30.04
CA GLY J 20 -58.95 -13.01 30.26
C GLY J 20 -60.22 -12.24 30.53
N GLU J 21 -61.29 -12.55 29.77
CA GLU J 21 -62.58 -11.92 30.04
C GLU J 21 -63.05 -12.22 31.47
N LYS J 22 -63.01 -13.50 31.86
CA LYS J 22 -63.47 -13.86 33.20
C LYS J 22 -62.64 -13.16 34.27
N ILE J 23 -61.33 -13.06 34.09
CA ILE J 23 -60.48 -12.50 35.13
C ILE J 23 -60.53 -10.96 35.14
N ARG J 24 -60.94 -10.34 34.03
CA ARG J 24 -61.19 -8.90 34.07
C ARG J 24 -62.53 -8.60 34.73
N LYS J 25 -63.49 -9.52 34.63
CA LYS J 25 -64.75 -9.30 35.33
C LYS J 25 -64.63 -9.56 36.82
N LYS J 26 -63.94 -10.64 37.21
CA LYS J 26 -63.85 -10.99 38.63
C LYS J 26 -63.03 -9.97 39.41
N TYR J 27 -61.98 -9.41 38.80
CA TYR J 27 -61.07 -8.49 39.47
C TYR J 27 -60.93 -7.23 38.61
N PRO J 28 -61.95 -6.36 38.62
CA PRO J 28 -61.95 -5.20 37.70
C PRO J 28 -60.88 -4.17 37.99
N ASP J 29 -60.31 -4.15 39.20
CA ASP J 29 -59.26 -3.21 39.55
C ASP J 29 -57.87 -3.83 39.43
N ARG J 30 -57.79 -5.03 38.83
CA ARG J 30 -56.52 -5.69 38.56
C ARG J 30 -56.41 -6.02 37.08
N VAL J 31 -55.17 -6.02 36.60
CA VAL J 31 -54.89 -6.37 35.21
C VAL J 31 -54.16 -7.71 35.21
N PRO J 32 -54.50 -8.60 34.28
CA PRO J 32 -53.74 -9.85 34.13
C PRO J 32 -52.53 -9.67 33.23
N VAL J 33 -51.38 -10.18 33.68
CA VAL J 33 -50.11 -9.96 33.00
C VAL J 33 -49.43 -11.29 32.79
N ILE J 34 -48.86 -11.48 31.61
CA ILE J 34 -47.97 -12.60 31.33
C ILE J 34 -46.54 -12.06 31.33
N VAL J 35 -45.68 -12.66 32.15
CA VAL J 35 -44.30 -12.23 32.29
C VAL J 35 -43.41 -13.41 31.91
N GLU J 36 -42.52 -13.20 30.96
CA GLU J 36 -41.60 -14.23 30.50
C GLU J 36 -40.21 -13.65 30.31
N LYS J 37 -39.21 -14.48 30.53
CA LYS J 37 -37.84 -14.07 30.25
C LYS J 37 -37.66 -13.93 28.74
N ALA J 38 -37.01 -12.86 28.32
CA ALA J 38 -36.74 -12.70 26.90
C ALA J 38 -35.73 -13.74 26.44
N PRO J 39 -35.83 -14.23 25.20
CA PRO J 39 -34.87 -15.23 24.72
C PRO J 39 -33.48 -14.64 24.67
N LYS J 40 -32.49 -15.49 24.93
CA LYS J 40 -31.08 -15.11 24.97
C LYS J 40 -30.71 -14.27 26.19
N ALA J 41 -31.61 -14.13 27.17
CA ALA J 41 -31.30 -13.40 28.40
C ALA J 41 -30.65 -14.34 29.42
N ARG J 42 -29.44 -13.97 29.88
CA ARG J 42 -28.73 -14.68 30.94
C ARG J 42 -29.16 -14.05 32.26
N ILE J 43 -30.18 -14.63 32.87
CA ILE J 43 -30.84 -14.05 34.04
C ILE J 43 -31.70 -15.10 34.70
N GLY J 44 -31.95 -14.91 36.00
CA GLY J 44 -32.79 -15.76 36.81
C GLY J 44 -34.12 -16.05 36.17
N ASP J 45 -34.58 -17.28 36.33
CA ASP J 45 -35.87 -17.70 35.82
C ASP J 45 -36.93 -17.42 36.88
N LEU J 46 -38.18 -17.37 36.44
CA LEU J 46 -39.31 -16.99 37.28
C LEU J 46 -40.28 -18.16 37.44
N ASP J 47 -40.75 -18.39 38.67
CA ASP J 47 -41.60 -19.54 38.93
C ASP J 47 -42.89 -19.49 38.13
N LYS J 48 -43.54 -18.33 38.06
CA LYS J 48 -44.82 -18.20 37.39
C LYS J 48 -44.77 -17.18 36.25
N LYS J 49 -45.77 -17.28 35.37
CA LYS J 49 -45.95 -16.35 34.26
C LYS J 49 -47.20 -15.49 34.38
N LYS J 50 -48.26 -15.98 35.04
CA LYS J 50 -49.54 -15.28 35.12
C LYS J 50 -49.64 -14.55 36.44
N TYR J 51 -49.88 -13.25 36.37
CA TYR J 51 -49.98 -12.42 37.55
C TYR J 51 -51.22 -11.55 37.46
N LEU J 52 -51.82 -11.30 38.61
CA LEU J 52 -52.84 -10.27 38.77
C LEU J 52 -52.19 -9.11 39.49
N VAL J 53 -52.18 -7.94 38.84
CA VAL J 53 -51.42 -6.78 39.29
C VAL J 53 -52.41 -5.64 39.51
N PRO J 54 -52.36 -4.94 40.64
CA PRO J 54 -53.21 -3.75 40.80
C PRO J 54 -52.96 -2.75 39.69
N SER J 55 -54.04 -2.22 39.13
CA SER J 55 -53.91 -1.38 37.94
C SER J 55 -53.31 -0.02 38.23
N ASP J 56 -53.26 0.39 39.50
CA ASP J 56 -52.60 1.63 39.88
C ASP J 56 -51.16 1.41 40.32
N LEU J 57 -50.68 0.17 40.31
CA LEU J 57 -49.27 -0.11 40.57
C LEU J 57 -48.41 0.47 39.45
N THR J 58 -47.30 1.10 39.82
CA THR J 58 -46.43 1.68 38.81
C THR J 58 -45.51 0.61 38.22
N VAL J 59 -44.95 0.92 37.05
CA VAL J 59 -43.96 0.03 36.43
C VAL J 59 -42.75 -0.12 37.34
N GLY J 60 -42.34 0.96 38.02
CA GLY J 60 -41.23 0.87 38.97
C GLY J 60 -41.50 -0.11 40.10
N GLN J 61 -42.68 -0.02 40.70
CA GLN J 61 -43.04 -0.98 41.74
C GLN J 61 -43.09 -2.40 41.19
N PHE J 62 -43.48 -2.56 39.92
CA PHE J 62 -43.44 -3.87 39.30
C PHE J 62 -42.01 -4.37 39.13
N TYR J 63 -41.10 -3.47 38.73
CA TYR J 63 -39.68 -3.79 38.71
C TYR J 63 -39.24 -4.31 40.07
N PHE J 64 -39.64 -3.62 41.13
CA PHE J 64 -39.26 -4.02 42.48
C PHE J 64 -39.77 -5.42 42.81
N LEU J 65 -41.03 -5.70 42.49
CA LEU J 65 -41.60 -6.99 42.84
C LEU J 65 -40.97 -8.11 42.04
N ILE J 66 -40.72 -7.88 40.74
CA ILE J 66 -40.10 -8.91 39.92
C ILE J 66 -38.66 -9.15 40.36
N ARG J 67 -37.92 -8.06 40.66
CA ARG J 67 -36.58 -8.20 41.23
C ARG J 67 -36.59 -9.06 42.48
N LYS J 68 -37.53 -8.80 43.38
CA LYS J 68 -37.65 -9.64 44.57
C LYS J 68 -37.90 -11.08 44.21
N ARG J 69 -38.70 -11.32 43.16
CA ARG J 69 -39.08 -12.69 42.83
C ARG J 69 -37.92 -13.46 42.20
N ILE J 70 -37.02 -12.77 41.48
CA ILE J 70 -35.89 -13.43 40.86
C ILE J 70 -34.66 -13.47 41.76
N HIS J 71 -34.75 -12.93 42.97
CA HIS J 71 -33.63 -12.89 43.91
C HIS J 71 -32.46 -12.13 43.28
N LEU J 72 -32.77 -11.02 42.62
CA LEU J 72 -31.76 -10.14 42.04
C LEU J 72 -31.34 -9.10 43.06
N ARG J 73 -30.07 -8.70 42.98
CA ARG J 73 -29.62 -7.55 43.74
C ARG J 73 -30.12 -6.26 43.10
N ALA J 74 -30.17 -5.20 43.89
CA ALA J 74 -30.58 -3.90 43.37
C ALA J 74 -29.58 -3.36 42.36
N GLU J 75 -28.32 -3.79 42.45
CA GLU J 75 -27.30 -3.36 41.50
C GLU J 75 -27.32 -4.16 40.21
N ASP J 76 -28.04 -5.28 40.17
CA ASP J 76 -28.18 -6.03 38.93
C ASP J 76 -29.23 -5.38 38.04
N ALA J 77 -29.00 -5.45 36.74
CA ALA J 77 -29.86 -4.77 35.78
C ALA J 77 -31.11 -5.60 35.46
N LEU J 78 -32.20 -4.89 35.16
CA LEU J 78 -33.47 -5.53 34.84
C LEU J 78 -34.26 -4.59 33.94
N PHE J 79 -34.64 -5.08 32.76
CA PHE J 79 -35.40 -4.31 31.77
C PHE J 79 -36.69 -5.04 31.41
N PHE J 80 -37.76 -4.26 31.27
CA PHE J 80 -39.03 -4.75 30.77
C PHE J 80 -39.22 -4.34 29.30
N PHE J 81 -40.05 -5.10 28.61
CA PHE J 81 -40.37 -4.85 27.21
C PHE J 81 -41.84 -5.14 26.97
N VAL J 82 -42.54 -4.17 26.37
CA VAL J 82 -43.89 -4.34 25.86
C VAL J 82 -43.85 -3.93 24.39
N ASN J 83 -44.07 -4.90 23.49
CA ASN J 83 -43.94 -4.68 22.05
C ASN J 83 -42.55 -4.17 21.71
N ASN J 84 -41.53 -4.82 22.30
CA ASN J 84 -40.12 -4.57 22.05
C ASN J 84 -39.66 -3.20 22.51
N VAL J 85 -40.50 -2.47 23.24
CA VAL J 85 -40.16 -1.14 23.75
C VAL J 85 -40.15 -1.20 25.27
N ILE J 86 -39.17 -0.53 25.87
CA ILE J 86 -39.11 -0.40 27.32
C ILE J 86 -40.20 0.56 27.76
N PRO J 87 -41.13 0.13 28.61
CA PRO J 87 -42.19 1.04 29.04
C PRO J 87 -41.65 2.08 30.00
N PRO J 88 -42.28 3.26 30.07
CA PRO J 88 -41.85 4.27 31.04
C PRO J 88 -42.02 3.77 32.47
N THR J 89 -41.03 4.08 33.31
CA THR J 89 -41.05 3.63 34.69
C THR J 89 -42.20 4.25 35.49
N SER J 90 -42.62 5.46 35.13
CA SER J 90 -43.64 6.16 35.89
C SER J 90 -45.06 5.75 35.53
N ALA J 91 -45.24 4.99 34.46
CA ALA J 91 -46.58 4.57 34.05
C ALA J 91 -47.15 3.52 35.00
N THR J 92 -48.48 3.54 35.15
CA THR J 92 -49.18 2.51 35.90
C THR J 92 -49.45 1.30 35.02
N MET J 93 -49.66 0.14 35.67
CA MET J 93 -49.97 -1.07 34.92
C MET J 93 -51.34 -0.99 34.26
N GLY J 94 -52.26 -0.17 34.82
CA GLY J 94 -53.52 0.05 34.15
C GLY J 94 -53.37 0.82 32.84
N GLN J 95 -52.57 1.88 32.86
CA GLN J 95 -52.26 2.61 31.63
C GLN J 95 -51.61 1.68 30.61
N LEU J 96 -50.68 0.85 31.08
CA LEU J 96 -49.99 -0.07 30.18
C LEU J 96 -50.97 -1.07 29.60
N TYR J 97 -51.94 -1.51 30.40
CA TYR J 97 -52.97 -2.42 29.91
C TYR J 97 -53.82 -1.77 28.83
N GLN J 98 -54.38 -0.59 29.12
CA GLN J 98 -55.19 0.10 28.12
C GLN J 98 -54.41 0.32 26.83
N GLU J 99 -53.12 0.66 26.94
CA GLU J 99 -52.36 0.99 25.76
C GLU J 99 -51.94 -0.24 24.96
N HIS J 100 -51.68 -1.37 25.64
CA HIS J 100 -50.98 -2.49 24.99
C HIS J 100 -51.61 -3.85 25.23
N HIS J 101 -52.78 -3.94 25.85
CA HIS J 101 -53.39 -5.25 26.05
C HIS J 101 -53.72 -5.88 24.69
N GLU J 102 -53.59 -7.20 24.62
CA GLU J 102 -53.86 -7.89 23.37
C GLU J 102 -55.31 -8.38 23.33
N GLU J 103 -55.68 -9.04 22.24
CA GLU J 103 -57.08 -9.37 21.97
C GLU J 103 -57.58 -10.53 22.82
N ASP J 104 -56.72 -11.12 23.66
CA ASP J 104 -57.14 -12.08 24.66
C ASP J 104 -57.31 -11.44 26.03
N PHE J 105 -57.29 -10.11 26.10
CA PHE J 105 -57.42 -9.32 27.31
C PHE J 105 -56.26 -9.51 28.28
N PHE J 106 -55.09 -9.92 27.76
CA PHE J 106 -53.89 -10.06 28.57
C PHE J 106 -52.87 -8.98 28.18
N LEU J 107 -52.04 -8.62 29.15
CA LEU J 107 -50.86 -7.78 28.93
C LEU J 107 -49.62 -8.67 28.92
N TYR J 108 -48.74 -8.47 27.95
CA TYR J 108 -47.55 -9.30 27.80
C TYR J 108 -46.31 -8.46 28.03
N ILE J 109 -45.48 -8.90 28.97
CA ILE J 109 -44.24 -8.21 29.33
C ILE J 109 -43.11 -9.22 29.29
N ALA J 110 -42.02 -8.85 28.63
CA ALA J 110 -40.80 -9.64 28.69
C ALA J 110 -39.80 -8.94 29.60
N TYR J 111 -38.94 -9.72 30.24
CA TYR J 111 -37.89 -9.14 31.06
C TYR J 111 -36.54 -9.72 30.66
N SER J 112 -35.51 -8.91 30.84
CA SER J 112 -34.17 -9.29 30.44
C SER J 112 -33.17 -8.53 31.31
N ASP J 113 -31.92 -8.98 31.25
CA ASP J 113 -30.81 -8.25 31.84
C ASP J 113 -30.20 -7.28 30.84
N GLU J 114 -30.67 -7.30 29.61
CA GLU J 114 -30.11 -6.53 28.52
C GLU J 114 -31.13 -5.49 28.06
N SER J 115 -30.62 -4.36 27.55
CA SER J 115 -31.47 -3.24 27.19
C SER J 115 -32.13 -3.39 25.82
N VAL J 116 -31.87 -4.48 25.10
CA VAL J 116 -32.51 -4.72 23.80
C VAL J 116 -33.07 -6.13 23.77
N TYR J 117 -34.33 -6.25 23.33
CA TYR J 117 -35.00 -7.54 23.27
C TYR J 117 -34.36 -8.43 22.22
N GLY J 118 -34.11 -9.68 22.60
CA GLY J 118 -33.70 -10.73 21.67
C GLY J 118 -32.58 -10.42 20.69
N MET K 3 38.14 54.22 -9.84
CA MET K 3 39.17 53.32 -9.33
C MET K 3 40.22 52.97 -10.39
N LYS K 4 41.46 53.42 -10.13
CA LYS K 4 42.57 53.22 -11.05
C LYS K 4 43.10 51.80 -10.97
N PHE K 5 43.18 51.13 -12.11
CA PHE K 5 43.85 49.84 -12.22
C PHE K 5 45.18 50.01 -12.95
N VAL K 6 46.27 49.52 -12.34
CA VAL K 6 47.59 49.61 -12.95
C VAL K 6 47.65 48.80 -14.23
N TYR K 7 46.95 47.65 -14.25
CA TYR K 7 46.94 46.80 -15.43
C TYR K 7 46.46 47.57 -16.67
N LYS K 8 45.53 48.50 -16.48
CA LYS K 8 45.07 49.32 -17.59
C LYS K 8 46.15 50.28 -18.07
N GLU K 9 46.94 50.81 -17.12
CA GLU K 9 48.01 51.74 -17.50
C GLU K 9 49.17 51.03 -18.18
N GLU K 10 49.30 49.72 -17.99
CA GLU K 10 50.43 48.99 -18.57
C GLU K 10 50.05 48.14 -19.78
N HIS K 11 48.78 48.06 -20.14
CA HIS K 11 48.33 47.38 -21.36
C HIS K 11 47.32 48.27 -22.06
N PRO K 12 47.58 48.72 -23.29
CA PRO K 12 46.64 49.61 -23.97
C PRO K 12 45.29 48.94 -24.23
N PHE K 13 44.26 49.79 -24.36
CA PHE K 13 42.89 49.31 -24.46
C PHE K 13 42.69 48.35 -25.63
N GLU K 14 43.29 48.65 -26.78
CA GLU K 14 43.02 47.86 -27.98
C GLU K 14 43.49 46.41 -27.82
N LYS K 15 44.67 46.22 -27.23
CA LYS K 15 45.20 44.87 -27.04
C LYS K 15 44.35 44.12 -26.02
N ARG K 16 43.99 44.78 -24.92
CA ARG K 16 43.08 44.23 -23.94
C ARG K 16 41.78 43.76 -24.60
N ARG K 17 41.24 44.58 -25.50
CA ARG K 17 39.93 44.27 -26.09
C ARG K 17 40.02 43.07 -27.02
N SER K 18 41.06 43.01 -27.86
CA SER K 18 41.16 41.87 -28.77
C SER K 18 41.46 40.58 -27.99
N GLU K 19 42.21 40.68 -26.88
CA GLU K 19 42.48 39.49 -26.10
C GLU K 19 41.24 39.02 -25.33
N GLY K 20 40.45 39.96 -24.82
CA GLY K 20 39.20 39.59 -24.19
C GLY K 20 38.23 38.93 -25.14
N GLU K 21 38.12 39.47 -26.36
CA GLU K 21 37.29 38.82 -27.38
C GLU K 21 37.75 37.39 -27.65
N LYS K 22 39.06 37.21 -27.88
CA LYS K 22 39.58 35.87 -28.16
C LYS K 22 39.30 34.91 -27.02
N ILE K 23 39.47 35.35 -25.77
CA ILE K 23 39.32 34.44 -24.65
C ILE K 23 37.86 34.21 -24.27
N ARG K 24 36.97 35.11 -24.67
CA ARG K 24 35.53 34.84 -24.51
C ARG K 24 35.03 33.89 -25.58
N LYS K 25 35.64 33.90 -26.76
CA LYS K 25 35.23 32.93 -27.78
C LYS K 25 35.78 31.54 -27.48
N LYS K 26 37.05 31.44 -27.04
CA LYS K 26 37.63 30.13 -26.80
C LYS K 26 36.96 29.43 -25.61
N TYR K 27 36.60 30.18 -24.58
CA TYR K 27 36.05 29.64 -23.34
C TYR K 27 34.77 30.38 -22.98
N PRO K 28 33.66 30.07 -23.67
CA PRO K 28 32.42 30.83 -23.45
C PRO K 28 31.80 30.63 -22.07
N ASP K 29 32.19 29.59 -21.35
CA ASP K 29 31.66 29.33 -20.01
C ASP K 29 32.61 29.82 -18.92
N ARG K 30 33.65 30.56 -19.28
CA ARG K 30 34.59 31.11 -18.31
C ARG K 30 34.70 32.62 -18.55
N VAL K 31 34.93 33.36 -17.47
CA VAL K 31 35.06 34.81 -17.56
C VAL K 31 36.50 35.23 -17.24
N PRO K 32 37.05 36.19 -17.99
CA PRO K 32 38.37 36.75 -17.63
C PRO K 32 38.23 37.88 -16.62
N VAL K 33 39.05 37.85 -15.57
CA VAL K 33 38.93 38.78 -14.46
C VAL K 33 40.31 39.37 -14.14
N ILE K 34 40.33 40.68 -13.91
CA ILE K 34 41.51 41.38 -13.40
C ILE K 34 41.29 41.68 -11.92
N VAL K 35 42.23 41.28 -11.08
CA VAL K 35 42.16 41.47 -9.63
C VAL K 35 43.35 42.29 -9.17
N GLU K 36 43.08 43.42 -8.52
CA GLU K 36 44.14 44.28 -8.00
C GLU K 36 43.79 44.76 -6.61
N LYS K 37 44.82 45.00 -5.80
CA LYS K 37 44.63 45.59 -4.48
C LYS K 37 44.21 47.04 -4.59
N ALA K 38 43.31 47.46 -3.72
CA ALA K 38 42.95 48.87 -3.66
C ALA K 38 44.17 49.67 -3.17
N PRO K 39 44.30 50.93 -3.60
CA PRO K 39 45.54 51.67 -3.31
C PRO K 39 45.87 51.82 -1.81
N LYS K 40 44.96 52.35 -1.00
CA LYS K 40 45.22 52.61 0.42
C LYS K 40 45.17 51.37 1.33
N ALA K 41 44.91 50.17 0.81
CA ALA K 41 44.74 49.00 1.68
C ALA K 41 46.05 48.50 2.30
N ARG K 42 46.05 48.31 3.63
CA ARG K 42 47.16 47.69 4.33
C ARG K 42 46.88 46.19 4.31
N ILE K 43 47.40 45.52 3.29
CA ILE K 43 47.04 44.13 3.00
C ILE K 43 48.03 43.57 1.99
N GLY K 44 48.18 42.24 1.99
CA GLY K 44 49.03 41.52 1.06
C GLY K 44 48.78 41.87 -0.38
N ASP K 45 49.84 41.96 -1.16
CA ASP K 45 49.74 42.21 -2.59
C ASP K 45 49.63 40.86 -3.31
N LEU K 46 49.17 40.90 -4.57
CA LEU K 46 48.89 39.69 -5.35
C LEU K 46 49.87 39.57 -6.52
N ASP K 47 50.50 38.40 -6.64
CA ASP K 47 51.47 38.19 -7.71
C ASP K 47 50.82 38.24 -9.08
N LYS K 48 49.66 37.61 -9.22
CA LYS K 48 48.97 37.49 -10.51
C LYS K 48 47.66 38.27 -10.49
N LYS K 49 47.34 38.89 -11.62
CA LYS K 49 46.15 39.72 -11.77
C LYS K 49 45.12 39.14 -12.73
N LYS K 50 45.54 38.33 -13.69
CA LYS K 50 44.65 37.81 -14.73
C LYS K 50 44.21 36.41 -14.35
N TYR K 51 42.89 36.21 -14.31
CA TYR K 51 42.34 34.91 -13.95
C TYR K 51 41.25 34.53 -14.93
N LEU K 52 41.17 33.24 -15.24
CA LEU K 52 40.01 32.68 -15.94
C LEU K 52 39.19 31.91 -14.91
N VAL K 53 37.94 32.31 -14.73
CA VAL K 53 37.11 31.83 -13.63
C VAL K 53 35.87 31.19 -14.22
N PRO K 54 35.48 29.98 -13.79
CA PRO K 54 34.21 29.43 -14.23
C PRO K 54 33.07 30.38 -13.89
N SER K 55 32.16 30.57 -14.87
CA SER K 55 31.14 31.60 -14.73
C SER K 55 30.07 31.25 -13.72
N ASP K 56 30.00 30.00 -13.27
CA ASP K 56 29.08 29.62 -12.20
C ASP K 56 29.74 29.60 -10.83
N LEU K 57 31.04 29.94 -10.74
CA LEU K 57 31.69 30.10 -9.46
C LEU K 57 31.10 31.29 -8.71
N THR K 58 30.86 31.11 -7.40
CA THR K 58 30.29 32.19 -6.61
C THR K 58 31.38 33.17 -6.17
N VAL K 59 30.93 34.37 -5.81
CA VAL K 59 31.83 35.38 -5.27
C VAL K 59 32.47 34.90 -3.98
N GLY K 60 31.72 34.14 -3.17
CA GLY K 60 32.28 33.57 -1.94
C GLY K 60 33.47 32.65 -2.21
N GLN K 61 33.31 31.74 -3.17
CA GLN K 61 34.41 30.85 -3.53
C GLN K 61 35.61 31.64 -4.05
N PHE K 62 35.34 32.74 -4.75
CA PHE K 62 36.41 33.62 -5.21
C PHE K 62 37.09 34.30 -4.04
N TYR K 63 36.33 34.75 -3.04
CA TYR K 63 36.89 35.24 -1.78
C TYR K 63 37.85 34.22 -1.19
N PHE K 64 37.41 32.96 -1.15
CA PHE K 64 38.22 31.89 -0.57
C PHE K 64 39.55 31.75 -1.32
N LEU K 65 39.48 31.72 -2.65
CA LEU K 65 40.70 31.51 -3.43
C LEU K 65 41.65 32.70 -3.33
N ILE K 66 41.12 33.92 -3.40
CA ILE K 66 41.97 35.09 -3.33
C ILE K 66 42.58 35.22 -1.94
N ARG K 67 41.78 34.97 -0.89
CA ARG K 67 42.30 34.92 0.47
C ARG K 67 43.47 33.96 0.59
N LYS K 68 43.35 32.78 -0.01
CA LYS K 68 44.47 31.85 -0.01
C LYS K 68 45.68 32.48 -0.66
N ARG K 69 45.48 33.21 -1.76
CA ARG K 69 46.62 33.71 -2.53
C ARG K 69 47.32 34.91 -1.89
N ILE K 70 46.62 35.76 -1.12
CA ILE K 70 47.28 36.95 -0.57
C ILE K 70 47.89 36.75 0.82
N HIS K 71 47.78 35.57 1.42
CA HIS K 71 48.42 35.28 2.71
C HIS K 71 47.95 36.24 3.81
N LEU K 72 46.64 36.45 3.87
CA LEU K 72 46.03 37.31 4.89
C LEU K 72 46.16 36.77 6.30
N ARG K 73 46.16 37.69 7.26
CA ARG K 73 45.98 37.30 8.66
C ARG K 73 44.53 36.85 8.89
N ALA K 74 44.34 36.03 9.91
CA ALA K 74 42.99 35.54 10.20
C ALA K 74 42.07 36.62 10.73
N GLU K 75 42.60 37.63 11.41
CA GLU K 75 41.73 38.67 11.96
C GLU K 75 41.38 39.74 10.94
N ASP K 76 42.04 39.75 9.78
CA ASP K 76 41.71 40.71 8.74
C ASP K 76 40.50 40.29 7.92
N ALA K 77 39.70 41.28 7.54
CA ALA K 77 38.54 41.09 6.69
C ALA K 77 39.00 41.17 5.23
N LEU K 78 38.08 40.90 4.31
CA LEU K 78 38.42 40.95 2.89
C LEU K 78 37.17 41.35 2.12
N PHE K 79 37.27 42.44 1.37
CA PHE K 79 36.16 42.98 0.61
C PHE K 79 36.54 43.10 -0.87
N PHE K 80 35.60 42.79 -1.74
CA PHE K 80 35.72 43.03 -3.17
C PHE K 80 34.92 44.26 -3.57
N PHE K 81 35.33 44.87 -4.68
CA PHE K 81 34.69 46.05 -5.22
C PHE K 81 34.65 45.96 -6.73
N VAL K 82 33.47 46.15 -7.29
CA VAL K 82 33.27 46.31 -8.73
C VAL K 82 32.54 47.63 -8.92
N ASN K 83 33.21 48.60 -9.55
CA ASN K 83 32.71 49.97 -9.67
C ASN K 83 32.42 50.56 -8.31
N ASN K 84 33.35 50.36 -7.36
CA ASN K 84 33.33 50.90 -6.00
C ASN K 84 32.20 50.35 -5.15
N VAL K 85 31.51 49.31 -5.62
CA VAL K 85 30.42 48.68 -4.88
C VAL K 85 30.82 47.24 -4.57
N ILE K 86 30.49 46.80 -3.37
CA ILE K 86 30.73 45.41 -2.96
C ILE K 86 29.76 44.49 -3.68
N PRO K 87 30.25 43.53 -4.46
CA PRO K 87 29.33 42.60 -5.12
C PRO K 87 28.75 41.63 -4.13
N PRO K 88 27.55 41.10 -4.39
CA PRO K 88 26.98 40.10 -3.47
C PRO K 88 27.83 38.84 -3.43
N THR K 89 27.98 38.29 -2.21
CA THR K 89 28.76 37.08 -2.05
C THR K 89 28.10 35.90 -2.75
N SER K 90 26.77 35.91 -2.84
CA SER K 90 26.02 34.81 -3.44
C SER K 90 25.97 34.89 -4.95
N ALA K 91 26.44 35.99 -5.54
CA ALA K 91 26.41 36.15 -6.98
C ALA K 91 27.45 35.24 -7.64
N THR K 92 27.14 34.81 -8.85
CA THR K 92 28.12 34.08 -9.65
C THR K 92 29.00 35.06 -10.42
N MET K 93 30.18 34.59 -10.81
CA MET K 93 31.07 35.44 -11.60
C MET K 93 30.50 35.70 -12.99
N GLY K 94 29.64 34.82 -13.49
CA GLY K 94 28.98 35.06 -14.76
C GLY K 94 27.99 36.22 -14.67
N GLN K 95 27.17 36.23 -13.61
CA GLN K 95 26.28 37.36 -13.38
C GLN K 95 27.06 38.66 -13.25
N LEU K 96 28.18 38.61 -12.52
CA LEU K 96 29.01 39.79 -12.32
C LEU K 96 29.60 40.27 -13.65
N TYR K 97 29.99 39.34 -14.51
CA TYR K 97 30.51 39.70 -15.82
C TYR K 97 29.44 40.34 -16.67
N GLN K 98 28.28 39.70 -16.78
CA GLN K 98 27.17 40.25 -17.55
C GLN K 98 26.80 41.65 -17.08
N GLU K 99 26.82 41.87 -15.77
CA GLU K 99 26.40 43.16 -15.24
C GLU K 99 27.47 44.24 -15.35
N HIS K 100 28.75 43.88 -15.22
CA HIS K 100 29.79 44.87 -14.99
C HIS K 100 31.04 44.73 -15.86
N HIS K 101 31.03 43.86 -16.87
CA HIS K 101 32.20 43.75 -17.73
C HIS K 101 32.41 45.06 -18.48
N GLU K 102 33.67 45.39 -18.71
CA GLU K 102 34.02 46.63 -19.38
C GLU K 102 34.16 46.41 -20.88
N GLU K 103 34.53 47.48 -21.59
CA GLU K 103 34.49 47.50 -23.04
C GLU K 103 35.63 46.70 -23.68
N ASP K 104 36.54 46.17 -22.87
CA ASP K 104 37.57 45.24 -23.32
C ASP K 104 37.21 43.79 -23.05
N PHE K 105 35.97 43.51 -22.66
CA PHE K 105 35.46 42.18 -22.36
C PHE K 105 36.11 41.58 -21.12
N PHE K 106 36.62 42.41 -20.22
CA PHE K 106 37.18 41.98 -18.94
C PHE K 106 36.29 42.42 -17.80
N LEU K 107 36.35 41.67 -16.70
CA LEU K 107 35.76 42.07 -15.44
C LEU K 107 36.88 42.53 -14.51
N TYR K 108 36.67 43.68 -13.85
CA TYR K 108 37.69 44.28 -12.99
C TYR K 108 37.20 44.30 -11.55
N ILE K 109 38.01 43.72 -10.65
CA ILE K 109 37.68 43.60 -9.24
C ILE K 109 38.84 44.14 -8.42
N ALA K 110 38.54 45.00 -7.45
CA ALA K 110 39.52 45.46 -6.47
C ALA K 110 39.25 44.76 -5.14
N TYR K 111 40.29 44.58 -4.34
CA TYR K 111 40.13 44.00 -3.01
C TYR K 111 40.79 44.88 -1.96
N SER K 112 40.25 44.82 -0.75
CA SER K 112 40.75 45.65 0.35
C SER K 112 40.43 44.98 1.69
N ASP K 113 41.08 45.47 2.74
CA ASP K 113 40.73 45.14 4.11
C ASP K 113 39.71 46.09 4.70
N GLU K 114 39.30 47.10 3.93
CA GLU K 114 38.38 48.12 4.36
C GLU K 114 37.08 48.00 3.57
N SER K 115 35.97 48.39 4.20
CA SER K 115 34.65 48.24 3.58
C SER K 115 34.32 49.35 2.59
N VAL K 116 35.22 50.32 2.41
CA VAL K 116 35.04 51.41 1.46
C VAL K 116 36.29 51.54 0.63
N TYR K 117 36.12 51.66 -0.69
CA TYR K 117 37.25 51.74 -1.60
C TYR K 117 38.05 53.02 -1.35
N GLY K 118 39.36 52.92 -1.52
CA GLY K 118 40.25 54.05 -1.34
C GLY K 118 41.70 53.72 -1.58
N MET L 3 -7.52 -3.25 24.55
CA MET L 3 -7.42 -1.80 24.42
C MET L 3 -7.86 -1.05 25.69
N LYS L 4 -6.89 -0.38 26.31
CA LYS L 4 -7.11 0.33 27.56
C LYS L 4 -7.85 1.65 27.33
N PHE L 5 -8.96 1.84 28.05
CA PHE L 5 -9.67 3.11 28.07
C PHE L 5 -9.43 3.80 29.41
N VAL L 6 -8.99 5.06 29.37
CA VAL L 6 -8.74 5.83 30.60
C VAL L 6 -10.04 6.03 31.37
N TYR L 7 -11.15 6.21 30.64
CA TYR L 7 -12.45 6.40 31.28
C TYR L 7 -12.78 5.25 32.23
N LYS L 8 -12.38 4.03 31.87
CA LYS L 8 -12.60 2.88 32.74
C LYS L 8 -11.76 2.98 34.00
N GLU L 9 -10.52 3.47 33.88
CA GLU L 9 -9.66 3.60 35.05
C GLU L 9 -10.10 4.71 35.98
N GLU L 10 -10.87 5.68 35.49
CA GLU L 10 -11.27 6.81 36.32
C GLU L 10 -12.72 6.74 36.79
N HIS L 11 -13.50 5.75 36.34
CA HIS L 11 -14.86 5.53 36.83
C HIS L 11 -15.04 4.04 37.11
N PRO L 12 -15.32 3.64 38.35
CA PRO L 12 -15.45 2.21 38.67
C PRO L 12 -16.60 1.56 37.92
N PHE L 13 -16.48 0.24 37.75
CA PHE L 13 -17.43 -0.50 36.93
C PHE L 13 -18.86 -0.37 37.42
N GLU L 14 -19.06 -0.40 38.75
CA GLU L 14 -20.42 -0.44 39.29
C GLU L 14 -21.20 0.84 38.95
N LYS L 15 -20.56 2.00 39.06
CA LYS L 15 -21.24 3.25 38.73
C LYS L 15 -21.49 3.35 37.22
N ARG L 16 -20.49 2.97 36.42
CA ARG L 16 -20.68 2.88 34.97
C ARG L 16 -21.91 2.06 34.62
N ARG L 17 -22.05 0.90 35.27
CA ARG L 17 -23.13 -0.02 34.93
C ARG L 17 -24.50 0.54 35.33
N SER L 18 -24.61 1.09 36.54
CA SER L 18 -25.91 1.62 36.94
C SER L 18 -26.28 2.85 36.11
N GLU L 19 -25.29 3.64 35.70
CA GLU L 19 -25.58 4.82 34.88
C GLU L 19 -25.95 4.42 33.46
N GLY L 20 -25.29 3.39 32.91
CA GLY L 20 -25.67 2.87 31.61
C GLY L 20 -27.08 2.30 31.58
N GLU L 21 -27.45 1.53 32.61
CA GLU L 21 -28.82 1.03 32.71
C GLU L 21 -29.82 2.19 32.75
N LYS L 22 -29.58 3.17 33.62
CA LYS L 22 -30.50 4.31 33.73
C LYS L 22 -30.63 5.05 32.40
N ILE L 23 -29.51 5.23 31.68
CA ILE L 23 -29.56 6.02 30.45
C ILE L 23 -30.08 5.20 29.27
N ARG L 24 -30.05 3.87 29.35
CA ARG L 24 -30.72 3.07 28.34
C ARG L 24 -32.21 3.02 28.59
N LYS L 25 -32.65 3.16 29.85
CA LYS L 25 -34.08 3.23 30.11
C LYS L 25 -34.66 4.58 29.74
N LYS L 26 -33.96 5.68 30.05
CA LYS L 26 -34.51 7.00 29.76
C LYS L 26 -34.59 7.26 28.26
N TYR L 27 -33.61 6.80 27.49
CA TYR L 27 -33.51 7.08 26.05
C TYR L 27 -33.32 5.77 25.31
N PRO L 28 -34.38 4.98 25.13
CA PRO L 28 -34.22 3.65 24.53
C PRO L 28 -33.83 3.67 23.06
N ASP L 29 -34.00 4.80 22.36
CA ASP L 29 -33.62 4.90 20.97
C ASP L 29 -32.26 5.57 20.78
N ARG L 30 -31.52 5.79 21.86
CA ARG L 30 -30.17 6.34 21.80
C ARG L 30 -29.22 5.40 22.53
N VAL L 31 -27.97 5.35 22.05
CA VAL L 31 -26.94 4.51 22.66
C VAL L 31 -25.89 5.40 23.32
N PRO L 32 -25.42 5.01 24.52
CA PRO L 32 -24.29 5.73 25.14
C PRO L 32 -22.96 5.17 24.64
N VAL L 33 -22.06 6.06 24.26
CA VAL L 33 -20.79 5.70 23.64
C VAL L 33 -19.66 6.44 24.33
N ILE L 34 -18.57 5.73 24.60
CA ILE L 34 -17.31 6.31 25.07
C ILE L 34 -16.35 6.35 23.89
N VAL L 35 -15.77 7.53 23.63
CA VAL L 35 -14.85 7.73 22.51
C VAL L 35 -13.52 8.22 23.08
N GLU L 36 -12.45 7.50 22.80
CA GLU L 36 -11.10 7.86 23.25
C GLU L 36 -10.12 7.66 22.11
N LYS L 37 -9.10 8.52 22.07
CA LYS L 37 -8.01 8.40 21.12
C LYS L 37 -7.12 7.22 21.50
N ALA L 38 -6.60 6.52 20.49
CA ALA L 38 -5.62 5.47 20.76
C ALA L 38 -4.35 6.10 21.32
N PRO L 39 -3.62 5.40 22.21
CA PRO L 39 -2.47 6.02 22.87
C PRO L 39 -1.39 6.50 21.91
N LYS L 40 -0.92 5.63 21.01
CA LYS L 40 0.16 5.97 20.09
C LYS L 40 -0.29 6.87 18.93
N ALA L 41 -1.56 7.25 18.86
CA ALA L 41 -2.05 8.04 17.74
C ALA L 41 -1.54 9.48 17.76
N ARG L 42 -0.96 9.92 16.65
CA ARG L 42 -0.54 11.32 16.47
C ARG L 42 -1.72 12.05 15.84
N ILE L 43 -2.58 12.60 16.69
CA ILE L 43 -3.85 13.20 16.25
C ILE L 43 -4.45 13.97 17.42
N GLY L 44 -5.29 14.96 17.11
CA GLY L 44 -6.00 15.75 18.09
C GLY L 44 -6.74 14.96 19.16
N ASP L 45 -6.71 15.45 20.39
CA ASP L 45 -7.48 14.83 21.47
C ASP L 45 -8.87 15.42 21.50
N LEU L 46 -9.78 14.70 22.18
CA LEU L 46 -11.18 15.08 22.28
C LEU L 46 -11.50 15.39 23.72
N ASP L 47 -12.09 16.57 23.96
CA ASP L 47 -12.36 16.99 25.34
C ASP L 47 -13.43 16.12 26.00
N LYS L 48 -14.52 15.82 25.29
CA LYS L 48 -15.58 14.99 25.85
C LYS L 48 -15.47 13.56 25.33
N LYS L 49 -15.79 12.61 26.21
CA LYS L 49 -15.74 11.19 25.91
C LYS L 49 -17.11 10.52 25.86
N LYS L 50 -18.09 11.05 26.59
CA LYS L 50 -19.40 10.44 26.72
C LYS L 50 -20.37 11.10 25.74
N TYR L 51 -21.00 10.27 24.90
CA TYR L 51 -21.93 10.78 23.91
C TYR L 51 -23.20 9.94 23.95
N LEU L 52 -24.34 10.60 23.73
CA LEU L 52 -25.60 9.93 23.45
C LEU L 52 -25.88 10.08 21.97
N VAL L 53 -25.98 8.96 21.26
CA VAL L 53 -26.00 8.94 19.81
C VAL L 53 -27.30 8.26 19.37
N PRO L 54 -28.06 8.84 18.44
CA PRO L 54 -29.21 8.12 17.91
C PRO L 54 -28.78 6.78 17.33
N SER L 55 -29.54 5.73 17.64
CA SER L 55 -29.11 4.38 17.31
C SER L 55 -29.20 4.07 15.82
N ASP L 56 -29.89 4.90 15.04
CA ASP L 56 -29.94 4.75 13.59
C ASP L 56 -28.90 5.62 12.88
N LEU L 57 -28.10 6.37 13.61
CA LEU L 57 -26.98 7.09 13.02
C LEU L 57 -25.95 6.12 12.48
N THR L 58 -25.43 6.41 11.29
CA THR L 58 -24.44 5.54 10.69
C THR L 58 -23.04 5.81 11.25
N VAL L 59 -22.16 4.83 11.07
CA VAL L 59 -20.76 5.01 11.44
C VAL L 59 -20.13 6.14 10.64
N GLY L 60 -20.51 6.27 9.36
CA GLY L 60 -20.00 7.37 8.55
C GLY L 60 -20.35 8.74 9.12
N GLN L 61 -21.62 8.94 9.49
CA GLN L 61 -22.03 10.20 10.09
C GLN L 61 -21.28 10.44 11.41
N PHE L 62 -20.99 9.37 12.15
CA PHE L 62 -20.20 9.50 13.36
C PHE L 62 -18.77 9.93 13.04
N TYR L 63 -18.19 9.38 11.98
CA TYR L 63 -16.91 9.85 11.48
C TYR L 63 -16.96 11.35 11.22
N PHE L 64 -18.01 11.80 10.54
CA PHE L 64 -18.14 13.22 10.22
C PHE L 64 -18.18 14.08 11.47
N LEU L 65 -18.98 13.67 12.45
CA LEU L 65 -19.14 14.48 13.67
C LEU L 65 -17.85 14.49 14.49
N ILE L 66 -17.20 13.34 14.63
CA ILE L 66 -15.96 13.28 15.41
C ILE L 66 -14.87 14.07 14.70
N ARG L 67 -14.78 13.94 13.37
CA ARG L 67 -13.88 14.76 12.58
C ARG L 67 -14.08 16.24 12.85
N LYS L 68 -15.35 16.68 12.91
CA LYS L 68 -15.62 18.07 13.27
C LYS L 68 -15.04 18.41 14.62
N ARG L 69 -15.16 17.51 15.59
CA ARG L 69 -14.76 17.87 16.95
C ARG L 69 -13.24 17.88 17.17
N ILE L 70 -12.48 17.06 16.45
CA ILE L 70 -11.03 17.04 16.64
C ILE L 70 -10.35 18.01 15.68
N HIS L 71 -11.15 18.79 14.94
CA HIS L 71 -10.65 19.81 14.02
C HIS L 71 -9.80 19.19 12.90
N LEU L 72 -10.24 18.05 12.40
CA LEU L 72 -9.57 17.38 11.29
C LEU L 72 -10.15 17.81 9.95
N ARG L 73 -9.30 17.79 8.93
CA ARG L 73 -9.78 17.92 7.56
C ARG L 73 -10.47 16.64 7.13
N ALA L 74 -11.34 16.76 6.12
CA ALA L 74 -11.97 15.56 5.57
C ALA L 74 -10.94 14.69 4.86
N GLU L 75 -9.85 15.28 4.38
CA GLU L 75 -8.78 14.55 3.69
C GLU L 75 -7.80 13.90 4.66
N ASP L 76 -7.84 14.25 5.94
CA ASP L 76 -7.02 13.59 6.94
C ASP L 76 -7.66 12.26 7.33
N ALA L 77 -6.82 11.28 7.63
CA ALA L 77 -7.32 9.94 7.91
C ALA L 77 -7.80 9.82 9.35
N LEU L 78 -8.84 9.02 9.53
CA LEU L 78 -9.46 8.82 10.83
C LEU L 78 -10.12 7.44 10.84
N PHE L 79 -9.71 6.59 11.77
CA PHE L 79 -10.20 5.23 11.86
C PHE L 79 -10.81 4.98 13.24
N PHE L 80 -11.92 4.25 13.25
CA PHE L 80 -12.55 3.80 14.48
C PHE L 80 -12.23 2.32 14.73
N PHE L 81 -12.30 1.96 16.02
CA PHE L 81 -12.02 0.59 16.45
C PHE L 81 -13.00 0.21 17.55
N VAL L 82 -13.64 -0.94 17.38
CA VAL L 82 -14.46 -1.58 18.41
C VAL L 82 -13.89 -2.98 18.59
N ASN L 83 -13.30 -3.24 19.76
CA ASN L 83 -12.59 -4.49 20.02
C ASN L 83 -11.50 -4.73 18.98
N ASN L 84 -10.73 -3.68 18.70
CA ASN L 84 -9.57 -3.67 17.81
C ASN L 84 -9.91 -3.93 16.36
N VAL L 85 -11.20 -3.93 16.00
CA VAL L 85 -11.64 -4.13 14.63
C VAL L 85 -12.31 -2.86 14.14
N ILE L 86 -12.06 -2.50 12.89
CA ILE L 86 -12.70 -1.35 12.26
C ILE L 86 -14.15 -1.70 11.94
N PRO L 87 -15.13 -0.98 12.48
CA PRO L 87 -16.52 -1.29 12.15
C PRO L 87 -16.85 -0.87 10.75
N PRO L 88 -17.84 -1.49 10.11
CA PRO L 88 -18.26 -1.06 8.77
C PRO L 88 -18.81 0.36 8.79
N THR L 89 -18.48 1.12 7.75
CA THR L 89 -18.92 2.51 7.67
C THR L 89 -20.43 2.61 7.56
N SER L 90 -21.07 1.63 6.93
CA SER L 90 -22.51 1.66 6.69
C SER L 90 -23.33 1.19 7.90
N ALA L 91 -22.70 0.62 8.91
CA ALA L 91 -23.42 0.12 10.07
C ALA L 91 -23.97 1.26 10.91
N THR L 92 -25.11 1.01 11.54
CA THR L 92 -25.66 1.96 12.48
C THR L 92 -25.04 1.77 13.86
N MET L 93 -25.10 2.84 14.68
CA MET L 93 -24.60 2.75 16.04
C MET L 93 -25.45 1.83 16.90
N GLY L 94 -26.73 1.63 16.54
CA GLY L 94 -27.54 0.65 17.24
C GLY L 94 -27.08 -0.77 16.99
N GLN L 95 -26.78 -1.10 15.72
CA GLN L 95 -26.22 -2.42 15.42
C GLN L 95 -24.90 -2.63 16.15
N LEU L 96 -24.05 -1.60 16.17
CA LEU L 96 -22.75 -1.70 16.83
C LEU L 96 -22.93 -1.90 18.33
N TYR L 97 -23.92 -1.22 18.92
CA TYR L 97 -24.21 -1.40 20.34
C TYR L 97 -24.69 -2.81 20.63
N GLN L 98 -25.69 -3.28 19.86
CA GLN L 98 -26.19 -4.63 20.04
C GLN L 98 -25.09 -5.66 19.95
N GLU L 99 -24.16 -5.48 19.01
CA GLU L 99 -23.12 -6.48 18.80
C GLU L 99 -21.99 -6.39 19.81
N HIS L 100 -21.63 -5.19 20.28
CA HIS L 100 -20.36 -5.01 20.97
C HIS L 100 -20.43 -4.22 22.28
N HIS L 101 -21.62 -3.90 22.78
CA HIS L 101 -21.71 -3.18 24.05
C HIS L 101 -21.16 -4.05 25.17
N GLU L 102 -20.55 -3.40 26.16
CA GLU L 102 -19.94 -4.10 27.27
C GLU L 102 -20.92 -4.23 28.44
N GLU L 103 -20.47 -4.85 29.53
CA GLU L 103 -21.35 -5.21 30.63
C GLU L 103 -21.75 -4.03 31.50
N ASP L 104 -21.26 -2.83 31.22
CA ASP L 104 -21.76 -1.61 31.84
C ASP L 104 -22.79 -0.90 30.96
N PHE L 105 -23.25 -1.57 29.89
CA PHE L 105 -24.22 -1.05 28.93
C PHE L 105 -23.69 0.14 28.15
N PHE L 106 -22.37 0.24 28.01
CA PHE L 106 -21.74 1.25 27.20
C PHE L 106 -21.09 0.62 25.97
N LEU L 107 -21.01 1.39 24.90
CA LEU L 107 -20.23 1.05 23.72
C LEU L 107 -18.93 1.85 23.74
N TYR L 108 -17.82 1.18 23.48
CA TYR L 108 -16.50 1.80 23.55
C TYR L 108 -15.87 1.83 22.16
N ILE L 109 -15.47 3.02 21.72
CA ILE L 109 -14.88 3.23 20.41
C ILE L 109 -13.57 3.96 20.59
N ALA L 110 -12.52 3.45 19.96
CA ALA L 110 -11.24 4.16 19.90
C ALA L 110 -11.07 4.76 18.51
N TYR L 111 -10.34 5.87 18.43
CA TYR L 111 -10.05 6.47 17.13
C TYR L 111 -8.55 6.72 17.00
N SER L 112 -8.09 6.68 15.76
CA SER L 112 -6.67 6.84 15.48
C SER L 112 -6.49 7.39 14.07
N ASP L 113 -5.27 7.83 13.79
CA ASP L 113 -4.86 8.18 12.44
C ASP L 113 -4.25 6.99 11.70
N GLU L 114 -4.15 5.85 12.37
CA GLU L 114 -3.55 4.64 11.84
C GLU L 114 -4.62 3.56 11.69
N SER L 115 -4.43 2.67 10.70
CA SER L 115 -5.42 1.65 10.40
C SER L 115 -5.32 0.43 11.32
N VAL L 116 -4.36 0.40 12.25
CA VAL L 116 -4.21 -0.68 13.21
C VAL L 116 -4.08 -0.07 14.60
N TYR L 117 -4.82 -0.62 15.56
CA TYR L 117 -4.83 -0.10 16.92
C TYR L 117 -3.47 -0.27 17.58
N GLY L 118 -3.10 0.72 18.40
CA GLY L 118 -1.84 0.70 19.12
C GLY L 118 -1.67 1.93 19.99
N SEP M 1 15.20 31.61 15.66
CA SEP M 1 14.39 31.00 14.62
CB SEP M 1 14.53 31.78 13.30
OG SEP M 1 13.80 31.18 12.26
C SEP M 1 14.78 29.54 14.41
O SEP M 1 15.93 29.16 14.62
P SEP M 1 14.01 32.00 10.89
O1P SEP M 1 14.25 33.56 11.18
O2P SEP M 1 12.75 31.81 9.90
O3P SEP M 1 15.34 31.39 10.20
N SEP M 2 13.82 28.73 13.97
CA SEP M 2 13.98 27.28 14.00
CB SEP M 2 13.30 26.71 15.24
OG SEP M 2 11.89 26.82 15.07
C SEP M 2 13.40 26.58 12.78
O SEP M 2 12.74 27.20 11.95
P SEP M 2 11.16 27.37 16.38
O1P SEP M 2 10.00 26.35 16.82
O2P SEP M 2 10.50 28.81 16.04
O3P SEP M 2 12.24 27.53 17.58
N PHE M 3 13.65 25.27 12.69
CA PHE M 3 13.10 24.47 11.62
C PHE M 3 11.95 23.63 12.15
N GLU M 4 10.85 23.58 11.40
CA GLU M 4 9.73 22.70 11.74
C GLU M 4 9.92 21.38 11.02
N GLU M 5 9.97 20.29 11.78
CA GLU M 5 10.13 18.98 11.17
C GLU M 5 8.80 18.55 10.59
N LEU M 6 8.85 17.87 9.44
CA LEU M 6 7.66 17.41 8.72
C LEU M 6 7.77 15.93 8.47
N ASP M 7 6.69 15.20 8.78
CA ASP M 7 6.70 13.74 8.71
C ASP M 7 5.32 13.27 8.26
N LEU M 8 5.25 11.97 7.97
CA LEU M 8 3.99 11.35 7.58
C LEU M 8 3.56 10.29 8.61
N SEP N 1 -11.12 2.54 -11.64
CA SEP N 1 -10.24 1.38 -11.54
CB SEP N 1 -8.78 1.82 -11.59
OG SEP N 1 -7.96 1.01 -10.77
C SEP N 1 -10.54 0.61 -10.25
O SEP N 1 -10.67 1.20 -9.18
P SEP N 1 -6.45 1.57 -10.78
O1P SEP N 1 -6.22 2.58 -9.54
O2P SEP N 1 -5.43 0.32 -10.65
O3P SEP N 1 -6.14 2.31 -12.17
N SEP N 2 -10.60 -0.71 -10.35
CA SEP N 2 -11.18 -1.56 -9.32
CB SEP N 2 -12.26 -2.42 -9.97
OG SEP N 2 -11.63 -3.32 -10.86
C SEP N 2 -10.18 -2.47 -8.59
O SEP N 2 -9.05 -2.64 -9.04
P SEP N 2 -12.37 -3.40 -12.28
O1P SEP N 2 -12.68 -4.95 -12.62
O2P SEP N 2 -11.39 -2.77 -13.39
O3P SEP N 2 -13.75 -2.55 -12.23
N PHE N 3 -10.60 -3.03 -7.46
CA PHE N 3 -9.79 -4.01 -6.75
C PHE N 3 -10.26 -5.41 -7.13
N GLU N 4 -9.32 -6.29 -7.48
CA GLU N 4 -9.60 -7.69 -7.72
C GLU N 4 -9.32 -8.50 -6.47
N GLU N 5 -10.34 -9.18 -5.94
CA GLU N 5 -10.18 -9.99 -4.76
C GLU N 5 -9.55 -11.35 -5.09
N LEU N 6 -8.77 -11.87 -4.15
CA LEU N 6 -8.02 -13.12 -4.29
C LEU N 6 -8.37 -14.06 -3.16
N ASP N 7 -8.61 -15.33 -3.49
CA ASP N 7 -9.10 -16.30 -2.53
C ASP N 7 -8.49 -17.67 -2.80
N LEU N 8 -8.79 -18.61 -1.90
CA LEU N 8 -8.46 -20.01 -2.07
C LEU N 8 -9.68 -20.88 -1.78
N SEP O 1 11.01 -37.31 2.08
CA SEP O 1 10.15 -37.41 3.25
CB SEP O 1 9.86 -36.03 3.82
OG SEP O 1 8.57 -35.99 4.40
C SEP O 1 8.81 -38.13 2.97
O SEP O 1 7.96 -37.65 2.22
P SEP O 1 8.36 -34.50 4.99
O1P SEP O 1 8.08 -34.68 6.58
O2P SEP O 1 7.13 -33.77 4.26
O3P SEP O 1 9.70 -33.63 4.78
N SEP O 2 8.61 -39.27 3.63
CA SEP O 2 7.58 -40.22 3.25
CB SEP O 2 8.19 -41.63 3.22
OG SEP O 2 8.40 -42.09 4.55
C SEP O 2 6.39 -40.20 4.22
O SEP O 2 6.50 -39.66 5.31
P SEP O 2 9.89 -42.63 4.81
O1P SEP O 2 9.89 -44.17 5.28
O2P SEP O 2 10.45 -41.76 6.05
O3P SEP O 2 10.83 -42.39 3.52
N PHE O 3 5.26 -40.76 3.79
CA PHE O 3 4.10 -40.91 4.66
C PHE O 3 4.18 -42.21 5.44
N GLU O 4 3.92 -42.12 6.74
CA GLU O 4 3.79 -43.29 7.60
C GLU O 4 2.32 -43.69 7.73
N GLU O 5 2.00 -44.91 7.33
CA GLU O 5 0.63 -45.39 7.45
C GLU O 5 0.34 -45.82 8.89
N LEU O 6 -0.92 -45.64 9.27
CA LEU O 6 -1.44 -45.94 10.61
C LEU O 6 -2.60 -46.89 10.45
N ASP O 7 -2.61 -47.93 11.27
CA ASP O 7 -3.56 -49.03 11.16
C ASP O 7 -3.91 -49.49 12.56
N LEU O 8 -5.14 -49.94 12.73
CA LEU O 8 -5.65 -50.39 14.02
C LEU O 8 -5.76 -51.91 14.04
N TYR O 9 -5.31 -52.50 15.14
CA TYR O 9 -5.57 -53.92 15.42
C TYR O 9 -5.93 -54.08 16.89
N SEP P 1 -26.38 42.81 8.20
CA SEP P 1 -26.08 41.58 7.46
CB SEP P 1 -27.25 40.59 7.58
OG SEP P 1 -27.00 39.42 6.83
C SEP P 1 -25.77 41.87 6.00
O SEP P 1 -26.62 42.38 5.26
P SEP P 1 -28.26 38.42 6.92
O1P SEP P 1 -28.98 38.60 8.36
O2P SEP P 1 -27.77 36.89 6.76
O3P SEP P 1 -29.29 38.81 5.75
N SEP P 2 -24.55 41.53 5.58
CA SEP P 2 -23.99 41.98 4.32
CB SEP P 2 -22.56 42.47 4.54
OG SEP P 2 -21.73 41.35 4.79
C SEP P 2 -23.98 40.89 3.26
O SEP P 2 -24.19 39.72 3.56
P SEP P 2 -20.72 41.55 6.02
O1P SEP P 2 -21.55 41.43 7.39
O2P SEP P 2 -20.02 42.99 5.91
O3P SEP P 2 -19.63 40.38 5.93
N PHE P 3 -23.74 41.28 2.01
CA PHE P 3 -23.60 40.33 0.91
C PHE P 3 -22.15 39.89 0.75
N GLU P 4 -21.95 38.59 0.57
CA GLU P 4 -20.65 38.03 0.23
C GLU P 4 -20.52 37.92 -1.28
N GLU P 5 -19.53 38.61 -1.84
CA GLU P 5 -19.31 38.47 -3.27
C GLU P 5 -18.56 37.16 -3.53
N LEU P 6 -18.82 36.57 -4.67
CA LEU P 6 -18.24 35.29 -5.06
C LEU P 6 -17.53 35.45 -6.39
N ASP P 7 -16.32 34.89 -6.46
CA ASP P 7 -15.44 35.10 -7.60
C ASP P 7 -14.68 33.81 -7.85
N LEU P 8 -14.38 33.57 -9.12
CA LEU P 8 -13.80 32.33 -9.59
C LEU P 8 -12.35 32.56 -9.99
N TYR P 9 -11.47 31.68 -9.52
CA TYR P 9 -10.05 31.78 -9.86
C TYR P 9 -9.51 30.45 -10.37
N SEP Q 1 54.65 2.45 6.75
CA SEP Q 1 53.78 3.61 6.57
CB SEP Q 1 52.77 3.37 5.45
OG SEP Q 1 51.53 4.00 5.74
C SEP Q 1 53.07 3.89 7.90
O SEP Q 1 51.99 3.36 8.16
P SEP Q 1 50.33 3.27 4.95
O1P SEP Q 1 49.61 2.18 5.90
O2P SEP Q 1 49.24 4.38 4.51
O3P SEP Q 1 50.90 2.58 3.62
N SEP Q 2 53.69 4.71 8.73
CA SEP Q 2 53.30 4.85 10.13
CB SEP Q 2 54.45 5.48 10.91
OG SEP Q 2 54.56 6.84 10.54
C SEP Q 2 52.03 5.68 10.32
O SEP Q 2 51.59 6.38 9.41
P SEP Q 2 56.09 7.23 10.24
O1P SEP Q 2 56.54 8.45 11.18
O2P SEP Q 2 56.12 7.69 8.69
O3P SEP Q 2 57.03 5.93 10.46
N PHE Q 3 51.47 5.58 11.52
CA PHE Q 3 50.27 6.32 11.90
C PHE Q 3 50.63 7.76 12.26
N GLU Q 4 49.84 8.73 11.79
CA GLU Q 4 50.01 10.12 12.17
C GLU Q 4 49.12 10.40 13.37
N GLU Q 5 49.73 10.74 14.51
CA GLU Q 5 48.94 10.96 15.71
C GLU Q 5 48.35 12.37 15.68
N LEU Q 6 47.09 12.46 16.09
CA LEU Q 6 46.37 13.74 16.12
C LEU Q 6 45.61 13.85 17.43
N ASP Q 7 45.81 14.93 18.17
CA ASP Q 7 45.17 15.09 19.46
C ASP Q 7 45.00 16.58 19.75
N LEU Q 8 44.36 16.87 20.88
CA LEU Q 8 44.35 18.21 21.46
C LEU Q 8 45.14 18.24 22.77
N TYR Q 9 46.12 17.35 22.90
CA TYR Q 9 46.98 17.30 24.07
C TYR Q 9 48.08 18.35 23.96
N SEP R 1 22.37 -33.05 -0.61
CA SEP R 1 23.70 -32.45 -0.54
CB SEP R 1 24.45 -32.66 -1.86
OG SEP R 1 25.22 -31.52 -2.19
C SEP R 1 23.59 -30.96 -0.18
O SEP R 1 22.98 -30.19 -0.92
P SEP R 1 25.96 -31.73 -3.60
O1P SEP R 1 26.29 -33.29 -3.82
O2P SEP R 1 27.34 -30.88 -3.60
O3P SEP R 1 25.01 -31.20 -4.78
N SEP R 2 24.20 -30.57 0.93
CA SEP R 2 23.93 -29.28 1.56
CB SEP R 2 23.81 -29.45 3.07
OG SEP R 2 25.07 -29.77 3.63
C SEP R 2 24.93 -28.14 1.30
O SEP R 2 25.94 -28.32 0.62
P SEP R 2 24.93 -30.54 5.05
O1P SEP R 2 24.70 -29.41 6.17
O2P SEP R 2 26.27 -31.36 5.35
O3P SEP R 2 23.66 -31.53 5.01
N PHE R 3 24.62 -26.97 1.87
CA PHE R 3 25.46 -25.76 1.78
C PHE R 3 26.20 -25.44 3.08
N GLU R 4 27.49 -25.09 2.95
CA GLU R 4 28.30 -24.63 4.07
C GLU R 4 28.34 -23.10 4.08
N GLU R 5 27.86 -22.49 5.16
CA GLU R 5 27.85 -21.03 5.27
C GLU R 5 29.20 -20.48 5.74
N LEU R 6 29.52 -19.24 5.32
CA LEU R 6 30.81 -18.59 5.55
C LEU R 6 30.65 -17.23 6.21
N ASP R 7 31.51 -16.96 7.21
CA ASP R 7 31.40 -15.76 8.01
C ASP R 7 32.79 -15.29 8.42
N LEU R 8 32.89 -14.00 8.71
CA LEU R 8 34.10 -13.41 9.27
C LEU R 8 34.01 -13.35 10.80
N SEP S 1 -11.53 10.06 -21.71
CA SEP S 1 -10.65 10.43 -22.81
CB SEP S 1 -11.30 11.51 -23.69
OG SEP S 1 -12.41 12.10 -23.03
C SEP S 1 -9.29 10.94 -22.30
O SEP S 1 -9.13 11.22 -21.11
P SEP S 1 -12.47 13.68 -23.32
O1P SEP S 1 -12.14 14.47 -21.95
O2P SEP S 1 -13.95 14.07 -23.82
O3P SEP S 1 -11.39 14.06 -24.45
N SEP S 2 -8.34 11.02 -23.22
CA SEP S 2 -6.93 11.25 -22.94
CB SEP S 2 -6.10 10.03 -23.34
OG SEP S 2 -6.19 9.87 -24.74
C SEP S 2 -6.43 12.48 -23.70
O SEP S 2 -7.08 12.92 -24.65
P SEP S 2 -6.37 8.33 -25.16
O1P SEP S 2 -5.98 7.41 -23.89
O2P SEP S 2 -7.88 8.04 -25.64
O3P SEP S 2 -5.31 8.01 -26.33
N PHE S 3 -5.28 13.01 -23.30
CA PHE S 3 -4.68 14.12 -24.02
C PHE S 3 -3.86 13.62 -25.20
N GLU S 4 -4.05 14.24 -26.37
CA GLU S 4 -3.25 13.96 -27.55
C GLU S 4 -2.11 14.97 -27.64
N GLU S 5 -0.88 14.46 -27.68
CA GLU S 5 0.30 15.32 -27.80
C GLU S 5 0.50 15.76 -29.25
N LEU S 6 1.03 16.98 -29.40
CA LEU S 6 1.31 17.60 -30.69
C LEU S 6 2.76 18.07 -30.72
N ASP S 7 3.46 17.74 -31.80
CA ASP S 7 4.89 18.02 -31.90
C ASP S 7 5.23 18.28 -33.35
N LEU S 8 6.42 18.83 -33.57
CA LEU S 8 6.89 19.15 -34.91
C LEU S 8 8.05 18.27 -35.36
N SEP T 1 20.23 -45.39 -2.79
CA SEP T 1 20.60 -46.80 -2.94
CB SEP T 1 19.37 -47.70 -2.70
OG SEP T 1 19.37 -48.84 -3.53
C SEP T 1 21.18 -47.02 -4.34
O SEP T 1 20.53 -46.73 -5.34
P SEP T 1 18.01 -49.68 -3.27
O1P SEP T 1 17.57 -49.46 -1.74
O2P SEP T 1 18.29 -51.24 -3.55
O3P SEP T 1 16.84 -49.15 -4.22
N SEP T 2 22.41 -47.53 -4.39
CA SEP T 2 23.19 -47.54 -5.62
CB SEP T 2 24.67 -47.44 -5.31
OG SEP T 2 25.12 -48.65 -4.72
C SEP T 2 22.93 -48.79 -6.45
O SEP T 2 22.34 -49.77 -5.97
P SEP T 2 26.05 -48.42 -3.44
O1P SEP T 2 25.30 -49.09 -2.19
O2P SEP T 2 26.28 -46.83 -3.21
O3P SEP T 2 27.46 -49.17 -3.66
N PHE T 3 23.37 -48.76 -7.70
CA PHE T 3 23.27 -49.91 -8.60
C PHE T 3 24.48 -50.82 -8.47
N GLU T 4 24.23 -52.12 -8.42
CA GLU T 4 25.29 -53.11 -8.38
C GLU T 4 25.60 -53.51 -9.81
N GLU T 5 26.82 -53.25 -10.26
CA GLU T 5 27.18 -53.56 -11.64
C GLU T 5 27.55 -55.03 -11.79
N LEU T 6 27.14 -55.62 -12.92
CA LEU T 6 27.37 -57.02 -13.24
C LEU T 6 27.98 -57.07 -14.63
N ASP T 7 29.06 -57.83 -14.78
CA ASP T 7 29.88 -57.78 -15.98
C ASP T 7 30.40 -59.17 -16.31
N LEU T 8 30.91 -59.34 -17.53
CA LEU T 8 31.73 -60.49 -17.86
C LEU T 8 33.08 -60.08 -18.44
N TYR T 9 33.43 -58.81 -18.41
CA TYR T 9 34.81 -58.41 -18.67
C TYR T 9 35.57 -58.34 -17.35
N SEP U 1 -21.06 1.51 -18.49
CA SEP U 1 -22.22 0.63 -18.57
CB SEP U 1 -22.27 -0.31 -17.37
OG SEP U 1 -23.43 -1.11 -17.35
C SEP U 1 -23.49 1.48 -18.68
O SEP U 1 -23.88 2.14 -17.72
P SEP U 1 -23.37 -2.05 -16.04
O1P SEP U 1 -23.98 -1.26 -14.78
O2P SEP U 1 -24.21 -3.40 -16.29
O3P SEP U 1 -21.83 -2.41 -15.69
N SEP U 2 -24.09 1.44 -19.86
CA SEP U 2 -25.10 2.42 -20.26
CB SEP U 2 -25.23 2.42 -21.79
OG SEP U 2 -25.97 1.29 -22.23
C SEP U 2 -26.46 2.11 -19.63
O SEP U 2 -26.70 1.02 -19.15
P SEP U 2 -25.26 0.46 -23.41
O1P SEP U 2 -25.22 -1.07 -22.89
O2P SEP U 2 -23.75 0.98 -23.67
O3P SEP U 2 -26.18 0.46 -24.72
N PHE U 3 -27.35 3.10 -19.66
CA PHE U 3 -28.71 2.92 -19.17
C PHE U 3 -29.65 2.59 -20.32
N GLU U 4 -30.54 1.62 -20.09
CA GLU U 4 -31.56 1.28 -21.06
C GLU U 4 -32.77 2.15 -20.78
N GLU U 5 -33.11 3.02 -21.71
CA GLU U 5 -34.24 3.93 -21.53
C GLU U 5 -35.54 3.22 -21.87
N LEU U 6 -36.60 3.52 -21.12
CA LEU U 6 -37.90 2.88 -21.24
C LEU U 6 -39.03 3.89 -21.36
N ASP U 7 -40.12 3.46 -22.00
CA ASP U 7 -41.27 4.30 -22.33
C ASP U 7 -42.56 3.49 -22.14
N SEP V 1 -53.76 -24.19 36.77
CA SEP V 1 -52.83 -23.08 36.71
CB SEP V 1 -52.11 -23.05 35.35
OG SEP V 1 -51.95 -21.71 34.91
C SEP V 1 -53.55 -21.75 36.94
O SEP V 1 -54.40 -21.36 36.16
P SEP V 1 -51.24 -21.66 33.47
O1P SEP V 1 -49.63 -21.76 33.63
O2P SEP V 1 -51.65 -20.28 32.75
O3P SEP V 1 -51.78 -22.91 32.61
N SEP V 2 -53.17 -21.09 38.03
CA SEP V 2 -53.88 -19.92 38.54
CB SEP V 2 -54.35 -20.18 39.97
OG SEP V 2 -53.21 -20.36 40.80
C SEP V 2 -53.03 -18.66 38.48
O SEP V 2 -51.85 -18.71 38.13
P SEP V 2 -53.51 -21.61 41.78
O1P SEP V 2 -53.16 -21.19 43.30
O2P SEP V 2 -52.67 -22.89 41.30
O3P SEP V 2 -55.10 -21.91 41.70
N PHE V 3 -53.64 -17.53 38.82
CA PHE V 3 -52.93 -16.26 38.85
C PHE V 3 -52.27 -16.02 40.19
N GLU V 4 -51.02 -15.56 40.19
CA GLU V 4 -50.38 -15.13 41.43
C GLU V 4 -50.57 -13.63 41.57
N GLU V 5 -51.15 -13.21 42.68
CA GLU V 5 -51.36 -11.79 42.91
C GLU V 5 -50.05 -11.17 43.36
N LEU V 6 -49.75 -9.97 42.85
CA LEU V 6 -48.50 -9.28 43.10
C LEU V 6 -48.83 -7.84 43.51
N ASP V 7 -48.68 -7.52 44.79
CA ASP V 7 -49.16 -6.24 45.29
C ASP V 7 -48.27 -5.74 46.43
N LEU V 8 -48.61 -4.56 46.95
CA LEU V 8 -47.98 -3.97 48.11
C LEU V 8 -49.03 -3.58 49.16
N SEP W 2 -21.28 13.75 32.66
CA SEP W 2 -22.23 14.45 31.79
CB SEP W 2 -21.98 15.96 31.84
OG SEP W 2 -20.64 16.27 31.49
C SEP W 2 -22.17 13.94 30.35
O SEP W 2 -21.09 13.76 29.79
P SEP W 2 -20.42 17.87 31.44
O1P SEP W 2 -20.77 18.48 32.89
O2P SEP W 2 -21.39 18.50 30.31
O3P SEP W 2 -18.86 18.19 31.09
N PHE W 3 -23.34 13.72 29.76
CA PHE W 3 -23.41 13.25 28.38
C PHE W 3 -23.39 14.41 27.40
N GLU W 4 -22.91 14.12 26.19
CA GLU W 4 -22.95 15.05 25.07
C GLU W 4 -23.93 14.53 24.04
N GLU W 5 -25.16 15.08 24.07
CA GLU W 5 -26.09 14.94 22.96
C GLU W 5 -25.52 15.68 21.75
N LEU W 6 -25.20 14.93 20.70
CA LEU W 6 -24.53 15.46 19.51
C LEU W 6 -25.33 16.57 18.85
#